data_7T02
#
_entry.id   7T02
#
_cell.length_a   1.00
_cell.length_b   1.00
_cell.length_c   1.00
_cell.angle_alpha   90.00
_cell.angle_beta   90.00
_cell.angle_gamma   90.00
#
_symmetry.space_group_name_H-M   'P 1'
#
loop_
_entity.id
_entity.type
_entity.pdbx_description
1 polymer 'DNA repair protein Rad8'
2 polymer "DNA (5'-D(P*GP*TP*CP*AP*GP*(5CM)P*GP*CP*AP*TP*GP*G)-3')"
3 polymer "DNA (5'-D(*CP*CP*AP*TP*GP*CP*GP*CP*TP*GP*AP*CP*A)-3')"
4 non-polymer 'ZINC ION'
#
loop_
_entity_poly.entity_id
_entity_poly.type
_entity_poly.pdbx_seq_one_letter_code
_entity_poly.pdbx_strand_id
1 'polypeptide(L)'
;MSYYHHHHHHDYDIPTTENLYFQGAMGSGDDWYEIDYIADSRVIRRKGRQILQYLIHWAGYAVHERTWEDEDGIGGEDCA
LVQEFYRKNPGKPRLSPSSVRKEVKLARMVEVVITTRRIDGKSRAASSTDQPSPHRLGITSPQANNIGGEDPNPSLTRRP
VRSTVSEIAKRPTSKKVHPNKKCKASSDDESDFVFEEGEWDEDEDDDNDVDFRSSEDDEDDEQERSAEEPESDEEIIKPA
KKTKSSLPKAKLRPKPANLGGFVTGVRPLNQGLDIKAAVRNMSDDLPPISDIEAMFDHLVSRIPDIVELVRQLNGRKLRV
ATMCSGTESPLLALNMIAKAIKAQHGLTLAFEHVFSCEIEPFKQAYIERNFTPPILFRDVTELGKKRAHTAYGSMVDVPG
DVDILIAGTSCVDYSNLNNVQQDIDANGESGRTFRGMLQWVKKHQPPIVILENVCNAPWDKVVEYFGQIDYDAQYTRLDT
KEFYIPHTRTRVYLFATPSSSESDDLPEKWAQTVKDLRRPWSSPFEAFLLHTDDPNIHRARLELASARAQTDGTSRKTTD
WNRCESRHQRARQDEALGLLRPLTSWQEAGVCKGLDWTWNDWLLAQTERVVDLLEISTLRMAKDGIDSGFKACIWNVSQN
VDRQTGSSKTALAPCLTPNMIPWVTIRGGPVTGREALALQGIPVRELLLTSENEDQLADLAGNAMTTTVVGSAMIAALKV
ACHKITEGANPEKEAALILEKEAVDDEQVANRIIGEDYLEHHDLDLAKVTKSNLSEILDLACRSSRHCQCEGQSGTAPNI
LECQECSYRACKSCGGRPEHVYAPCANQRVEPAEFEKRFKGLLPMRVRIAGLTDQCLNAVRKAAEKSNKGSVNDNDWQLW
STALLEGIHDAEFRFRYLKRQSTWTAVYEARRAMLSLVLRNQIPEWRLTIKAPASEPNNSQLRALLLHPVARLQIDIAGQ
DVLCGPWELCIPSMKTIDIEITGKGELLPSWQASLGLQGPFANTTRWSEVEISLQAEDENTLDRKLSGTYQLLPRCGQAM
SSLHKKRPDLSDDGLPQLYFFLDPTRCGESREDRYVFSTSTERLDYGTERPVIARLDSHWREGNEKQRKVKLDVSGAWVK
CPEAHLTAIGGDDIAVVANDAAANEIHRDRATFAIPSSASAISASLTTEGCSHAMALLSCRVPLDPTHSESMWRRGAWAE
IDLSHQGNTTFANLAWITERLPPLDGLKNWAHIADDVSEHVCERCAPRPPKIHWIKREGKANKKGNKTKSTIIAFEDKLE
AGQYEHALKHRPSPFVVQLRLDQDIGSFRIGLNIVSLAHRALSRLPPTTSEHKISLSWRLTPGHVTESPQPRRVFILPSN
KQDPENSQPEAFKLPLRKEQLRSLWWMLEQEKATGKTHTFVEEEISESLLPAVGWRAEGKAERPVMVRGGVIADQVGYGK
TVISIALVAQTLSLPAPEPATPGLIDLKATLIVVPGHLSKQWPNEIARFTGSMFKVIVIQGMKDLQEKTIAELGKADIIV
MASEIFESDVYWSRLEYLSAQPREWLHDTQGGRFFCDRLDAAMESLVSQTKILKEKGSEAAMRAMEDKKKSLVDNVGSKK
EVHTAVNFGKRMKGQAYRDKHDSDSKAKPITKEELERWEASEDEDDDENSKTYIPIPKFHSFTGSESIFSASVKKDYKLL
PNPVLHMFRFRRVIADEFTYLQKKSLAAVLRLSSSYRWILSGTPPVSDFAAIRSIATFMGIHLGVEDDGEGDVQYQKARA
KDQTQAEKFHAFREVHSRAWHNRRDELAQEFLNVFVRQNIAEIEDIPTVEHIHTFKLPASEGAVYLELEHHLQALEMQAR
KETKFKNVSQGDRNARLEEALSDSKTAEEALLKRCCHFTLDLSDKTQDAKSAQEACDHITSARARQLLACQEDLSRSVNQ
AIALHGWIKKKGGFSKNDDERQPFAEWIAFSSNISKHQGDIEAARILLKVIEKCGVKDGNIPPSPSDKQSPSIASGAKMD
DVKWQLREQTHLLRKLVKELVARVRSLRFFEVVRKIQKGKSDAQIVLESSECGHKPSTNPDIEMAILSCCGHVACHKCMR
KAAASQRCVKSGECQAAVRPTNIVKVSSLGVEGELSSGRYGAKLEHLVNLIHSIPKNERVLVFLQWEDLAGKVSEALSAG
RIPHVTLSGSAKSRANTLDRFQSTNADSARVLLLKMNDASAAGSNLTTANHAVFLGPLFTNSLFNYRAVETQAIGRVRRY
GQQKKVHIHRLLALDTIDMTIFNARRTELKEKTDWEEIPQEEYKGRGSSISMTNEKRTPTLTVKSNPFKRSSSWALASSF
RSKKRSMEARDAEGVSDDDENSELSDII
;
A
2 'polydeoxyribonucleotide'
;(DT)(DG)(DT)(DA)(DT)(DG)(DG)(DT)(DC)(DT)(DT)(DA)(DG)(DG)(DC)(DA)(DA)(DT)(DT)(DC)
(DT)(DA)(DG)(DT)(DG)(DT)(DC)(DA)(DG)(5CM)(DG)(DC)(DA)(DT)(DG)(DG)
;
B
3 'polydeoxyribonucleotide'
;(DC)(DC)(DA)(DT)(DG)(DC)(DG)(DC)(DT)(DG)(DA)(DC)(DA)(DC)(DT)(DA)(DG)(DA)(DA)(DT)
(DT)(DG)(DC)(DC)(DT)(DA)(DA)(DG)(DA)(DC)(DC)(DA)(DT)(DA)(DC)(DA)
;
D
#
loop_
_chem_comp.id
_chem_comp.type
_chem_comp.name
_chem_comp.formula
5CM DNA linking 5-METHYL-2'-DEOXY-CYTIDINE-5'-MONOPHOSPHATE 'C10 H16 N3 O7 P'
DA DNA linking 2'-DEOXYADENOSINE-5'-MONOPHOSPHATE 'C10 H14 N5 O6 P'
DC DNA linking 2'-DEOXYCYTIDINE-5'-MONOPHOSPHATE 'C9 H14 N3 O7 P'
DG DNA linking 2'-DEOXYGUANOSINE-5'-MONOPHOSPHATE 'C10 H14 N5 O7 P'
DT DNA linking THYMIDINE-5'-MONOPHOSPHATE 'C10 H15 N2 O8 P'
ZN non-polymer 'ZINC ION' 'Zn 2'
#
# COMPACT_ATOMS: atom_id res chain seq x y z
N SER A 283 -6.90 -18.21 30.62
CA SER A 283 -5.75 -18.15 31.51
C SER A 283 -4.54 -18.79 30.83
N ASP A 284 -3.69 -19.44 31.62
CA ASP A 284 -2.59 -20.23 31.07
C ASP A 284 -2.65 -21.70 31.44
N ASP A 285 -3.40 -22.07 32.48
CA ASP A 285 -3.49 -23.46 32.89
C ASP A 285 -4.11 -24.33 31.82
N LEU A 286 -4.84 -23.73 30.88
CA LEU A 286 -5.51 -24.48 29.86
C LEU A 286 -4.48 -24.98 28.85
N PRO A 287 -4.83 -25.99 28.05
CA PRO A 287 -4.01 -26.30 26.89
C PRO A 287 -4.01 -25.14 25.92
N PRO A 288 -2.93 -24.94 25.18
CA PRO A 288 -2.87 -23.80 24.26
C PRO A 288 -3.51 -24.19 22.95
N ILE A 289 -4.57 -23.50 22.59
CA ILE A 289 -5.38 -23.86 21.44
C ILE A 289 -5.33 -22.72 20.45
N SER A 290 -5.03 -23.04 19.19
CA SER A 290 -4.82 -22.02 18.18
C SER A 290 -5.41 -22.40 16.84
N ASP A 291 -6.16 -23.50 16.76
CA ASP A 291 -6.83 -23.89 15.52
C ASP A 291 -8.33 -23.90 15.74
N ILE A 292 -9.04 -23.19 14.87
CA ILE A 292 -10.46 -22.94 15.09
C ILE A 292 -11.22 -24.26 15.21
N GLU A 293 -10.89 -25.22 14.36
CA GLU A 293 -11.61 -26.48 14.38
C GLU A 293 -11.41 -27.17 15.72
N ALA A 294 -10.20 -27.10 16.27
CA ALA A 294 -9.96 -27.68 17.58
C ALA A 294 -10.76 -26.95 18.66
N MET A 295 -10.91 -25.64 18.49
CA MET A 295 -11.78 -24.89 19.41
C MET A 295 -13.17 -25.49 19.39
N PHE A 296 -13.68 -25.76 18.21
CA PHE A 296 -15.05 -26.27 18.15
C PHE A 296 -15.16 -27.70 18.64
N ASP A 297 -14.13 -28.51 18.42
CA ASP A 297 -14.16 -29.86 18.97
C ASP A 297 -14.18 -29.82 20.50
N HIS A 298 -13.35 -28.97 21.09
CA HIS A 298 -13.35 -28.81 22.53
C HIS A 298 -14.61 -28.12 23.03
N LEU A 299 -15.36 -27.46 22.16
CA LEU A 299 -16.66 -26.96 22.59
C LEU A 299 -17.69 -28.06 22.59
N VAL A 300 -17.84 -28.77 21.46
CA VAL A 300 -18.87 -29.80 21.35
C VAL A 300 -18.64 -30.90 22.37
N SER A 301 -17.39 -31.12 22.78
CA SER A 301 -17.14 -32.08 23.85
C SER A 301 -17.86 -31.68 25.13
N ARG A 302 -17.98 -30.38 25.38
CA ARG A 302 -18.61 -29.92 26.62
C ARG A 302 -20.07 -30.32 26.67
N ILE A 303 -20.79 -30.17 25.57
CA ILE A 303 -22.24 -30.31 25.55
C ILE A 303 -22.60 -31.61 24.84
N PRO A 304 -23.11 -32.61 25.54
CA PRO A 304 -23.48 -33.87 24.89
C PRO A 304 -24.93 -33.93 24.42
N ASP A 305 -25.57 -32.78 24.24
CA ASP A 305 -26.99 -32.79 23.93
C ASP A 305 -27.31 -32.42 22.49
N ILE A 306 -26.35 -32.45 21.57
CA ILE A 306 -26.71 -32.28 20.17
C ILE A 306 -26.91 -33.65 19.51
N VAL A 307 -26.27 -34.67 20.08
CA VAL A 307 -26.52 -36.04 19.66
C VAL A 307 -28.00 -36.34 19.74
N GLU A 308 -28.67 -35.80 20.77
CA GLU A 308 -30.11 -35.96 20.85
C GLU A 308 -30.85 -35.01 19.92
N LEU A 309 -30.24 -33.90 19.52
CA LEU A 309 -30.86 -33.02 18.54
C LEU A 309 -31.08 -33.70 17.20
N VAL A 310 -30.10 -34.46 16.75
CA VAL A 310 -30.14 -34.91 15.36
C VAL A 310 -31.39 -35.74 15.08
N ARG A 311 -31.96 -36.37 16.11
CA ARG A 311 -33.10 -37.24 15.90
C ARG A 311 -34.46 -36.53 15.95
N GLN A 312 -34.62 -35.43 16.70
CA GLN A 312 -35.79 -34.60 16.41
C GLN A 312 -35.69 -34.04 15.02
N LEU A 313 -34.46 -33.75 14.58
CA LEU A 313 -34.31 -33.37 13.19
C LEU A 313 -34.54 -34.56 12.27
N ASN A 314 -34.17 -35.75 12.72
CA ASN A 314 -34.37 -37.02 12.00
C ASN A 314 -33.83 -36.97 10.58
N GLY A 315 -32.61 -36.48 10.45
CA GLY A 315 -31.92 -36.47 9.18
C GLY A 315 -32.41 -35.44 8.19
N ARG A 316 -33.42 -34.65 8.53
CA ARG A 316 -33.81 -33.55 7.66
C ARG A 316 -32.70 -32.50 7.63
N LYS A 317 -32.58 -31.82 6.50
CA LYS A 317 -31.57 -30.77 6.41
C LYS A 317 -32.05 -29.55 7.20
N LEU A 318 -31.14 -28.95 7.95
CA LEU A 318 -31.44 -27.72 8.64
C LEU A 318 -31.58 -26.60 7.62
N ARG A 319 -32.38 -25.58 7.95
CA ARG A 319 -32.59 -24.46 7.05
C ARG A 319 -32.25 -23.18 7.78
N VAL A 320 -31.13 -22.56 7.40
CA VAL A 320 -30.56 -21.39 8.04
C VAL A 320 -30.60 -20.25 7.04
N ALA A 321 -31.00 -19.06 7.49
CA ALA A 321 -31.14 -17.93 6.58
C ALA A 321 -30.68 -16.66 7.30
N THR A 322 -29.41 -16.31 7.13
CA THR A 322 -28.84 -15.16 7.81
C THR A 322 -29.06 -13.89 7.01
N MET A 323 -28.86 -12.75 7.68
CA MET A 323 -28.90 -11.46 7.01
C MET A 323 -27.83 -10.54 7.55
N CYS A 324 -27.30 -9.71 6.66
CA CYS A 324 -26.50 -8.54 6.97
C CYS A 324 -25.20 -8.85 7.69
N SER A 325 -24.81 -10.11 7.80
CA SER A 325 -23.48 -10.45 8.29
C SER A 325 -22.59 -10.67 7.08
N GLY A 326 -21.61 -9.79 6.89
CA GLY A 326 -20.82 -9.83 5.68
C GLY A 326 -19.82 -10.96 5.65
N THR A 327 -19.59 -11.61 6.79
CA THR A 327 -18.52 -12.59 6.90
C THR A 327 -19.03 -14.00 7.16
N GLU A 328 -20.34 -14.16 7.38
CA GLU A 328 -20.99 -15.46 7.41
C GLU A 328 -20.47 -16.35 8.53
N SER A 329 -20.12 -15.73 9.65
CA SER A 329 -19.79 -16.51 10.83
C SER A 329 -20.88 -17.46 11.29
N PRO A 330 -22.18 -17.19 11.13
CA PRO A 330 -23.15 -18.26 11.33
C PRO A 330 -22.88 -19.48 10.47
N LEU A 331 -22.60 -19.25 9.19
CA LEU A 331 -22.33 -20.35 8.28
C LEU A 331 -21.11 -21.13 8.72
N LEU A 332 -20.02 -20.43 9.01
CA LEU A 332 -18.78 -21.12 9.35
C LEU A 332 -18.90 -21.86 10.66
N ALA A 333 -19.50 -21.22 11.67
CA ALA A 333 -19.62 -21.88 12.95
C ALA A 333 -20.49 -23.12 12.85
N LEU A 334 -21.57 -23.05 12.08
CA LEU A 334 -22.43 -24.21 11.98
C LEU A 334 -21.72 -25.33 11.21
N ASN A 335 -20.98 -24.97 10.18
CA ASN A 335 -20.22 -25.96 9.41
C ASN A 335 -19.22 -26.69 10.30
N MET A 336 -18.47 -25.94 11.09
CA MET A 336 -17.49 -26.59 11.96
C MET A 336 -18.18 -27.37 13.06
N ILE A 337 -19.38 -26.95 13.49
CA ILE A 337 -20.12 -27.80 14.41
C ILE A 337 -20.44 -29.13 13.75
N ALA A 338 -20.82 -29.11 12.47
CA ALA A 338 -21.13 -30.35 11.77
C ALA A 338 -19.92 -31.28 11.75
N LYS A 339 -18.76 -30.75 11.41
CA LYS A 339 -17.57 -31.60 11.37
C LYS A 339 -17.19 -32.10 12.75
N ALA A 340 -17.29 -31.24 13.77
CA ALA A 340 -16.94 -31.64 15.12
C ALA A 340 -17.86 -32.72 15.63
N ILE A 341 -19.17 -32.58 15.41
CA ILE A 341 -20.13 -33.57 15.88
C ILE A 341 -19.95 -34.88 15.13
N LYS A 342 -19.62 -34.81 13.83
CA LYS A 342 -19.36 -36.04 13.09
C LYS A 342 -18.17 -36.78 13.65
N ALA A 343 -17.08 -36.07 13.95
CA ALA A 343 -15.92 -36.75 14.53
C ALA A 343 -16.18 -37.23 15.95
N GLN A 344 -16.98 -36.49 16.73
CA GLN A 344 -17.20 -36.84 18.12
C GLN A 344 -18.13 -38.01 18.30
N HIS A 345 -19.16 -38.14 17.45
CA HIS A 345 -20.19 -39.12 17.71
C HIS A 345 -20.64 -39.88 16.47
N GLY A 346 -20.01 -39.70 15.32
CA GLY A 346 -20.38 -40.45 14.15
C GLY A 346 -21.71 -40.07 13.51
N LEU A 347 -22.41 -39.09 14.06
CA LEU A 347 -23.73 -38.70 13.58
C LEU A 347 -23.59 -37.50 12.66
N THR A 348 -24.40 -37.47 11.61
CA THR A 348 -24.25 -36.49 10.55
C THR A 348 -25.33 -35.42 10.66
N LEU A 349 -24.91 -34.16 10.68
CA LEU A 349 -25.80 -33.00 10.70
C LEU A 349 -25.74 -32.32 9.33
N ALA A 350 -26.87 -31.82 8.88
CA ALA A 350 -26.92 -31.13 7.61
C ALA A 350 -27.56 -29.78 7.81
N PHE A 351 -27.57 -28.98 6.74
CA PHE A 351 -28.08 -27.62 6.77
C PHE A 351 -28.20 -27.10 5.35
N GLU A 352 -29.37 -26.61 5.00
CA GLU A 352 -29.63 -26.05 3.68
C GLU A 352 -29.71 -24.54 3.81
N HIS A 353 -28.62 -23.86 3.52
CA HIS A 353 -28.54 -22.41 3.64
C HIS A 353 -29.53 -21.83 2.66
N VAL A 354 -30.64 -21.30 3.17
CA VAL A 354 -31.75 -20.94 2.29
C VAL A 354 -31.41 -19.71 1.48
N PHE A 355 -30.92 -18.66 2.13
CA PHE A 355 -30.48 -17.44 1.44
C PHE A 355 -29.72 -16.58 2.43
N SER A 356 -29.30 -15.40 1.96
CA SER A 356 -28.62 -14.43 2.80
C SER A 356 -28.71 -13.07 2.12
N CYS A 357 -28.57 -12.01 2.90
CA CYS A 357 -28.69 -10.66 2.39
C CYS A 357 -27.43 -9.88 2.68
N GLU A 358 -27.01 -9.07 1.72
CA GLU A 358 -25.89 -8.16 1.87
C GLU A 358 -26.15 -6.95 1.01
N ILE A 359 -25.69 -5.79 1.45
CA ILE A 359 -26.07 -4.53 0.84
C ILE A 359 -24.95 -3.93 0.01
N GLU A 360 -23.71 -3.95 0.51
CA GLU A 360 -22.77 -3.25 -0.38
C GLU A 360 -22.18 -4.19 -1.43
N PRO A 361 -21.65 -3.62 -2.53
CA PRO A 361 -21.13 -4.49 -3.59
C PRO A 361 -19.96 -5.36 -3.19
N PHE A 362 -18.91 -4.82 -2.58
CA PHE A 362 -17.77 -5.70 -2.33
C PHE A 362 -18.12 -6.76 -1.30
N LYS A 363 -18.97 -6.44 -0.32
CA LYS A 363 -19.42 -7.48 0.61
C LYS A 363 -20.20 -8.56 -0.12
N GLN A 364 -21.07 -8.18 -1.04
CA GLN A 364 -21.77 -9.19 -1.82
C GLN A 364 -20.80 -10.02 -2.64
N ALA A 365 -19.80 -9.38 -3.22
CA ALA A 365 -18.86 -10.13 -4.03
C ALA A 365 -18.08 -11.12 -3.20
N TYR A 366 -17.65 -10.69 -2.02
CA TYR A 366 -16.91 -11.59 -1.13
C TYR A 366 -17.77 -12.78 -0.73
N ILE A 367 -19.01 -12.53 -0.31
CA ILE A 367 -19.81 -13.67 0.13
C ILE A 367 -20.09 -14.61 -1.05
N GLU A 368 -20.40 -14.07 -2.23
CA GLU A 368 -20.74 -14.94 -3.34
C GLU A 368 -19.51 -15.54 -3.99
N ARG A 369 -18.33 -15.13 -3.59
CA ARG A 369 -17.12 -15.74 -4.11
C ARG A 369 -16.52 -16.77 -3.16
N ASN A 370 -16.71 -16.60 -1.86
CA ASN A 370 -16.24 -17.59 -0.90
C ASN A 370 -17.34 -18.57 -0.50
N PHE A 371 -18.40 -18.07 0.10
CA PHE A 371 -19.42 -18.92 0.71
C PHE A 371 -20.65 -18.93 -0.18
N THR A 372 -20.67 -19.79 -1.19
CA THR A 372 -21.71 -19.67 -2.21
C THR A 372 -23.08 -20.03 -1.65
N PRO A 373 -24.03 -19.10 -1.63
CA PRO A 373 -25.37 -19.43 -1.20
C PRO A 373 -26.26 -19.70 -2.39
N PRO A 374 -27.43 -20.31 -2.18
CA PRO A 374 -28.42 -20.36 -3.25
C PRO A 374 -28.84 -18.99 -3.74
N ILE A 375 -29.34 -18.13 -2.86
CA ILE A 375 -29.90 -16.85 -3.24
C ILE A 375 -29.25 -15.75 -2.41
N LEU A 376 -28.77 -14.70 -3.08
CA LEU A 376 -28.09 -13.58 -2.44
C LEU A 376 -28.83 -12.29 -2.77
N PHE A 377 -29.65 -11.80 -1.85
CA PHE A 377 -30.55 -10.69 -2.12
C PHE A 377 -29.86 -9.35 -2.00
N ARG A 378 -30.23 -8.39 -2.85
CA ARG A 378 -29.61 -7.07 -2.75
C ARG A 378 -30.02 -6.33 -1.50
N ASP A 379 -31.31 -6.29 -1.19
CA ASP A 379 -31.68 -5.49 -0.04
C ASP A 379 -32.50 -6.29 0.96
N VAL A 380 -33.10 -5.59 1.91
CA VAL A 380 -33.71 -6.24 3.06
C VAL A 380 -35.12 -5.74 3.32
N THR A 381 -35.51 -4.57 2.83
CA THR A 381 -36.85 -4.07 3.08
C THR A 381 -37.88 -4.87 2.29
N GLU A 382 -37.53 -5.30 1.08
CA GLU A 382 -38.49 -5.97 0.20
C GLU A 382 -38.92 -7.34 0.69
N LEU A 383 -38.25 -7.90 1.70
CA LEU A 383 -38.55 -9.27 2.10
C LEU A 383 -39.98 -9.43 2.61
N GLY A 384 -40.65 -8.34 2.94
CA GLY A 384 -42.07 -8.43 3.19
C GLY A 384 -42.85 -8.81 1.94
N LYS A 385 -42.37 -8.39 0.78
CA LYS A 385 -43.07 -8.64 -0.48
C LYS A 385 -43.00 -10.13 -0.83
N LYS A 386 -43.73 -10.51 -1.88
CA LYS A 386 -43.66 -11.89 -2.37
C LYS A 386 -42.42 -12.12 -3.23
N ARG A 387 -41.82 -11.05 -3.74
CA ARG A 387 -40.63 -11.18 -4.57
C ARG A 387 -39.67 -10.04 -4.25
N ALA A 388 -38.39 -10.25 -4.51
CA ALA A 388 -37.37 -9.23 -4.26
C ALA A 388 -36.22 -9.44 -5.22
N HIS A 389 -35.45 -8.37 -5.45
CA HIS A 389 -34.30 -8.47 -6.33
C HIS A 389 -33.19 -9.29 -5.70
N THR A 390 -32.49 -10.07 -6.53
CA THR A 390 -31.29 -10.77 -6.11
C THR A 390 -30.07 -9.99 -6.56
N ALA A 391 -28.89 -10.47 -6.16
CA ALA A 391 -27.67 -9.74 -6.47
C ALA A 391 -27.43 -9.64 -7.96
N TYR A 392 -27.90 -10.63 -8.72
CA TYR A 392 -27.77 -10.56 -10.17
C TYR A 392 -28.93 -9.84 -10.83
N GLY A 393 -29.98 -9.51 -10.08
CA GLY A 393 -31.14 -8.83 -10.61
C GLY A 393 -32.28 -9.73 -11.02
N SER A 394 -32.27 -11.00 -10.64
CA SER A 394 -33.21 -11.97 -11.19
C SER A 394 -34.62 -11.80 -10.63
N MET A 395 -34.75 -11.29 -9.42
CA MET A 395 -36.03 -11.19 -8.71
C MET A 395 -36.69 -12.57 -8.55
N VAL A 396 -36.06 -13.39 -7.72
CA VAL A 396 -36.60 -14.69 -7.34
C VAL A 396 -37.22 -14.55 -5.96
N ASP A 397 -38.30 -15.29 -5.74
CA ASP A 397 -39.16 -15.09 -4.57
C ASP A 397 -38.42 -15.39 -3.27
N VAL A 398 -39.02 -14.95 -2.17
CA VAL A 398 -38.49 -15.16 -0.83
C VAL A 398 -38.94 -16.52 -0.30
N PRO A 399 -38.01 -17.43 -0.04
CA PRO A 399 -38.38 -18.83 0.13
C PRO A 399 -39.22 -19.13 1.35
N GLY A 400 -39.26 -18.27 2.35
CA GLY A 400 -40.31 -18.42 3.33
C GLY A 400 -39.97 -18.99 4.69
N ASP A 401 -40.35 -20.25 4.93
CA ASP A 401 -40.18 -20.83 6.25
C ASP A 401 -38.79 -21.43 6.42
N VAL A 402 -38.12 -21.03 7.51
CA VAL A 402 -36.76 -21.45 7.82
C VAL A 402 -36.72 -21.85 9.28
N ASP A 403 -35.72 -22.65 9.64
CA ASP A 403 -35.58 -23.04 11.02
C ASP A 403 -35.02 -21.94 11.89
N ILE A 404 -34.04 -21.18 11.39
CA ILE A 404 -33.26 -20.28 12.23
C ILE A 404 -32.84 -19.07 11.38
N LEU A 405 -32.85 -17.89 12.00
CA LEU A 405 -32.39 -16.67 11.35
C LEU A 405 -31.36 -16.01 12.24
N ILE A 406 -30.21 -15.67 11.67
CA ILE A 406 -29.17 -14.96 12.40
C ILE A 406 -28.91 -13.66 11.67
N ALA A 407 -29.31 -12.55 12.26
CA ALA A 407 -29.10 -11.26 11.65
C ALA A 407 -28.13 -10.46 12.50
N GLY A 408 -27.35 -9.61 11.86
CA GLY A 408 -26.43 -8.79 12.63
C GLY A 408 -25.80 -7.70 11.79
N THR A 409 -25.28 -6.69 12.50
CA THR A 409 -24.35 -5.68 12.01
C THR A 409 -24.96 -4.68 11.03
N SER A 410 -26.18 -4.94 10.58
CA SER A 410 -27.00 -3.90 9.94
C SER A 410 -28.47 -4.04 10.24
N CYS A 411 -28.90 -5.02 11.04
CA CYS A 411 -30.33 -5.26 11.20
C CYS A 411 -30.97 -4.31 12.19
N VAL A 412 -30.19 -3.51 12.89
CA VAL A 412 -30.69 -2.38 13.65
C VAL A 412 -30.09 -1.14 13.00
N ASP A 413 -30.95 -0.29 12.43
CA ASP A 413 -30.49 0.84 11.64
C ASP A 413 -31.07 2.14 12.17
N GLY A 431 -36.30 2.52 12.28
CA GLY A 431 -35.25 1.81 11.58
C GLY A 431 -35.80 1.01 10.42
N ARG A 432 -35.45 1.43 9.20
CA ARG A 432 -36.05 0.85 8.01
C ARG A 432 -35.71 -0.64 7.86
N THR A 433 -34.46 -1.00 8.11
CA THR A 433 -34.05 -2.40 7.99
C THR A 433 -34.69 -3.28 9.06
N PHE A 434 -34.74 -2.79 10.29
CA PHE A 434 -35.37 -3.58 11.35
C PHE A 434 -36.86 -3.74 11.10
N ARG A 435 -37.49 -2.71 10.53
CA ARG A 435 -38.88 -2.86 10.10
C ARG A 435 -39.02 -3.93 9.05
N GLY A 436 -38.08 -3.98 8.09
CA GLY A 436 -38.11 -5.03 7.09
C GLY A 436 -37.98 -6.42 7.69
N MET A 437 -37.03 -6.59 8.61
CA MET A 437 -36.82 -7.90 9.19
C MET A 437 -38.01 -8.34 10.02
N LEU A 438 -38.61 -7.42 10.78
CA LEU A 438 -39.85 -7.76 11.46
C LEU A 438 -40.96 -8.11 10.49
N GLN A 439 -41.03 -7.41 9.36
CA GLN A 439 -42.09 -7.71 8.41
C GLN A 439 -41.94 -9.13 7.90
N TRP A 440 -40.71 -9.54 7.64
CA TRP A 440 -40.47 -10.89 7.14
C TRP A 440 -40.77 -11.94 8.21
N VAL A 441 -40.40 -11.65 9.46
CA VAL A 441 -40.66 -12.60 10.55
C VAL A 441 -42.15 -12.61 10.91
N LYS A 442 -42.89 -11.59 10.53
CA LYS A 442 -44.34 -11.70 10.61
C LYS A 442 -44.89 -12.53 9.45
N LYS A 443 -44.26 -12.41 8.28
CA LYS A 443 -44.76 -13.10 7.09
C LYS A 443 -44.61 -14.61 7.21
N HIS A 444 -43.43 -15.08 7.59
CA HIS A 444 -43.22 -16.50 7.88
C HIS A 444 -42.90 -16.61 9.36
N GLN A 445 -43.05 -17.80 9.92
CA GLN A 445 -42.79 -17.97 11.35
C GLN A 445 -41.48 -18.71 11.56
N PRO A 446 -40.40 -18.05 11.96
CA PRO A 446 -39.22 -18.77 12.35
C PRO A 446 -39.29 -19.12 13.82
N PRO A 447 -38.90 -20.33 14.20
CA PRO A 447 -38.97 -20.71 15.61
C PRO A 447 -37.82 -20.21 16.44
N ILE A 448 -36.85 -19.53 15.84
CA ILE A 448 -35.71 -18.98 16.56
C ILE A 448 -35.10 -17.84 15.75
N VAL A 449 -34.85 -16.73 16.41
CA VAL A 449 -34.22 -15.56 15.81
C VAL A 449 -33.13 -15.08 16.75
N ILE A 450 -31.95 -14.83 16.22
CA ILE A 450 -30.82 -14.40 17.01
C ILE A 450 -30.24 -13.16 16.36
N LEU A 451 -30.08 -12.10 17.14
CA LEU A 451 -29.52 -10.87 16.60
C LEU A 451 -28.16 -10.57 17.20
N GLU A 452 -27.56 -9.51 16.69
CA GLU A 452 -26.32 -8.98 17.22
C GLU A 452 -26.07 -7.61 16.63
N ASN A 453 -25.56 -6.69 17.44
CA ASN A 453 -25.11 -5.41 16.94
C ASN A 453 -24.14 -4.82 17.96
N VAL A 454 -23.75 -3.58 17.73
CA VAL A 454 -22.85 -2.89 18.65
C VAL A 454 -23.58 -2.72 19.97
N CYS A 455 -22.82 -2.73 21.06
CA CYS A 455 -23.45 -2.91 22.37
C CYS A 455 -24.33 -1.72 22.74
N ASN A 456 -23.79 -0.52 22.66
CA ASN A 456 -24.53 0.69 23.03
C ASN A 456 -25.56 0.98 21.96
N ALA A 457 -26.78 0.50 22.19
CA ALA A 457 -27.84 0.54 21.19
C ALA A 457 -29.17 0.31 21.91
N PRO A 458 -30.31 0.46 21.22
CA PRO A 458 -31.60 0.23 21.91
C PRO A 458 -32.10 -1.20 21.87
N TRP A 459 -31.45 -2.08 22.63
CA TRP A 459 -31.88 -3.48 22.67
C TRP A 459 -33.22 -3.62 23.38
N ASP A 460 -33.45 -2.84 24.44
CA ASP A 460 -34.74 -2.88 25.09
C ASP A 460 -35.84 -2.47 24.13
N LYS A 461 -35.61 -1.42 23.34
CA LYS A 461 -36.59 -1.01 22.34
C LYS A 461 -36.83 -2.14 21.35
N VAL A 462 -35.77 -2.88 21.01
CA VAL A 462 -35.96 -4.07 20.17
C VAL A 462 -36.88 -5.06 20.87
N VAL A 463 -36.75 -5.17 22.19
CA VAL A 463 -37.61 -6.12 22.93
C VAL A 463 -39.07 -5.71 22.83
N GLU A 464 -39.35 -4.42 23.02
CA GLU A 464 -40.76 -4.01 22.90
C GLU A 464 -41.24 -4.13 21.45
N TYR A 465 -40.35 -4.01 20.47
CA TYR A 465 -40.80 -4.19 19.09
C TYR A 465 -41.11 -5.65 18.79
N PHE A 466 -40.26 -6.57 19.25
CA PHE A 466 -40.58 -7.98 19.07
C PHE A 466 -41.81 -8.37 19.85
N GLY A 467 -42.17 -7.59 20.87
CA GLY A 467 -43.44 -7.80 21.54
C GLY A 467 -44.63 -7.69 20.61
N GLN A 468 -44.51 -6.88 19.56
CA GLN A 468 -45.62 -6.73 18.61
C GLN A 468 -45.95 -8.04 17.93
N ILE A 469 -44.93 -8.80 17.54
CA ILE A 469 -45.14 -10.01 16.75
C ILE A 469 -45.31 -11.18 17.70
N ASP A 470 -45.49 -10.87 18.99
CA ASP A 470 -45.66 -11.87 20.06
C ASP A 470 -44.48 -12.83 20.09
N TYR A 471 -43.32 -12.29 20.41
CA TYR A 471 -42.09 -13.05 20.52
C TYR A 471 -41.49 -12.80 21.90
N ASP A 472 -41.00 -13.85 22.53
CA ASP A 472 -40.24 -13.66 23.76
C ASP A 472 -38.96 -12.90 23.45
N ALA A 473 -38.26 -12.46 24.50
CA ALA A 473 -37.04 -11.72 24.24
C ALA A 473 -36.11 -11.74 25.44
N GLN A 474 -34.81 -11.65 25.17
CA GLN A 474 -33.79 -11.60 26.19
C GLN A 474 -32.45 -11.27 25.57
N TYR A 475 -31.67 -10.36 26.16
CA TYR A 475 -30.41 -9.96 25.55
C TYR A 475 -29.30 -9.92 26.59
N THR A 476 -28.10 -10.35 26.19
CA THR A 476 -26.93 -10.36 27.04
C THR A 476 -25.74 -9.91 26.21
N ARG A 477 -24.62 -9.61 26.87
CA ARG A 477 -23.41 -9.22 26.16
C ARG A 477 -22.34 -10.29 26.32
N LEU A 478 -21.61 -10.54 25.23
CA LEU A 478 -20.72 -11.69 25.09
C LEU A 478 -19.33 -11.21 24.73
N ASP A 479 -18.32 -11.68 25.46
CA ASP A 479 -16.97 -11.15 25.36
C ASP A 479 -16.11 -12.14 24.58
N THR A 480 -15.72 -11.79 23.35
CA THR A 480 -14.96 -12.69 22.48
C THR A 480 -13.67 -13.19 23.14
N LYS A 481 -13.01 -12.34 23.92
CA LYS A 481 -11.82 -12.76 24.66
C LYS A 481 -12.12 -13.95 25.55
N GLU A 482 -13.37 -14.14 25.93
CA GLU A 482 -13.76 -15.28 26.72
C GLU A 482 -14.16 -16.50 25.91
N PHE A 483 -14.36 -16.39 24.60
CA PHE A 483 -14.58 -17.60 23.79
C PHE A 483 -13.35 -17.92 22.95
N TYR A 484 -12.33 -18.44 23.63
CA TYR A 484 -11.17 -19.10 23.03
C TYR A 484 -10.19 -18.15 22.34
N ILE A 485 -10.59 -16.91 22.09
CA ILE A 485 -9.86 -16.00 21.21
C ILE A 485 -9.12 -14.97 22.06
N PRO A 486 -7.87 -14.61 21.75
CA PRO A 486 -7.14 -13.64 22.57
C PRO A 486 -7.47 -12.19 22.29
N HIS A 487 -8.62 -11.91 21.69
CA HIS A 487 -9.02 -10.59 21.23
C HIS A 487 -10.18 -10.09 22.08
N THR A 488 -10.04 -8.89 22.64
CA THR A 488 -11.06 -8.38 23.56
C THR A 488 -12.13 -7.63 22.78
N ARG A 489 -13.37 -8.08 22.92
CA ARG A 489 -14.48 -7.42 22.25
C ARG A 489 -15.74 -7.70 23.02
N THR A 490 -16.72 -6.83 22.87
CA THR A 490 -17.99 -7.04 23.54
C THR A 490 -19.07 -6.71 22.54
N ARG A 491 -19.99 -7.64 22.36
CA ARG A 491 -21.18 -7.38 21.56
C ARG A 491 -22.36 -7.98 22.28
N VAL A 492 -23.55 -7.68 21.79
CA VAL A 492 -24.78 -8.02 22.47
C VAL A 492 -25.64 -8.87 21.54
N TYR A 493 -26.12 -9.99 22.05
CA TYR A 493 -26.98 -10.89 21.29
C TYR A 493 -28.35 -10.93 21.94
N LEU A 494 -29.37 -11.29 21.17
CA LEU A 494 -30.65 -11.58 21.79
C LEU A 494 -31.27 -12.78 21.12
N PHE A 495 -32.11 -13.48 21.86
CA PHE A 495 -32.85 -14.64 21.38
C PHE A 495 -34.33 -14.34 21.52
N ALA A 496 -35.12 -14.66 20.49
CA ALA A 496 -36.51 -14.27 20.47
C ALA A 496 -37.32 -15.34 19.75
N THR A 497 -38.31 -15.91 20.43
CA THR A 497 -39.05 -17.07 19.95
C THR A 497 -40.54 -16.82 20.08
N PRO A 498 -41.36 -17.43 19.22
CA PRO A 498 -42.81 -17.25 19.33
C PRO A 498 -43.35 -17.89 20.59
N SER A 499 -44.51 -17.40 21.02
CA SER A 499 -45.17 -17.92 22.20
C SER A 499 -46.00 -19.15 21.88
N ASP A 505 -40.32 -18.75 29.51
CA ASP A 505 -39.04 -18.58 30.19
C ASP A 505 -37.91 -19.22 29.39
N LEU A 506 -38.20 -19.55 28.14
CA LEU A 506 -37.20 -20.18 27.28
C LEU A 506 -35.97 -19.31 27.04
N PRO A 507 -36.07 -18.02 26.70
CA PRO A 507 -34.85 -17.23 26.53
C PRO A 507 -34.00 -17.15 27.77
N GLU A 508 -34.61 -17.25 28.95
CA GLU A 508 -33.82 -17.32 30.17
C GLU A 508 -32.92 -18.54 30.16
N LYS A 509 -33.46 -19.69 29.74
CA LYS A 509 -32.64 -20.90 29.66
C LYS A 509 -31.55 -20.73 28.62
N TRP A 510 -31.87 -20.07 27.51
CA TRP A 510 -30.85 -19.81 26.49
C TRP A 510 -29.69 -18.99 27.07
N ALA A 511 -30.03 -17.94 27.81
CA ALA A 511 -28.99 -17.10 28.40
C ALA A 511 -28.14 -17.90 29.37
N GLN A 512 -28.77 -18.74 30.19
CA GLN A 512 -28.01 -19.51 31.16
C GLN A 512 -27.01 -20.42 30.46
N THR A 513 -27.44 -21.13 29.43
CA THR A 513 -26.51 -22.07 28.80
C THR A 513 -25.38 -21.35 28.07
N VAL A 514 -25.68 -20.23 27.40
CA VAL A 514 -24.59 -19.52 26.73
C VAL A 514 -23.60 -18.98 27.74
N LYS A 515 -24.10 -18.47 28.87
CA LYS A 515 -23.21 -18.06 29.96
C LYS A 515 -22.37 -19.23 30.42
N ASP A 516 -22.93 -20.44 30.36
CA ASP A 516 -22.18 -21.61 30.78
C ASP A 516 -21.03 -21.91 29.84
N LEU A 517 -21.25 -21.87 28.53
CA LEU A 517 -20.22 -22.29 27.56
C LEU A 517 -19.14 -21.22 27.40
N ARG A 518 -18.34 -21.04 28.44
CA ARG A 518 -17.29 -20.03 28.43
C ARG A 518 -15.96 -20.69 28.66
N ARG A 519 -14.95 -20.24 27.94
CA ARG A 519 -13.63 -20.85 27.99
C ARG A 519 -12.60 -19.79 27.61
N PRO A 520 -11.81 -19.31 28.55
CA PRO A 520 -10.95 -18.15 28.30
C PRO A 520 -9.95 -18.38 27.18
N TRP A 521 -9.25 -17.30 26.84
CA TRP A 521 -8.15 -17.40 25.90
C TRP A 521 -6.94 -18.00 26.59
N SER A 522 -6.10 -18.70 25.80
CA SER A 522 -4.82 -19.13 26.33
C SER A 522 -3.70 -19.13 25.30
N SER A 523 -3.89 -18.55 24.11
CA SER A 523 -2.82 -18.44 23.13
C SER A 523 -2.62 -16.97 22.80
N PRO A 524 -1.39 -16.47 22.81
CA PRO A 524 -1.17 -15.05 22.48
C PRO A 524 -1.66 -14.75 21.08
N PHE A 525 -2.04 -13.49 20.85
CA PHE A 525 -2.54 -13.11 19.54
C PHE A 525 -1.53 -13.35 18.43
N GLU A 526 -0.25 -13.44 18.78
CA GLU A 526 0.77 -13.53 17.75
C GLU A 526 0.74 -14.87 17.08
N ALA A 527 0.10 -15.86 17.68
CA ALA A 527 -0.10 -17.13 17.00
C ALA A 527 -1.10 -17.02 15.87
N PHE A 528 -1.90 -15.95 15.82
CA PHE A 528 -2.86 -15.72 14.73
C PHE A 528 -2.33 -14.82 13.63
N LEU A 529 -1.35 -13.98 13.93
CA LEU A 529 -0.77 -13.12 12.91
C LEU A 529 0.08 -13.91 11.94
N LEU A 530 -0.11 -13.66 10.64
CA LEU A 530 0.83 -14.18 9.66
C LEU A 530 2.19 -13.54 9.89
N HIS A 531 3.23 -14.20 9.38
CA HIS A 531 4.58 -13.71 9.62
C HIS A 531 4.79 -12.39 8.91
N THR A 532 5.86 -11.69 9.27
CA THR A 532 6.19 -10.46 8.58
C THR A 532 6.85 -10.70 7.24
N ASP A 533 7.38 -11.89 6.99
CA ASP A 533 8.04 -12.16 5.71
C ASP A 533 7.04 -12.48 4.62
N ASP A 534 5.93 -13.07 5.00
CA ASP A 534 4.93 -13.72 4.18
C ASP A 534 4.65 -12.98 2.90
N PRO A 535 4.46 -13.67 1.78
CA PRO A 535 4.25 -12.96 0.50
C PRO A 535 3.08 -12.02 0.51
N ASN A 536 2.00 -12.33 1.23
CA ASN A 536 0.86 -11.43 1.24
C ASN A 536 1.17 -10.16 2.02
N ILE A 537 1.82 -10.28 3.18
CA ILE A 537 2.23 -9.10 3.91
C ILE A 537 3.18 -8.26 3.09
N HIS A 538 4.09 -8.89 2.38
CA HIS A 538 5.04 -8.09 1.63
C HIS A 538 4.42 -7.43 0.42
N ARG A 539 3.39 -8.03 -0.21
CA ARG A 539 2.73 -7.28 -1.26
C ARG A 539 1.97 -6.11 -0.67
N ALA A 540 1.39 -6.30 0.53
CA ALA A 540 0.69 -5.20 1.17
C ALA A 540 1.63 -4.11 1.63
N ARG A 541 2.92 -4.42 1.81
CA ARG A 541 3.90 -3.39 2.14
C ARG A 541 4.44 -2.72 0.90
N LEU A 542 4.52 -3.44 -0.22
CA LEU A 542 4.95 -2.78 -1.45
C LEU A 542 3.88 -1.89 -2.03
N GLU A 543 2.61 -2.16 -1.75
CA GLU A 543 1.56 -1.24 -2.18
C GLU A 543 1.83 0.18 -1.71
N LEU A 544 2.32 0.33 -0.48
CA LEU A 544 2.51 1.66 0.08
C LEU A 544 3.63 2.40 -0.64
N ALA A 545 4.76 1.74 -0.86
CA ALA A 545 5.86 2.40 -1.55
C ALA A 545 5.49 2.72 -2.99
N SER A 546 4.72 1.84 -3.63
CA SER A 546 4.28 2.14 -4.99
C SER A 546 3.37 3.35 -5.03
N ALA A 547 2.43 3.45 -4.09
CA ALA A 547 1.54 4.59 -4.07
C ALA A 547 2.30 5.89 -3.80
N ARG A 548 3.28 5.83 -2.89
CA ARG A 548 4.07 7.02 -2.59
C ARG A 548 4.87 7.46 -3.80
N ALA A 549 5.44 6.52 -4.55
CA ALA A 549 6.18 6.92 -5.76
C ALA A 549 5.24 7.49 -6.82
N GLN A 550 4.05 6.91 -6.95
CA GLN A 550 3.08 7.41 -7.93
C GLN A 550 2.63 8.82 -7.59
N THR A 551 2.40 9.11 -6.32
CA THR A 551 2.05 10.45 -5.88
C THR A 551 3.29 11.35 -5.82
N SER A 555 1.12 19.92 -1.27
CA SER A 555 2.06 18.86 -0.95
C SER A 555 2.31 18.79 0.56
N ARG A 556 1.99 17.65 1.16
CA ARG A 556 2.07 17.44 2.61
C ARG A 556 1.20 18.46 3.35
N LYS A 557 -0.10 18.40 3.08
CA LYS A 557 -1.03 19.35 3.67
C LYS A 557 -1.22 19.07 5.15
N THR A 558 -1.09 20.11 5.98
CA THR A 558 -1.02 19.96 7.42
C THR A 558 -2.39 20.24 8.02
N THR A 559 -3.05 19.20 8.52
CA THR A 559 -4.29 19.39 9.24
C THR A 559 -3.99 20.04 10.57
N ASP A 560 -4.84 20.96 10.99
CA ASP A 560 -4.72 21.55 12.31
C ASP A 560 -5.43 20.66 13.31
N TRP A 561 -4.75 20.36 14.40
CA TRP A 561 -5.23 19.40 15.38
C TRP A 561 -5.04 19.96 16.78
N ASN A 562 -5.27 21.25 16.94
CA ASN A 562 -4.86 21.95 18.15
C ASN A 562 -5.60 21.44 19.38
N ARG A 563 -6.89 21.17 19.24
CA ARG A 563 -7.66 20.80 20.42
C ARG A 563 -7.21 19.49 21.01
N CYS A 564 -6.59 18.63 20.21
CA CYS A 564 -6.08 17.36 20.67
C CYS A 564 -4.60 17.40 20.99
N GLU A 565 -3.86 18.26 20.31
CA GLU A 565 -2.51 18.57 20.76
C GLU A 565 -2.51 19.06 22.18
N SER A 566 -3.58 19.73 22.60
CA SER A 566 -3.70 20.09 24.01
C SER A 566 -3.62 18.88 24.92
N ARG A 567 -4.37 17.83 24.58
CA ARG A 567 -4.35 16.63 25.41
C ARG A 567 -3.00 15.93 25.35
N HIS A 568 -2.35 15.95 24.18
CA HIS A 568 -1.02 15.34 24.10
C HIS A 568 -0.03 16.06 25.00
N GLN A 569 -0.08 17.38 25.00
CA GLN A 569 0.80 18.11 25.90
C GLN A 569 0.45 17.87 27.36
N ARG A 570 -0.84 17.81 27.67
CA ARG A 570 -1.22 17.53 29.06
C ARG A 570 -0.76 16.14 29.47
N ALA A 571 -0.75 15.19 28.54
CA ALA A 571 -0.29 13.84 28.88
C ALA A 571 1.22 13.80 29.06
N ARG A 572 1.98 14.35 28.11
CA ARG A 572 3.42 14.36 28.24
C ARG A 572 3.88 15.15 29.46
N GLN A 573 3.03 16.01 30.01
CA GLN A 573 3.45 16.68 31.23
C GLN A 573 2.93 16.00 32.48
N ASP A 574 1.71 15.46 32.43
CA ASP A 574 1.08 14.87 33.59
C ASP A 574 1.69 13.52 33.93
N GLU A 575 1.97 12.71 32.90
CA GLU A 575 2.62 11.43 33.09
C GLU A 575 4.10 11.60 33.42
N ALA A 576 4.62 12.82 33.29
CA ALA A 576 6.01 13.16 33.61
C ALA A 576 7.00 12.38 32.75
N LEU A 577 6.69 12.27 31.47
CA LEU A 577 7.59 11.67 30.49
C LEU A 577 8.10 12.75 29.55
N GLY A 578 9.22 12.47 28.91
CA GLY A 578 9.95 13.51 28.23
C GLY A 578 9.26 13.99 26.98
N LEU A 579 9.73 15.13 26.50
CA LEU A 579 9.04 15.79 25.40
C LEU A 579 9.67 15.51 24.05
N LEU A 580 10.61 14.59 23.95
CA LEU A 580 11.10 14.25 22.62
C LEU A 580 10.38 13.02 22.10
N ARG A 581 10.64 12.67 20.84
CA ARG A 581 9.88 11.65 20.15
C ARG A 581 10.78 10.56 19.58
N PRO A 582 10.87 9.39 20.23
CA PRO A 582 11.90 8.40 19.87
C PRO A 582 11.68 7.57 18.62
N LEU A 583 10.47 7.05 18.42
CA LEU A 583 10.26 6.01 17.42
C LEU A 583 10.22 6.62 16.03
N THR A 584 9.34 7.59 15.82
CA THR A 584 9.36 8.46 14.67
C THR A 584 9.86 9.81 15.12
N SER A 585 10.81 10.37 14.39
CA SER A 585 11.26 11.70 14.75
C SER A 585 10.56 12.77 13.91
N TRP A 586 9.22 12.75 13.90
CA TRP A 586 8.44 13.60 13.02
C TRP A 586 8.71 15.07 13.31
N GLN A 587 8.25 15.93 12.39
CA GLN A 587 8.57 17.34 12.50
C GLN A 587 7.56 18.13 11.69
N GLU A 588 7.38 19.40 12.08
CA GLU A 588 6.51 20.30 11.34
C GLU A 588 7.12 20.62 9.98
N ALA A 589 6.35 20.38 8.93
CA ALA A 589 6.81 20.54 7.55
C ALA A 589 8.09 19.75 7.31
N GLY A 590 8.18 18.59 7.95
CA GLY A 590 9.34 17.71 7.81
C GLY A 590 8.94 16.26 7.93
N VAL A 591 9.58 15.40 7.14
CA VAL A 591 9.18 14.01 7.08
C VAL A 591 9.63 13.32 8.36
N CYS A 592 9.16 12.10 8.58
CA CYS A 592 9.49 11.33 9.76
C CYS A 592 10.29 10.10 9.38
N LYS A 593 11.42 9.90 10.01
CA LYS A 593 12.30 8.76 9.75
C LYS A 593 12.25 7.83 10.94
N GLY A 594 11.45 6.77 10.84
CA GLY A 594 11.39 5.78 11.89
C GLY A 594 12.64 4.93 11.86
N LEU A 595 12.63 3.89 12.68
CA LEU A 595 13.79 3.01 12.78
C LEU A 595 14.01 2.29 11.46
N ASP A 596 15.04 1.47 11.35
CA ASP A 596 15.29 0.88 10.04
C ASP A 596 14.39 -0.28 9.70
N TRP A 597 13.55 -0.74 10.63
CA TRP A 597 12.66 -1.85 10.36
C TRP A 597 11.19 -1.47 10.49
N THR A 598 10.80 -0.25 10.12
CA THR A 598 9.49 0.25 10.52
C THR A 598 8.75 0.93 9.38
N TRP A 599 8.45 0.19 8.32
CA TRP A 599 7.37 0.52 7.37
C TRP A 599 7.23 2.00 7.13
N ASN A 600 8.37 2.61 6.75
CA ASN A 600 8.45 4.06 6.80
C ASN A 600 7.47 4.72 5.85
N ASP A 601 7.07 4.03 4.79
CA ASP A 601 6.10 4.62 3.90
C ASP A 601 4.68 4.49 4.41
N TRP A 602 4.48 3.80 5.52
CA TRP A 602 3.24 3.93 6.27
C TRP A 602 3.38 4.96 7.36
N LEU A 603 4.59 5.21 7.82
CA LEU A 603 4.76 6.30 8.77
C LEU A 603 4.63 7.66 8.09
N LEU A 604 4.93 7.74 6.80
CA LEU A 604 4.85 9.02 6.11
C LEU A 604 3.41 9.40 5.79
N ALA A 605 2.53 8.42 5.61
CA ALA A 605 1.19 8.77 5.16
C ALA A 605 0.33 9.31 6.29
N GLN A 606 0.52 8.82 7.51
CA GLN A 606 -0.38 9.18 8.60
C GLN A 606 -0.10 10.56 9.14
N THR A 607 -1.06 11.08 9.89
CA THR A 607 -1.07 12.49 10.28
C THR A 607 -0.18 12.72 11.48
N GLU A 608 0.00 14.00 11.78
CA GLU A 608 0.87 14.35 12.90
C GLU A 608 0.29 13.85 14.21
N ARG A 609 -1.03 13.85 14.34
CA ARG A 609 -1.62 13.41 15.61
C ARG A 609 -1.38 11.93 15.85
N VAL A 610 -1.64 11.10 14.84
CA VAL A 610 -1.43 9.68 14.97
C VAL A 610 0.03 9.38 15.26
N VAL A 611 0.93 10.04 14.53
CA VAL A 611 2.35 9.79 14.74
C VAL A 611 2.76 10.17 16.15
N ASP A 612 2.36 11.34 16.61
CA ASP A 612 2.72 11.71 17.96
C ASP A 612 2.06 10.82 19.00
N LEU A 613 0.93 10.20 18.66
CA LEU A 613 0.27 9.37 19.64
C LEU A 613 1.00 8.04 19.76
N LEU A 614 1.54 7.54 18.66
CA LEU A 614 2.51 6.45 18.71
C LEU A 614 3.66 6.79 19.64
N GLU A 615 4.14 8.02 19.52
CA GLU A 615 5.28 8.52 20.35
C GLU A 615 4.92 8.43 21.83
N ILE A 616 3.73 8.92 22.20
CA ILE A 616 3.32 8.93 23.60
C ILE A 616 3.13 7.50 24.10
N SER A 617 2.55 6.64 23.28
CA SER A 617 2.35 5.27 23.73
C SER A 617 3.68 4.58 23.98
N THR A 618 4.64 4.75 23.08
CA THR A 618 5.93 4.11 23.25
C THR A 618 6.60 4.57 24.54
N LEU A 619 6.55 5.86 24.82
CA LEU A 619 7.18 6.33 26.06
C LEU A 619 6.44 5.79 27.29
N ARG A 620 5.11 5.76 27.25
CA ARG A 620 4.34 5.26 28.38
C ARG A 620 4.69 3.81 28.66
N MET A 621 5.00 3.06 27.61
CA MET A 621 5.43 1.68 27.82
C MET A 621 6.88 1.60 28.29
N ALA A 622 7.74 2.48 27.81
CA ALA A 622 9.14 2.43 28.23
C ALA A 622 9.33 2.88 29.67
N LYS A 623 8.32 3.48 30.30
CA LYS A 623 8.42 3.72 31.74
C LYS A 623 8.51 2.42 32.52
N ASP A 624 7.67 1.44 32.16
CA ASP A 624 7.60 0.19 32.93
C ASP A 624 8.92 -0.57 32.89
N GLY A 625 9.54 -0.65 31.72
CA GLY A 625 10.63 -1.56 31.45
C GLY A 625 10.42 -2.35 30.18
N ILE A 626 9.16 -2.56 29.79
CA ILE A 626 8.89 -3.11 28.48
C ILE A 626 9.46 -2.15 27.45
N ASP A 627 9.96 -2.68 26.35
CA ASP A 627 10.43 -1.86 25.25
C ASP A 627 9.62 -2.17 24.00
N SER A 628 8.61 -1.36 23.73
CA SER A 628 7.74 -1.61 22.60
C SER A 628 8.52 -1.53 21.30
N GLY A 629 8.53 -2.63 20.59
CA GLY A 629 9.43 -2.88 19.49
C GLY A 629 10.11 -4.19 19.66
N PHE A 630 10.01 -4.78 20.86
CA PHE A 630 10.48 -6.11 21.14
C PHE A 630 9.47 -6.96 21.89
N LYS A 631 8.32 -6.40 22.27
CA LYS A 631 7.26 -7.13 22.94
C LYS A 631 5.99 -6.99 22.15
N ALA A 632 5.57 -8.05 21.48
CA ALA A 632 4.46 -7.97 20.55
C ALA A 632 3.14 -7.59 21.20
N CYS A 633 2.64 -6.41 20.87
CA CYS A 633 1.34 -5.93 21.34
C CYS A 633 0.74 -5.02 20.28
N ILE A 634 -0.57 -4.83 20.33
CA ILE A 634 -1.28 -4.08 19.31
C ILE A 634 -1.85 -2.82 19.94
N TRP A 635 -1.68 -1.69 19.27
CA TRP A 635 -2.24 -0.42 19.68
C TRP A 635 -3.25 0.04 18.65
N ASN A 636 -4.40 0.46 19.10
CA ASN A 636 -5.42 1.03 18.22
C ASN A 636 -5.41 2.53 18.51
N VAL A 637 -4.83 3.31 17.61
CA VAL A 637 -4.56 4.70 17.88
C VAL A 637 -5.59 5.63 17.21
N SER A 638 -6.75 5.11 16.82
CA SER A 638 -7.75 5.98 16.23
C SER A 638 -8.36 6.89 17.29
N GLN A 639 -8.58 6.38 18.49
CA GLN A 639 -9.21 7.16 19.53
C GLN A 639 -8.24 8.20 20.07
N ASN A 640 -8.62 8.83 21.16
CA ASN A 640 -7.92 10.00 21.65
C ASN A 640 -6.65 9.55 22.36
N VAL A 641 -6.02 10.43 23.13
CA VAL A 641 -4.83 9.99 23.84
C VAL A 641 -5.11 9.64 25.29
N ASP A 642 -6.09 10.28 25.92
CA ASP A 642 -6.32 9.95 27.32
C ASP A 642 -7.07 8.63 27.47
N ARG A 643 -7.91 8.29 26.51
CA ARG A 643 -8.75 7.10 26.65
C ARG A 643 -8.14 5.89 25.95
N GLN A 644 -6.88 5.60 26.28
CA GLN A 644 -6.23 4.43 25.71
C GLN A 644 -5.91 3.45 26.81
N THR A 645 -6.38 2.22 26.66
CA THR A 645 -5.77 1.04 27.28
C THR A 645 -5.50 0.11 26.10
N GLY A 646 -4.41 0.38 25.38
CA GLY A 646 -4.20 -0.24 24.09
C GLY A 646 -4.10 -1.75 24.16
N SER A 647 -3.58 -2.27 25.26
CA SER A 647 -3.63 -3.70 25.53
C SER A 647 -3.39 -3.87 27.03
N SER A 648 -4.43 -4.24 27.77
CA SER A 648 -4.31 -4.34 29.22
C SER A 648 -3.26 -5.38 29.59
N LYS A 649 -3.37 -6.57 29.02
CA LYS A 649 -2.35 -7.59 29.09
C LYS A 649 -1.68 -7.63 27.73
N THR A 650 -0.36 -7.60 27.71
CA THR A 650 0.33 -7.36 26.45
C THR A 650 0.13 -8.47 25.44
N ALA A 651 -0.39 -9.62 25.85
CA ALA A 651 -0.59 -10.72 24.92
C ALA A 651 -1.92 -10.66 24.22
N LEU A 652 -2.73 -9.65 24.49
CA LEU A 652 -4.12 -9.59 24.06
C LEU A 652 -4.19 -8.80 22.76
N ALA A 653 -5.38 -8.36 22.37
CA ALA A 653 -5.47 -7.43 21.27
C ALA A 653 -6.73 -6.59 21.40
N PRO A 654 -6.63 -5.27 21.33
CA PRO A 654 -7.79 -4.42 21.58
C PRO A 654 -8.83 -4.55 20.49
N CYS A 655 -10.05 -4.11 20.82
CA CYS A 655 -11.18 -4.25 19.93
C CYS A 655 -10.91 -3.53 18.62
N LEU A 656 -10.70 -4.29 17.55
CA LEU A 656 -10.29 -3.70 16.27
C LEU A 656 -11.52 -3.11 15.61
N THR A 657 -11.83 -1.88 16.01
CA THR A 657 -12.98 -1.14 15.52
C THR A 657 -12.92 -0.92 14.01
N PRO A 658 -14.07 -0.73 13.37
CA PRO A 658 -14.08 -0.58 11.91
C PRO A 658 -13.17 0.50 11.35
N ASN A 659 -13.09 1.67 11.98
CA ASN A 659 -12.19 2.71 11.50
C ASN A 659 -10.92 2.74 12.34
N MET A 660 -10.19 1.64 12.28
CA MET A 660 -9.05 1.46 13.15
C MET A 660 -7.77 1.93 12.47
N ILE A 661 -6.77 2.21 13.29
CA ILE A 661 -5.40 2.42 12.86
C ILE A 661 -4.52 1.57 13.78
N PRO A 662 -4.33 0.29 13.47
CA PRO A 662 -3.59 -0.56 14.37
C PRO A 662 -2.11 -0.56 14.06
N TRP A 663 -1.31 -0.84 15.06
CA TRP A 663 0.12 -0.82 14.91
C TRP A 663 0.65 -2.05 15.62
N VAL A 664 1.17 -3.02 14.87
CA VAL A 664 1.72 -4.22 15.48
C VAL A 664 3.12 -3.91 15.95
N THR A 665 3.33 -3.99 17.25
CA THR A 665 4.50 -3.42 17.88
C THR A 665 5.78 -3.93 17.27
N ILE A 666 5.80 -5.17 16.78
CA ILE A 666 7.01 -5.88 16.37
C ILE A 666 7.37 -5.62 14.92
N ARG A 667 6.45 -5.96 14.00
CA ARG A 667 6.70 -5.83 12.55
C ARG A 667 6.78 -4.35 12.17
N GLY A 668 6.34 -3.47 13.08
CA GLY A 668 6.38 -2.06 12.80
C GLY A 668 5.43 -1.59 11.74
N GLY A 669 4.25 -2.18 11.65
CA GLY A 669 3.27 -1.73 10.71
C GLY A 669 1.89 -2.21 11.06
N PRO A 670 0.93 -1.89 10.24
CA PRO A 670 -0.45 -2.17 10.57
C PRO A 670 -0.79 -3.64 10.51
N VAL A 671 -1.75 -4.01 11.35
CA VAL A 671 -2.48 -5.26 11.18
C VAL A 671 -3.09 -5.18 9.80
N THR A 672 -2.61 -6.00 8.89
CA THR A 672 -3.19 -5.97 7.56
C THR A 672 -4.59 -6.56 7.63
N GLY A 673 -5.41 -6.26 6.61
CA GLY A 673 -6.78 -6.70 6.63
C GLY A 673 -6.94 -8.20 6.84
N ARG A 674 -6.07 -8.99 6.23
CA ARG A 674 -6.20 -10.44 6.37
C ARG A 674 -6.00 -10.89 7.82
N GLU A 675 -5.02 -10.30 8.51
CA GLU A 675 -4.83 -10.65 9.91
C GLU A 675 -5.98 -10.17 10.76
N ALA A 676 -6.58 -9.03 10.38
CA ALA A 676 -7.78 -8.57 11.07
C ALA A 676 -8.92 -9.55 10.90
N LEU A 677 -9.01 -10.18 9.72
CA LEU A 677 -10.01 -11.22 9.50
C LEU A 677 -9.70 -12.47 10.30
N ALA A 678 -8.41 -12.76 10.49
CA ALA A 678 -8.02 -13.96 11.23
C ALA A 678 -8.39 -13.84 12.70
N LEU A 679 -8.15 -12.69 13.32
CA LEU A 679 -8.45 -12.55 14.75
C LEU A 679 -9.94 -12.59 15.04
N GLN A 680 -10.78 -12.48 14.01
CA GLN A 680 -12.21 -12.69 14.14
C GLN A 680 -12.58 -14.17 14.17
N GLY A 681 -11.63 -15.07 14.00
CA GLY A 681 -11.90 -16.49 13.99
C GLY A 681 -11.98 -17.12 12.62
N ILE A 682 -12.23 -16.34 11.59
CA ILE A 682 -12.24 -16.83 10.20
C ILE A 682 -10.86 -17.33 9.85
N PRO A 683 -10.71 -18.47 9.16
CA PRO A 683 -9.39 -18.90 8.72
C PRO A 683 -9.02 -18.19 7.42
N VAL A 684 -7.77 -17.73 7.35
CA VAL A 684 -7.30 -16.98 6.19
C VAL A 684 -6.38 -17.83 5.31
N ARG A 685 -6.30 -19.13 5.55
CA ARG A 685 -5.39 -19.96 4.77
C ARG A 685 -5.87 -20.13 3.34
N GLU A 686 -7.18 -20.12 3.14
CA GLU A 686 -7.77 -20.44 1.84
C GLU A 686 -8.68 -19.32 1.35
N LEU A 687 -8.46 -18.11 1.83
CA LEU A 687 -9.42 -17.04 1.63
C LEU A 687 -9.19 -16.35 0.29
N LEU A 688 -10.28 -16.10 -0.43
CA LEU A 688 -10.24 -15.50 -1.75
C LEU A 688 -10.54 -14.02 -1.64
N LEU A 689 -9.57 -13.16 -1.96
CA LEU A 689 -9.77 -11.72 -1.90
C LEU A 689 -9.27 -11.07 -3.18
N THR A 690 -10.15 -10.33 -3.84
CA THR A 690 -9.96 -9.83 -5.20
C THR A 690 -10.04 -8.31 -5.23
N SER A 691 -8.90 -7.66 -5.06
CA SER A 691 -8.78 -6.20 -5.19
C SER A 691 -9.77 -5.49 -4.27
N GLU A 692 -9.65 -5.77 -2.99
CA GLU A 692 -10.39 -5.07 -1.96
C GLU A 692 -9.43 -4.13 -1.25
N ASN A 693 -9.81 -2.87 -1.13
CA ASN A 693 -8.92 -1.90 -0.52
C ASN A 693 -8.76 -2.17 0.97
N GLU A 694 -7.74 -1.54 1.55
CA GLU A 694 -7.49 -1.72 2.97
C GLU A 694 -8.64 -1.21 3.83
N ASP A 695 -9.19 -0.05 3.48
CA ASP A 695 -10.29 0.52 4.24
C ASP A 695 -11.51 -0.38 4.16
N GLN A 696 -11.78 -0.90 2.97
CA GLN A 696 -12.90 -1.81 2.75
C GLN A 696 -12.71 -3.08 3.56
N LEU A 697 -11.49 -3.60 3.62
CA LEU A 697 -11.22 -4.80 4.39
C LEU A 697 -11.36 -4.56 5.88
N ALA A 698 -10.91 -3.40 6.36
CA ALA A 698 -11.07 -3.08 7.77
C ALA A 698 -12.54 -2.95 8.14
N ASP A 699 -13.34 -2.32 7.29
CA ASP A 699 -14.78 -2.28 7.52
C ASP A 699 -15.37 -3.68 7.59
N LEU A 700 -15.06 -4.50 6.58
CA LEU A 700 -15.58 -5.89 6.48
C LEU A 700 -15.24 -6.69 7.73
N ALA A 701 -13.99 -6.57 8.22
CA ALA A 701 -13.53 -7.32 9.38
C ALA A 701 -14.09 -6.78 10.67
N GLY A 702 -14.09 -5.46 10.85
CA GLY A 702 -14.55 -4.92 12.11
C GLY A 702 -16.03 -5.13 12.33
N ASN A 703 -16.84 -4.89 11.30
CA ASN A 703 -18.26 -5.13 11.48
C ASN A 703 -18.59 -6.61 11.49
N ALA A 704 -17.68 -7.47 11.04
CA ALA A 704 -17.92 -8.91 11.14
C ALA A 704 -18.14 -9.35 12.58
N MET A 705 -18.56 -10.60 12.75
CA MET A 705 -18.93 -11.10 14.07
C MET A 705 -18.27 -12.45 14.29
N THR A 706 -17.89 -12.73 15.53
CA THR A 706 -16.80 -13.67 15.80
C THR A 706 -17.28 -15.10 15.85
N THR A 707 -16.60 -15.98 15.09
CA THR A 707 -17.15 -17.29 14.77
C THR A 707 -17.37 -18.12 16.02
N THR A 708 -16.42 -18.12 16.95
CA THR A 708 -16.59 -18.94 18.14
C THR A 708 -17.73 -18.44 18.99
N VAL A 709 -17.91 -17.12 19.06
CA VAL A 709 -19.01 -16.56 19.82
C VAL A 709 -20.35 -16.94 19.20
N VAL A 710 -20.43 -16.83 17.87
CA VAL A 710 -21.65 -17.21 17.18
C VAL A 710 -21.91 -18.68 17.35
N GLY A 711 -20.86 -19.50 17.30
CA GLY A 711 -21.04 -20.92 17.48
C GLY A 711 -21.57 -21.25 18.86
N SER A 712 -20.99 -20.66 19.89
CA SER A 712 -21.46 -20.93 21.24
C SER A 712 -22.92 -20.52 21.40
N ALA A 713 -23.23 -19.29 21.02
CA ALA A 713 -24.59 -18.79 21.18
C ALA A 713 -25.58 -19.61 20.36
N MET A 714 -25.20 -19.98 19.14
CA MET A 714 -26.11 -20.61 18.21
C MET A 714 -26.31 -22.08 18.55
N ILE A 715 -25.29 -22.78 19.04
CA ILE A 715 -25.49 -24.17 19.45
C ILE A 715 -26.30 -24.22 20.74
N ALA A 716 -26.04 -23.32 21.69
CA ALA A 716 -26.84 -23.36 22.91
C ALA A 716 -28.28 -22.97 22.61
N ALA A 717 -28.48 -22.05 21.66
CA ALA A 717 -29.82 -21.74 21.20
C ALA A 717 -30.49 -22.95 20.58
N LEU A 718 -29.81 -23.59 19.64
CA LEU A 718 -30.37 -24.71 18.90
C LEU A 718 -30.59 -25.93 19.77
N LYS A 719 -29.95 -25.99 20.95
CA LYS A 719 -30.22 -27.08 21.88
C LYS A 719 -31.38 -26.74 22.80
N VAL A 720 -31.38 -25.53 23.39
CA VAL A 720 -32.43 -25.17 24.32
C VAL A 720 -33.76 -25.06 23.60
N ALA A 721 -33.76 -24.66 22.34
CA ALA A 721 -34.98 -24.62 21.53
C ALA A 721 -35.11 -25.86 20.67
N CYS A 722 -34.73 -27.01 21.22
CA CYS A 722 -34.77 -28.27 20.48
C CYS A 722 -36.18 -28.62 20.04
N HIS A 723 -37.12 -28.64 20.97
CA HIS A 723 -38.41 -29.26 20.74
C HIS A 723 -39.26 -28.55 19.71
N LYS A 724 -38.96 -27.31 19.37
CA LYS A 724 -39.88 -26.53 18.55
C LYS A 724 -39.73 -26.77 17.06
N ILE A 725 -38.78 -27.59 16.62
CA ILE A 725 -38.62 -27.85 15.20
C ILE A 725 -39.26 -29.19 14.85
N THR A 726 -40.11 -29.18 13.83
CA THR A 726 -40.76 -30.40 13.37
C THR A 726 -39.82 -31.19 12.46
N GLU A 727 -40.18 -32.45 12.20
CA GLU A 727 -39.30 -33.40 11.53
C GLU A 727 -39.88 -33.86 10.21
N GLY A 728 -39.03 -33.94 9.19
CA GLY A 728 -39.43 -34.62 7.96
C GLY A 728 -39.62 -36.10 8.17
N ALA A 729 -38.68 -36.74 8.87
CA ALA A 729 -38.85 -38.08 9.45
C ALA A 729 -38.95 -39.18 8.40
N ASN A 730 -38.08 -39.12 7.38
CA ASN A 730 -37.92 -40.23 6.43
C ASN A 730 -36.44 -40.48 6.21
N PRO A 731 -35.74 -40.98 7.23
CA PRO A 731 -34.29 -41.21 7.08
C PRO A 731 -33.96 -42.19 5.97
N GLU A 732 -34.85 -43.14 5.67
CA GLU A 732 -34.57 -44.07 4.58
C GLU A 732 -34.51 -43.34 3.25
N LYS A 733 -35.48 -42.45 2.98
CA LYS A 733 -35.43 -41.70 1.73
C LYS A 733 -34.26 -40.74 1.73
N GLU A 734 -33.90 -40.20 2.90
CA GLU A 734 -32.76 -39.31 2.97
C GLU A 734 -31.47 -40.03 2.60
N ALA A 735 -31.30 -41.24 3.13
CA ALA A 735 -30.13 -42.04 2.81
C ALA A 735 -30.10 -42.41 1.34
N ALA A 736 -31.25 -42.80 0.79
CA ALA A 736 -31.30 -43.15 -0.64
C ALA A 736 -30.91 -41.96 -1.50
N LEU A 737 -31.44 -40.78 -1.19
CA LEU A 737 -31.13 -39.60 -1.98
C LEU A 737 -29.65 -39.25 -1.88
N ILE A 738 -29.11 -39.17 -0.67
CA ILE A 738 -27.72 -38.75 -0.53
C ILE A 738 -26.78 -39.79 -1.10
N LEU A 739 -27.14 -41.08 -1.03
CA LEU A 739 -26.27 -42.11 -1.60
C LEU A 739 -26.29 -42.07 -3.12
N GLU A 740 -27.47 -41.83 -3.70
CA GLU A 740 -27.54 -41.60 -5.14
C GLU A 740 -26.67 -40.43 -5.54
N LYS A 741 -26.72 -39.35 -4.75
CA LYS A 741 -25.89 -38.17 -5.01
C LYS A 741 -24.40 -38.52 -4.96
N GLU A 742 -24.00 -39.26 -3.93
CA GLU A 742 -22.59 -39.62 -3.78
C GLU A 742 -22.13 -40.50 -4.94
N ALA A 743 -22.97 -41.47 -5.34
CA ALA A 743 -22.60 -42.38 -6.41
C ALA A 743 -22.46 -41.64 -7.74
N VAL A 744 -23.43 -40.77 -8.06
CA VAL A 744 -23.35 -40.05 -9.33
C VAL A 744 -22.17 -39.09 -9.31
N ASP A 745 -21.88 -38.50 -8.15
CA ASP A 745 -20.71 -37.64 -8.05
C ASP A 745 -19.43 -38.40 -8.32
N ASP A 746 -19.30 -39.60 -7.74
CA ASP A 746 -18.08 -40.36 -7.94
C ASP A 746 -17.93 -40.83 -9.37
N GLU A 747 -19.01 -41.27 -10.00
CA GLU A 747 -18.94 -41.64 -11.42
C GLU A 747 -18.49 -40.46 -12.27
N GLN A 748 -19.09 -39.28 -12.01
CA GLN A 748 -18.75 -38.11 -12.80
C GLN A 748 -17.31 -37.67 -12.56
N VAL A 749 -16.82 -37.76 -11.32
CA VAL A 749 -15.47 -37.31 -11.05
C VAL A 749 -14.45 -38.28 -11.62
N ALA A 750 -14.79 -39.57 -11.67
CA ALA A 750 -13.93 -40.52 -12.36
C ALA A 750 -13.89 -40.23 -13.86
N ASN A 751 -15.02 -39.80 -14.41
CA ASN A 751 -15.06 -39.49 -15.83
C ASN A 751 -14.38 -38.17 -16.18
N ARG A 752 -14.18 -37.27 -15.21
CA ARG A 752 -13.96 -35.87 -15.54
C ARG A 752 -12.67 -35.66 -16.32
N ILE A 753 -11.61 -36.30 -15.93
CA ILE A 753 -10.38 -36.21 -16.69
C ILE A 753 -10.44 -37.21 -17.83
N ILE A 754 -9.99 -36.78 -19.01
CA ILE A 754 -9.90 -37.64 -20.18
C ILE A 754 -8.50 -37.45 -20.74
N GLY A 755 -8.10 -38.36 -21.62
CA GLY A 755 -6.74 -38.35 -22.10
C GLY A 755 -5.93 -39.46 -21.47
N GLU A 756 -4.76 -39.14 -20.93
CA GLU A 756 -3.82 -40.06 -20.28
C GLU A 756 -3.30 -41.13 -21.23
N ASP A 757 -3.66 -41.09 -22.49
CA ASP A 757 -3.22 -42.12 -23.43
C ASP A 757 -1.98 -41.68 -24.18
N TYR A 758 -1.80 -40.37 -24.30
CA TYR A 758 -0.70 -39.78 -25.04
C TYR A 758 0.43 -39.35 -24.13
N LEU A 759 0.59 -40.00 -22.99
CA LEU A 759 1.36 -39.45 -21.89
C LEU A 759 2.66 -40.24 -21.73
N GLU A 760 3.78 -39.52 -21.58
CA GLU A 760 5.10 -40.10 -21.79
C GLU A 760 5.44 -41.17 -20.75
N HIS A 761 5.29 -40.83 -19.47
CA HIS A 761 5.54 -41.76 -18.36
C HIS A 761 7.00 -42.23 -18.34
N HIS A 762 7.92 -41.27 -18.35
CA HIS A 762 9.28 -41.58 -18.74
C HIS A 762 10.29 -41.61 -17.61
N ASP A 763 10.27 -40.67 -16.68
CA ASP A 763 11.34 -40.57 -15.71
C ASP A 763 10.92 -41.20 -14.39
N LEU A 764 11.92 -41.59 -13.61
CA LEU A 764 11.75 -41.88 -12.19
C LEU A 764 12.87 -41.21 -11.43
N ASP A 765 12.52 -40.49 -10.36
CA ASP A 765 13.54 -39.87 -9.53
C ASP A 765 12.94 -39.48 -8.18
N LEU A 766 13.76 -39.62 -7.14
CA LEU A 766 13.51 -39.09 -5.81
C LEU A 766 14.76 -39.33 -4.96
N ALA A 767 14.97 -38.43 -4.00
CA ALA A 767 16.11 -38.51 -3.08
C ALA A 767 17.43 -38.57 -3.83
N LYS A 768 17.57 -37.77 -4.87
CA LYS A 768 18.84 -37.60 -5.56
C LYS A 768 19.32 -36.17 -5.39
N VAL A 769 20.64 -36.02 -5.46
CA VAL A 769 21.33 -34.79 -5.10
C VAL A 769 22.24 -34.39 -6.26
N THR A 770 23.00 -33.32 -6.04
CA THR A 770 24.10 -32.95 -6.93
C THR A 770 25.45 -32.83 -6.24
N LYS A 771 25.44 -32.49 -4.95
CA LYS A 771 26.61 -32.44 -4.06
C LYS A 771 27.84 -31.86 -4.74
N SER A 772 27.75 -30.58 -5.09
CA SER A 772 28.84 -29.94 -5.83
C SER A 772 30.01 -29.60 -4.91
N ASN A 773 29.82 -28.62 -4.02
CA ASN A 773 30.91 -28.20 -3.14
C ASN A 773 30.32 -27.34 -2.05
N LEU A 774 30.48 -27.77 -0.80
CA LEU A 774 29.74 -27.13 0.28
C LEU A 774 30.32 -25.76 0.60
N SER A 775 31.64 -25.59 0.46
CA SER A 775 32.22 -24.27 0.67
C SER A 775 31.66 -23.27 -0.32
N GLU A 776 31.57 -23.66 -1.59
CA GLU A 776 31.01 -22.77 -2.59
C GLU A 776 29.53 -22.49 -2.33
N ILE A 777 28.78 -23.50 -1.90
CA ILE A 777 27.37 -23.26 -1.59
C ILE A 777 27.23 -22.27 -0.44
N LEU A 778 28.09 -22.37 0.57
CA LEU A 778 28.02 -21.43 1.67
C LEU A 778 28.35 -20.02 1.22
N ASP A 779 29.34 -19.90 0.33
CA ASP A 779 29.67 -18.58 -0.21
C ASP A 779 28.50 -18.00 -1.01
N LEU A 780 27.78 -18.85 -1.74
CA LEU A 780 26.63 -18.36 -2.47
C LEU A 780 25.48 -18.00 -1.54
N ALA A 781 25.32 -18.72 -0.44
CA ALA A 781 24.27 -18.37 0.50
C ALA A 781 24.51 -17.00 1.11
N CYS A 782 25.77 -16.72 1.48
CA CYS A 782 26.09 -15.43 2.11
C CYS A 782 25.75 -14.25 1.21
N ARG A 783 25.75 -14.44 -0.10
CA ARG A 783 25.44 -13.38 -1.04
C ARG A 783 24.03 -13.46 -1.59
N SER A 784 23.32 -14.55 -1.36
CA SER A 784 21.95 -14.57 -1.84
C SER A 784 20.95 -14.16 -0.77
N SER A 785 21.27 -14.39 0.50
CA SER A 785 20.29 -14.20 1.56
C SER A 785 19.74 -12.79 1.59
N ARG A 786 18.69 -12.60 2.39
CA ARG A 786 18.07 -11.28 2.54
C ARG A 786 19.00 -10.32 3.26
N HIS A 787 18.98 -9.06 2.83
CA HIS A 787 19.92 -8.07 3.30
C HIS A 787 19.25 -6.97 4.12
N CYS A 788 18.28 -6.27 3.55
CA CYS A 788 17.54 -5.24 4.27
C CYS A 788 16.09 -5.65 4.37
N GLN A 789 15.47 -5.31 5.49
CA GLN A 789 14.11 -5.74 5.78
C GLN A 789 13.15 -5.47 4.64
N CYS A 790 13.45 -4.52 3.78
CA CYS A 790 12.57 -4.20 2.68
C CYS A 790 12.70 -5.17 1.53
N GLU A 791 13.49 -6.23 1.68
CA GLU A 791 13.57 -7.21 0.61
C GLU A 791 12.40 -8.17 0.66
N GLY A 792 12.37 -9.01 1.69
CA GLY A 792 11.25 -9.90 1.90
C GLY A 792 11.12 -11.03 0.90
N GLN A 793 12.05 -11.97 0.94
CA GLN A 793 11.96 -13.21 0.19
C GLN A 793 11.96 -13.01 -1.31
N SER A 794 12.33 -11.84 -1.80
CA SER A 794 12.44 -11.59 -3.24
C SER A 794 13.12 -10.25 -3.42
N GLY A 795 13.16 -9.80 -4.67
CA GLY A 795 13.62 -8.47 -5.02
C GLY A 795 15.05 -8.18 -4.62
N THR A 796 15.51 -6.97 -4.87
CA THR A 796 16.79 -6.55 -4.31
C THR A 796 16.73 -5.06 -4.07
N ALA A 797 17.55 -4.61 -3.11
CA ALA A 797 17.64 -3.20 -2.77
C ALA A 797 19.08 -2.76 -2.98
N PRO A 798 19.36 -1.83 -3.88
CA PRO A 798 20.75 -1.47 -4.15
C PRO A 798 21.30 -0.59 -3.05
N ASN A 799 22.62 -0.44 -3.06
CA ASN A 799 23.35 0.38 -2.11
C ASN A 799 23.20 -0.16 -0.69
N ILE A 800 23.59 -1.41 -0.50
CA ILE A 800 23.60 -1.99 0.85
C ILE A 800 24.70 -1.36 1.67
N LEU A 801 24.41 -1.11 2.94
CA LEU A 801 25.41 -0.67 3.91
C LEU A 801 25.58 -1.77 4.95
N GLU A 802 26.81 -2.08 5.30
CA GLU A 802 27.10 -3.12 6.30
C GLU A 802 27.78 -2.49 7.50
N CYS A 803 27.26 -2.78 8.69
CA CYS A 803 27.89 -2.29 9.90
C CYS A 803 29.30 -2.87 10.02
N GLN A 804 30.12 -2.27 10.88
CA GLN A 804 31.46 -2.82 11.04
C GLN A 804 31.56 -3.75 12.24
N GLU A 805 31.02 -3.36 13.38
CA GLU A 805 30.91 -4.27 14.51
C GLU A 805 29.47 -4.71 14.70
N CYS A 806 29.29 -6.02 14.87
CA CYS A 806 27.98 -6.66 14.82
C CYS A 806 27.34 -6.47 13.44
N SER A 807 27.99 -7.09 12.46
CA SER A 807 27.73 -6.79 11.07
C SER A 807 26.27 -6.95 10.74
N TYR A 808 25.59 -5.82 10.59
CA TYR A 808 24.17 -5.72 10.33
C TYR A 808 24.01 -4.87 9.09
N ARG A 809 23.01 -5.15 8.27
CA ARG A 809 22.95 -4.51 6.98
C ARG A 809 21.63 -3.79 6.79
N ALA A 810 21.67 -2.77 5.93
CA ALA A 810 20.50 -2.01 5.54
C ALA A 810 20.88 -1.15 4.36
N CYS A 811 19.89 -0.73 3.60
CA CYS A 811 20.17 0.05 2.41
C CYS A 811 20.39 1.52 2.78
N LYS A 812 20.66 2.35 1.78
CA LYS A 812 20.74 3.78 2.01
C LYS A 812 19.37 4.35 2.37
N SER A 813 18.32 3.89 1.69
CA SER A 813 16.98 4.44 1.89
C SER A 813 16.51 4.20 3.31
N CYS A 814 16.35 2.94 3.69
CA CYS A 814 16.11 2.59 5.08
C CYS A 814 17.41 2.82 5.83
N GLY A 815 17.44 2.41 7.10
CA GLY A 815 18.72 2.19 7.74
C GLY A 815 19.54 3.43 7.95
N GLY A 816 18.92 4.55 8.24
CA GLY A 816 19.70 5.66 8.67
C GLY A 816 19.62 5.74 10.17
N ARG A 817 18.51 5.28 10.72
CA ARG A 817 18.14 5.79 12.04
C ARG A 817 18.99 5.25 13.19
N PRO A 818 18.98 3.96 13.57
CA PRO A 818 19.94 3.58 14.60
C PRO A 818 21.29 3.47 13.93
N GLU A 819 22.13 4.49 14.10
CA GLU A 819 23.32 4.60 13.28
C GLU A 819 24.39 3.69 13.86
N HIS A 820 24.90 2.78 13.06
CA HIS A 820 26.11 2.09 13.42
C HIS A 820 27.31 2.87 12.93
N VAL A 821 28.45 2.17 12.90
CA VAL A 821 29.49 2.55 11.98
C VAL A 821 29.25 1.84 10.66
N TYR A 822 28.37 2.39 9.84
CA TYR A 822 28.15 1.83 8.51
C TYR A 822 29.29 2.16 7.58
N ALA A 823 29.39 1.34 6.53
CA ALA A 823 30.32 1.45 5.42
C ALA A 823 29.85 0.47 4.36
N PRO A 824 30.07 0.72 3.08
CA PRO A 824 29.50 -0.13 2.04
C PRO A 824 30.06 -1.55 2.08
N CYS A 825 29.23 -2.50 1.71
CA CYS A 825 29.59 -3.91 1.72
C CYS A 825 29.99 -4.35 0.32
N ALA A 826 30.99 -5.23 0.26
CA ALA A 826 31.45 -5.78 -1.01
C ALA A 826 30.81 -7.14 -1.22
N ASN A 827 29.51 -7.12 -1.46
CA ASN A 827 28.73 -8.35 -1.65
C ASN A 827 28.08 -8.32 -3.03
N GLN A 828 28.71 -9.00 -3.98
CA GLN A 828 28.20 -9.08 -5.34
C GLN A 828 26.96 -9.96 -5.33
N ARG A 829 25.81 -9.33 -5.47
CA ARG A 829 24.54 -10.02 -5.25
C ARG A 829 24.34 -11.15 -6.25
N VAL A 830 23.45 -12.07 -5.90
CA VAL A 830 23.11 -13.21 -6.74
C VAL A 830 21.64 -13.53 -6.52
N GLU A 831 20.95 -13.92 -7.58
CA GLU A 831 19.50 -13.93 -7.57
C GLU A 831 18.97 -15.03 -6.66
N PRO A 832 18.07 -14.69 -5.72
CA PRO A 832 17.56 -15.71 -4.80
C PRO A 832 16.82 -16.83 -5.47
N ALA A 833 16.21 -16.61 -6.63
CA ALA A 833 15.62 -17.73 -7.35
C ALA A 833 16.70 -18.71 -7.79
N GLU A 834 17.85 -18.21 -8.23
CA GLU A 834 18.93 -19.11 -8.63
C GLU A 834 19.46 -19.88 -7.44
N PHE A 835 19.60 -19.22 -6.29
CA PHE A 835 20.04 -20.01 -5.14
C PHE A 835 18.97 -20.98 -4.69
N GLU A 836 17.68 -20.65 -4.85
CA GLU A 836 16.66 -21.64 -4.54
C GLU A 836 16.77 -22.84 -5.45
N LYS A 837 17.09 -22.63 -6.73
CA LYS A 837 17.26 -23.76 -7.64
C LYS A 837 18.40 -24.66 -7.19
N ARG A 838 19.56 -24.08 -6.90
CA ARG A 838 20.68 -24.93 -6.47
C ARG A 838 20.39 -25.61 -5.14
N PHE A 839 19.79 -24.89 -4.20
CA PHE A 839 19.54 -25.43 -2.87
C PHE A 839 18.54 -26.58 -2.91
N LYS A 840 17.45 -26.40 -3.67
CA LYS A 840 16.50 -27.49 -3.84
C LYS A 840 17.13 -28.64 -4.62
N GLY A 841 18.06 -28.35 -5.52
CA GLY A 841 18.73 -29.43 -6.22
C GLY A 841 19.78 -30.13 -5.40
N LEU A 842 20.13 -29.58 -4.25
CA LEU A 842 21.10 -30.24 -3.40
C LEU A 842 20.46 -30.94 -2.21
N LEU A 843 19.30 -30.50 -1.77
CA LEU A 843 18.72 -31.15 -0.59
C LEU A 843 18.15 -32.52 -0.92
N PRO A 844 18.13 -33.43 0.06
CA PRO A 844 17.32 -34.64 -0.09
C PRO A 844 15.90 -34.36 0.37
N MET A 845 14.93 -34.94 -0.33
CA MET A 845 13.55 -34.55 -0.12
C MET A 845 12.83 -35.32 0.98
N ARG A 846 13.40 -36.42 1.45
CA ARG A 846 12.86 -37.14 2.59
C ARG A 846 14.02 -37.72 3.37
N VAL A 847 14.10 -37.43 4.66
CA VAL A 847 15.18 -37.96 5.49
C VAL A 847 14.58 -38.61 6.71
N ARG A 848 15.41 -39.36 7.44
CA ARG A 848 14.96 -40.04 8.65
C ARG A 848 16.10 -40.10 9.64
N ILE A 849 15.81 -39.74 10.89
CA ILE A 849 16.76 -39.94 11.97
C ILE A 849 16.77 -41.43 12.31
N ALA A 850 17.96 -41.99 12.47
CA ALA A 850 18.10 -43.39 12.83
C ALA A 850 19.28 -43.58 13.76
N GLY A 851 19.22 -44.65 14.54
CA GLY A 851 20.34 -45.03 15.36
C GLY A 851 20.29 -44.61 16.80
N LEU A 852 19.13 -44.27 17.33
CA LEU A 852 18.97 -43.95 18.75
C LEU A 852 18.08 -44.99 19.41
N THR A 853 18.58 -45.61 20.46
CA THR A 853 17.81 -46.50 21.30
C THR A 853 17.89 -46.03 22.74
N ASP A 854 17.06 -46.63 23.58
CA ASP A 854 17.06 -46.27 24.99
C ASP A 854 18.42 -46.53 25.63
N GLN A 855 19.06 -47.63 25.25
CA GLN A 855 20.36 -47.97 25.81
C GLN A 855 21.44 -46.99 25.36
N CYS A 856 21.40 -46.57 24.09
CA CYS A 856 22.34 -45.54 23.64
C CYS A 856 22.10 -44.21 24.33
N LEU A 857 20.84 -43.83 24.53
CA LEU A 857 20.54 -42.61 25.26
C LEU A 857 21.09 -42.69 26.68
N ASN A 858 20.90 -43.84 27.33
CA ASN A 858 21.45 -44.02 28.66
C ASN A 858 22.97 -43.91 28.64
N ALA A 859 23.60 -44.51 27.63
CA ALA A 859 25.05 -44.42 27.51
C ALA A 859 25.49 -42.97 27.41
N VAL A 860 24.75 -42.17 26.65
CA VAL A 860 25.07 -40.75 26.54
C VAL A 860 24.90 -40.06 27.88
N ARG A 861 23.84 -40.37 28.60
CA ARG A 861 23.60 -39.71 29.88
C ARG A 861 24.71 -40.01 30.87
N LYS A 862 25.14 -41.26 30.94
CA LYS A 862 26.28 -41.58 31.80
C LYS A 862 27.59 -41.04 31.27
N ALA A 863 27.73 -40.84 29.96
CA ALA A 863 28.93 -40.18 29.45
C ALA A 863 29.00 -38.74 29.93
N ALA A 864 27.88 -38.02 29.82
CA ALA A 864 27.85 -36.65 30.30
C ALA A 864 28.05 -36.59 31.81
N GLU A 865 27.51 -37.56 32.53
CA GLU A 865 27.76 -37.61 33.97
C GLU A 865 29.23 -37.92 34.26
N LYS A 866 29.86 -38.73 33.41
CA LYS A 866 31.27 -39.03 33.55
C LYS A 866 32.10 -37.76 33.43
N SER A 867 31.83 -36.96 32.41
CA SER A 867 32.43 -35.63 32.36
C SER A 867 31.70 -34.71 33.33
N ASN A 868 32.12 -33.45 33.37
CA ASN A 868 31.46 -32.49 34.24
C ASN A 868 30.42 -31.68 33.47
N LYS A 869 29.43 -32.41 32.95
CA LYS A 869 28.23 -31.82 32.40
C LYS A 869 27.08 -32.19 33.31
N GLY A 870 26.26 -31.20 33.67
CA GLY A 870 25.26 -31.36 34.70
C GLY A 870 24.32 -32.53 34.54
N SER A 871 24.08 -33.27 35.62
CA SER A 871 23.24 -34.44 35.57
C SER A 871 21.77 -34.04 35.37
N VAL A 872 20.91 -35.06 35.32
CA VAL A 872 19.51 -34.89 35.01
C VAL A 872 18.70 -35.43 36.18
N ASN A 873 17.70 -34.67 36.64
CA ASN A 873 16.73 -35.26 37.54
C ASN A 873 16.03 -36.41 36.83
N ASP A 874 15.77 -37.49 37.57
CA ASP A 874 15.34 -38.72 36.94
C ASP A 874 13.98 -38.56 36.27
N ASN A 875 13.06 -37.83 36.88
CA ASN A 875 11.76 -37.62 36.26
C ASN A 875 11.88 -36.83 34.97
N ASP A 876 12.71 -35.78 34.98
CA ASP A 876 12.97 -35.03 33.75
C ASP A 876 13.56 -35.93 32.69
N TRP A 877 14.47 -36.82 33.07
CA TRP A 877 15.04 -37.74 32.12
C TRP A 877 13.98 -38.64 31.53
N GLN A 878 13.08 -39.15 32.36
CA GLN A 878 12.04 -40.05 31.85
C GLN A 878 11.16 -39.35 30.85
N LEU A 879 10.63 -38.18 31.22
CA LEU A 879 9.74 -37.44 30.32
C LEU A 879 10.44 -37.10 29.02
N TRP A 880 11.65 -36.54 29.13
CA TRP A 880 12.39 -36.09 27.96
C TRP A 880 12.75 -37.25 27.04
N SER A 881 13.29 -38.32 27.60
CA SER A 881 13.71 -39.46 26.79
C SER A 881 12.53 -40.14 26.14
N THR A 882 11.42 -40.29 26.87
CA THR A 882 10.26 -40.95 26.30
C THR A 882 9.69 -40.14 25.15
N ALA A 883 9.56 -38.83 25.34
CA ALA A 883 9.06 -37.98 24.26
C ALA A 883 9.99 -38.02 23.07
N LEU A 884 11.30 -37.96 23.30
CA LEU A 884 12.26 -37.98 22.21
C LEU A 884 12.16 -39.26 21.42
N LEU A 885 12.23 -40.41 22.10
CA LEU A 885 12.25 -41.67 21.39
C LEU A 885 10.95 -41.92 20.66
N GLU A 886 9.81 -41.53 21.25
CA GLU A 886 8.55 -41.72 20.55
C GLU A 886 8.46 -40.82 19.33
N GLY A 887 8.96 -39.59 19.42
CA GLY A 887 8.93 -38.71 18.27
C GLY A 887 9.80 -39.21 17.13
N ILE A 888 11.04 -39.59 17.44
CA ILE A 888 11.96 -40.06 16.39
C ILE A 888 11.52 -41.41 15.84
N HIS A 889 10.91 -42.25 16.68
CA HIS A 889 10.65 -43.64 16.36
C HIS A 889 9.76 -43.80 15.13
N ASP A 890 10.36 -44.19 14.02
CA ASP A 890 9.64 -44.50 12.78
C ASP A 890 8.72 -43.35 12.36
N ALA A 891 9.31 -42.18 12.18
CA ALA A 891 8.59 -41.04 11.63
C ALA A 891 9.46 -40.41 10.56
N GLU A 892 8.90 -40.27 9.36
CA GLU A 892 9.64 -39.80 8.21
C GLU A 892 9.58 -38.29 8.14
N PHE A 893 10.64 -37.69 7.63
CA PHE A 893 10.70 -36.25 7.48
C PHE A 893 10.50 -35.93 6.03
N ARG A 894 9.70 -34.92 5.74
CA ARG A 894 9.51 -34.52 4.36
C ARG A 894 9.66 -33.02 4.22
N PHE A 895 10.11 -32.60 3.05
CA PHE A 895 10.41 -31.21 2.77
C PHE A 895 9.14 -30.38 2.74
N ARG A 896 9.20 -29.18 3.36
CA ARG A 896 8.05 -28.29 3.37
C ARG A 896 8.29 -26.98 2.64
N TYR A 897 9.28 -26.20 3.06
CA TYR A 897 9.52 -24.91 2.44
C TYR A 897 10.87 -24.41 2.94
N LEU A 898 11.51 -23.57 2.13
CA LEU A 898 12.78 -22.98 2.51
C LEU A 898 12.63 -21.47 2.44
N LYS A 899 13.15 -20.78 3.45
CA LYS A 899 12.86 -19.38 3.61
C LYS A 899 14.12 -18.61 3.98
N ARG A 900 14.24 -17.41 3.41
CA ARG A 900 15.41 -16.58 3.59
C ARG A 900 15.11 -15.52 4.62
N GLN A 901 15.99 -15.41 5.62
CA GLN A 901 15.85 -14.38 6.63
C GLN A 901 17.22 -13.83 7.00
N SER A 902 18.03 -13.53 5.99
CA SER A 902 19.45 -13.24 6.07
C SER A 902 20.26 -14.49 6.34
N THR A 903 19.62 -15.65 6.44
CA THR A 903 20.31 -16.93 6.37
C THR A 903 19.27 -18.00 6.05
N TRP A 904 19.44 -18.67 4.92
CA TRP A 904 18.41 -19.58 4.43
C TRP A 904 18.16 -20.70 5.43
N THR A 905 16.90 -20.95 5.72
CA THR A 905 16.52 -22.07 6.56
C THR A 905 15.74 -23.04 5.70
N ALA A 906 16.06 -24.31 5.79
CA ALA A 906 15.32 -25.36 5.09
C ALA A 906 14.63 -26.20 6.13
N VAL A 907 13.31 -26.36 6.01
CA VAL A 907 12.48 -26.83 7.10
C VAL A 907 11.86 -28.17 6.74
N TYR A 908 12.06 -29.16 7.60
CA TYR A 908 11.52 -30.51 7.42
C TYR A 908 10.56 -30.82 8.56
N GLU A 909 9.33 -31.21 8.22
CA GLU A 909 8.29 -31.50 9.20
C GLU A 909 7.86 -32.95 9.12
N ALA A 910 7.85 -33.62 10.27
CA ALA A 910 7.22 -34.92 10.45
C ALA A 910 5.96 -34.75 11.29
N ARG A 911 5.34 -35.87 11.63
CA ARG A 911 4.01 -35.76 12.25
C ARG A 911 4.09 -35.42 13.73
N ARG A 912 5.22 -35.66 14.39
CA ARG A 912 5.35 -35.28 15.78
C ARG A 912 6.65 -34.57 16.11
N ALA A 913 7.64 -34.61 15.24
CA ALA A 913 8.90 -33.92 15.45
C ALA A 913 9.17 -33.05 14.25
N MET A 914 10.04 -32.06 14.42
CA MET A 914 10.27 -31.11 13.35
C MET A 914 11.73 -30.67 13.34
N LEU A 915 12.34 -30.67 12.17
CA LEU A 915 13.78 -30.51 12.03
C LEU A 915 14.09 -29.62 10.85
N SER A 916 15.08 -28.73 11.02
CA SER A 916 15.31 -27.65 10.08
C SER A 916 16.80 -27.44 9.83
N LEU A 917 17.14 -27.22 8.57
CA LEU A 917 18.50 -26.92 8.17
C LEU A 917 18.67 -25.42 8.11
N VAL A 918 19.71 -24.89 8.75
CA VAL A 918 20.01 -23.48 8.72
C VAL A 918 21.39 -23.28 8.11
N LEU A 919 21.47 -22.41 7.12
CA LEU A 919 22.71 -22.17 6.40
C LEU A 919 23.41 -20.92 6.92
N ARG A 920 23.86 -20.99 8.16
CA ARG A 920 24.61 -19.87 8.71
C ARG A 920 25.91 -19.69 7.94
N ASN A 921 26.42 -18.47 7.93
CA ASN A 921 27.65 -18.19 7.20
C ASN A 921 28.84 -18.92 7.81
N GLN A 922 28.75 -19.31 9.06
CA GLN A 922 29.75 -20.18 9.67
C GLN A 922 29.02 -21.28 10.41
N ILE A 923 29.61 -22.48 10.40
CA ILE A 923 29.12 -23.70 11.01
C ILE A 923 27.60 -23.84 10.88
N PRO A 924 27.08 -24.09 9.69
CA PRO A 924 25.66 -24.37 9.54
C PRO A 924 25.32 -25.70 10.18
N GLU A 925 24.05 -25.89 10.55
CA GLU A 925 23.69 -27.20 11.07
C GLU A 925 22.21 -27.49 10.90
N TRP A 926 21.87 -28.75 11.12
CA TRP A 926 20.50 -29.19 11.29
C TRP A 926 20.17 -29.18 12.76
N ARG A 927 18.98 -28.72 13.11
CA ARG A 927 18.55 -28.72 14.50
C ARG A 927 17.23 -29.47 14.59
N LEU A 928 17.02 -30.17 15.69
CA LEU A 928 15.86 -31.05 15.84
C LEU A 928 15.08 -30.64 17.07
N THR A 929 13.81 -30.32 16.89
CA THR A 929 12.93 -30.01 18.00
C THR A 929 11.67 -30.86 17.89
N ILE A 930 11.14 -31.27 19.04
CA ILE A 930 10.04 -32.21 19.09
C ILE A 930 8.79 -31.47 19.50
N LYS A 931 7.72 -31.60 18.71
CA LYS A 931 6.47 -30.92 19.03
C LYS A 931 5.88 -31.48 20.31
N ALA A 932 5.40 -30.59 21.16
CA ALA A 932 4.82 -30.96 22.44
C ALA A 932 3.47 -31.64 22.22
N PRO A 933 3.00 -32.41 23.19
CA PRO A 933 1.72 -33.10 23.02
C PRO A 933 0.57 -32.12 22.86
N ALA A 934 -0.49 -32.59 22.21
CA ALA A 934 -1.57 -31.69 21.80
C ALA A 934 -2.30 -31.10 22.99
N SER A 935 -2.66 -31.92 23.97
CA SER A 935 -3.34 -31.46 25.17
C SER A 935 -2.33 -31.42 26.32
N GLU A 936 -1.49 -30.40 26.31
CA GLU A 936 -0.45 -30.22 27.32
C GLU A 936 -0.49 -28.81 27.86
N PRO A 937 -0.85 -28.62 29.13
CA PRO A 937 -1.11 -27.28 29.65
C PRO A 937 0.12 -26.37 29.56
N ASN A 938 -0.14 -25.08 29.39
CA ASN A 938 0.94 -24.15 29.07
C ASN A 938 2.02 -24.12 30.14
N ASN A 939 1.69 -24.44 31.38
CA ASN A 939 2.67 -24.44 32.45
C ASN A 939 3.09 -25.84 32.84
N SER A 940 3.31 -26.72 31.86
CA SER A 940 3.76 -28.08 32.14
C SER A 940 5.26 -28.20 31.92
N GLN A 941 5.89 -29.01 32.76
CA GLN A 941 7.33 -29.22 32.64
C GLN A 941 7.69 -29.85 31.30
N LEU A 942 6.82 -30.72 30.77
CA LEU A 942 7.07 -31.34 29.49
C LEU A 942 7.13 -30.31 28.37
N ARG A 943 6.14 -29.42 28.32
CA ARG A 943 6.14 -28.36 27.31
C ARG A 943 7.32 -27.43 27.51
N ALA A 944 7.77 -27.24 28.76
CA ALA A 944 8.97 -26.47 28.96
C ALA A 944 10.19 -27.16 28.35
N LEU A 945 10.26 -28.48 28.49
CA LEU A 945 11.45 -29.20 28.05
C LEU A 945 11.54 -29.30 26.54
N LEU A 946 10.41 -29.43 25.85
CA LEU A 946 10.40 -29.62 24.40
C LEU A 946 10.28 -28.31 23.63
N LEU A 947 10.83 -27.23 24.16
CA LEU A 947 10.80 -25.94 23.49
C LEU A 947 12.00 -25.76 22.57
N HIS A 948 13.17 -25.82 23.10
CA HIS A 948 14.40 -25.64 22.34
C HIS A 948 14.74 -26.90 21.57
N PRO A 949 15.57 -26.81 20.54
CA PRO A 949 15.99 -28.03 19.83
C PRO A 949 16.85 -28.89 20.73
N VAL A 950 16.76 -30.20 20.54
CA VAL A 950 17.53 -31.13 21.35
C VAL A 950 18.72 -31.74 20.60
N ALA A 951 18.71 -31.74 19.28
CA ALA A 951 19.75 -32.41 18.51
C ALA A 951 20.27 -31.50 17.42
N ARG A 952 21.57 -31.24 17.43
CA ARG A 952 22.20 -30.41 16.41
C ARG A 952 23.21 -31.23 15.63
N LEU A 953 23.15 -31.12 14.30
CA LEU A 953 24.02 -31.82 13.36
C LEU A 953 24.85 -30.81 12.61
N GLN A 954 26.06 -30.51 13.09
CA GLN A 954 26.92 -29.63 12.33
C GLN A 954 27.26 -30.27 10.99
N ILE A 955 27.82 -29.49 10.12
CA ILE A 955 28.07 -29.97 8.78
C ILE A 955 29.57 -29.98 8.52
N ASP A 956 30.00 -30.93 7.70
CA ASP A 956 31.40 -31.06 7.32
C ASP A 956 31.68 -30.11 6.18
N ILE A 957 32.43 -29.04 6.46
CA ILE A 957 32.59 -27.96 5.50
C ILE A 957 33.41 -28.41 4.30
N ALA A 958 34.53 -29.09 4.55
CA ALA A 958 35.40 -29.50 3.45
C ALA A 958 34.75 -30.57 2.59
N GLY A 959 33.93 -31.43 3.18
CA GLY A 959 33.27 -32.47 2.43
C GLY A 959 32.24 -31.90 1.47
N GLN A 960 31.73 -32.77 0.61
CA GLN A 960 30.79 -32.35 -0.42
C GLN A 960 29.33 -32.66 -0.08
N ASP A 961 29.06 -33.57 0.84
CA ASP A 961 27.69 -33.96 1.11
C ASP A 961 27.11 -33.13 2.25
N VAL A 962 25.78 -32.99 2.23
CA VAL A 962 25.12 -32.03 3.10
C VAL A 962 24.73 -32.64 4.44
N LEU A 963 24.50 -33.95 4.49
CA LEU A 963 24.07 -34.63 5.71
C LEU A 963 25.12 -35.68 6.04
N CYS A 964 26.16 -35.26 6.74
CA CYS A 964 27.32 -36.10 6.91
C CYS A 964 28.08 -35.88 8.21
N GLY A 965 27.59 -35.02 9.10
CA GLY A 965 28.32 -34.67 10.29
C GLY A 965 28.00 -35.51 11.51
N PRO A 966 28.66 -35.21 12.62
CA PRO A 966 28.34 -35.90 13.87
C PRO A 966 27.08 -35.33 14.50
N TRP A 967 26.47 -36.12 15.36
CA TRP A 967 25.30 -35.65 16.10
C TRP A 967 25.70 -35.14 17.47
N GLU A 968 24.81 -34.36 18.06
CA GLU A 968 24.98 -33.88 19.41
C GLU A 968 23.61 -33.84 20.07
N LEU A 969 23.56 -34.08 21.37
CA LEU A 969 22.31 -34.04 22.10
C LEU A 969 22.49 -33.21 23.35
N CYS A 970 21.41 -32.61 23.84
CA CYS A 970 21.44 -31.86 25.08
C CYS A 970 20.47 -32.47 26.06
N ILE A 971 20.98 -32.93 27.19
CA ILE A 971 20.17 -33.47 28.27
C ILE A 971 19.77 -32.32 29.18
N PRO A 972 18.62 -32.35 29.81
CA PRO A 972 18.22 -31.21 30.63
C PRO A 972 19.02 -31.11 31.93
N SER A 973 20.17 -30.44 31.83
CA SER A 973 21.08 -30.37 32.97
C SER A 973 20.58 -29.41 34.04
N MET A 974 20.32 -28.15 33.67
CA MET A 974 19.93 -27.10 34.61
C MET A 974 20.96 -26.88 35.71
N LYS A 975 22.11 -26.35 35.32
CA LYS A 975 23.16 -26.00 36.26
C LYS A 975 23.28 -24.49 36.40
N THR A 976 23.27 -24.00 37.65
CA THR A 976 23.41 -22.57 37.90
C THR A 976 24.75 -22.33 38.58
N ILE A 977 25.57 -21.48 37.99
CA ILE A 977 26.86 -21.09 38.55
C ILE A 977 26.82 -19.60 38.82
N ASP A 978 27.79 -19.12 39.57
CA ASP A 978 27.84 -17.70 39.90
C ASP A 978 28.95 -17.00 39.13
N ILE A 979 28.62 -15.83 38.61
CA ILE A 979 29.57 -14.96 37.94
C ILE A 979 29.78 -13.74 38.80
N GLU A 980 30.62 -12.85 38.34
CA GLU A 980 30.73 -11.52 38.93
C GLU A 980 30.87 -10.47 37.85
N ILE A 981 29.88 -9.58 37.80
CA ILE A 981 29.81 -8.50 36.83
C ILE A 981 30.43 -7.27 37.46
N THR A 982 31.34 -6.63 36.75
CA THR A 982 32.02 -5.47 37.29
C THR A 982 31.63 -4.23 36.49
N GLY A 983 32.34 -3.14 36.72
CA GLY A 983 32.17 -1.93 35.94
C GLY A 983 33.51 -1.34 35.58
N LYS A 984 33.56 -0.73 34.41
CA LYS A 984 34.81 -0.15 33.94
C LYS A 984 34.49 0.80 32.79
N GLY A 985 35.46 1.62 32.43
CA GLY A 985 35.25 2.61 31.38
C GLY A 985 34.54 3.84 31.91
N GLU A 986 34.15 4.70 30.98
CA GLU A 986 33.48 5.93 31.35
C GLU A 986 32.01 5.66 31.68
N LEU A 987 31.22 6.72 31.78
CA LEU A 987 29.80 6.61 32.01
C LEU A 987 29.01 7.22 30.86
N LEU A 988 27.91 6.59 30.52
CA LEU A 988 27.07 6.92 29.39
C LEU A 988 25.64 7.13 29.85
N PRO A 989 24.83 7.85 29.06
CA PRO A 989 23.42 8.03 29.45
C PRO A 989 22.64 6.76 29.26
N SER A 990 21.83 6.41 30.26
CA SER A 990 21.05 5.19 30.19
C SER A 990 20.01 5.29 29.09
N TRP A 991 19.34 4.15 28.83
CA TRP A 991 18.36 4.11 27.75
C TRP A 991 17.17 5.00 28.04
N GLN A 992 16.67 4.99 29.28
CA GLN A 992 15.57 5.86 29.64
C GLN A 992 15.94 7.32 29.46
N ALA A 993 17.15 7.70 29.84
CA ALA A 993 17.54 9.08 29.64
C ALA A 993 17.79 9.40 28.18
N SER A 994 18.13 8.41 27.37
CA SER A 994 18.23 8.68 25.94
C SER A 994 16.86 8.92 25.34
N LEU A 995 15.83 8.28 25.87
CA LEU A 995 14.48 8.66 25.48
C LEU A 995 14.06 9.98 26.12
N GLY A 996 14.73 10.40 27.18
CA GLY A 996 14.51 11.72 27.71
C GLY A 996 13.49 11.83 28.82
N LEU A 997 13.07 10.72 29.39
CA LEU A 997 12.04 10.75 30.41
C LEU A 997 12.47 11.59 31.60
N GLN A 998 11.57 12.44 32.08
CA GLN A 998 11.88 13.38 33.15
C GLN A 998 11.33 12.94 34.49
N GLY A 999 11.04 11.66 34.65
CA GLY A 999 10.74 11.13 35.96
C GLY A 999 12.00 10.99 36.79
N PRO A 1000 12.09 9.92 37.59
CA PRO A 1000 13.38 9.59 38.19
C PRO A 1000 14.42 9.23 37.17
N PHE A 1001 14.01 8.84 35.96
CA PHE A 1001 14.94 8.40 34.93
C PHE A 1001 15.76 9.52 34.34
N ALA A 1002 15.50 10.77 34.70
CA ALA A 1002 16.29 11.87 34.17
C ALA A 1002 17.72 11.81 34.70
N ASN A 1003 18.66 12.08 33.81
CA ASN A 1003 20.11 12.14 34.05
C ASN A 1003 20.61 11.05 35.02
N THR A 1004 20.29 9.80 34.69
CA THR A 1004 20.97 8.64 35.25
C THR A 1004 21.93 8.10 34.21
N THR A 1005 22.86 7.26 34.65
CA THR A 1005 23.94 6.84 33.77
C THR A 1005 24.18 5.33 33.78
N ARG A 1006 24.94 4.89 32.78
CA ARG A 1006 25.16 3.48 32.50
C ARG A 1006 26.64 3.23 32.24
N TRP A 1007 27.19 2.20 32.87
CA TRP A 1007 28.60 1.87 32.65
C TRP A 1007 28.82 1.44 31.21
N SER A 1008 30.06 1.59 30.74
CA SER A 1008 30.34 1.32 29.33
C SER A 1008 31.19 0.10 29.09
N GLU A 1009 31.71 -0.55 30.13
CA GLU A 1009 32.43 -1.80 29.98
C GLU A 1009 32.13 -2.68 31.19
N VAL A 1010 31.66 -3.89 30.93
CA VAL A 1010 31.56 -4.89 31.97
C VAL A 1010 32.71 -5.85 31.77
N GLU A 1011 32.97 -6.64 32.79
CA GLU A 1011 34.00 -7.65 32.75
C GLU A 1011 33.49 -8.84 33.53
N ILE A 1012 33.60 -10.03 32.96
CA ILE A 1012 33.04 -11.23 33.58
C ILE A 1012 34.18 -12.18 33.85
N SER A 1013 34.25 -12.68 35.08
CA SER A 1013 35.25 -13.65 35.47
C SER A 1013 34.56 -14.88 36.02
N LEU A 1014 35.07 -16.05 35.66
CA LEU A 1014 34.51 -17.31 36.10
C LEU A 1014 35.62 -18.27 36.53
N GLN A 1015 35.25 -19.17 37.43
CA GLN A 1015 36.21 -20.09 38.02
C GLN A 1015 36.71 -21.10 36.98
N ALA A 1016 37.85 -21.71 37.30
CA ALA A 1016 38.49 -22.63 36.35
C ALA A 1016 37.61 -23.84 36.08
N GLU A 1017 37.00 -24.41 37.13
CA GLU A 1017 36.14 -25.56 36.94
C GLU A 1017 34.95 -25.21 36.06
N ASP A 1018 34.34 -24.06 36.29
CA ASP A 1018 33.19 -23.64 35.50
C ASP A 1018 33.57 -23.45 34.04
N GLU A 1019 34.70 -22.80 33.80
CA GLU A 1019 35.15 -22.61 32.42
C GLU A 1019 35.47 -23.93 31.74
N ASN A 1020 36.01 -24.90 32.49
CA ASN A 1020 36.22 -26.22 31.91
C ASN A 1020 34.90 -26.88 31.54
N THR A 1021 33.90 -26.76 32.40
CA THR A 1021 32.62 -27.40 32.13
C THR A 1021 31.93 -26.76 30.93
N LEU A 1022 32.05 -25.45 30.78
CA LEU A 1022 31.35 -24.77 29.69
C LEU A 1022 31.92 -25.19 28.35
N ASP A 1023 31.04 -25.27 27.34
CA ASP A 1023 31.48 -25.63 26.01
C ASP A 1023 32.30 -24.53 25.37
N ARG A 1024 31.84 -23.29 25.48
CA ARG A 1024 32.55 -22.13 24.93
C ARG A 1024 32.75 -21.10 26.04
N LYS A 1025 33.99 -20.63 26.17
CA LYS A 1025 34.38 -19.78 27.29
C LYS A 1025 33.56 -18.50 27.32
N LEU A 1026 33.42 -17.93 28.51
CA LEU A 1026 32.54 -16.81 28.72
C LEU A 1026 33.19 -15.64 29.45
N SER A 1027 34.48 -15.69 29.73
CA SER A 1027 35.14 -14.57 30.37
C SER A 1027 35.29 -13.40 29.40
N GLY A 1028 36.05 -12.40 29.82
CA GLY A 1028 36.46 -11.33 28.94
C GLY A 1028 35.78 -10.02 29.30
N THR A 1029 36.13 -8.98 28.56
CA THR A 1029 35.58 -7.66 28.76
C THR A 1029 34.68 -7.34 27.59
N TYR A 1030 33.42 -7.01 27.88
CA TYR A 1030 32.46 -6.65 26.85
C TYR A 1030 32.18 -5.16 26.94
N GLN A 1031 32.76 -4.39 26.03
CA GLN A 1031 32.29 -3.04 25.81
C GLN A 1031 30.89 -3.12 25.22
N LEU A 1032 30.09 -2.07 25.43
CA LEU A 1032 28.78 -2.07 24.80
C LEU A 1032 28.82 -1.18 23.56
N LEU A 1033 27.76 -1.26 22.77
CA LEU A 1033 27.71 -0.61 21.47
C LEU A 1033 26.48 0.26 21.42
N PRO A 1034 26.53 1.45 22.02
CA PRO A 1034 25.30 2.21 22.26
C PRO A 1034 24.59 2.60 20.98
N ARG A 1035 25.34 2.81 19.91
CA ARG A 1035 24.77 3.25 18.66
C ARG A 1035 24.12 2.12 17.89
N CYS A 1036 24.50 0.86 18.22
CA CYS A 1036 23.91 -0.38 17.63
C CYS A 1036 22.64 -0.67 18.45
N GLY A 1037 21.49 -0.99 17.83
CA GLY A 1037 20.28 -1.14 18.59
C GLY A 1037 19.91 -2.57 18.83
N GLN A 1038 19.52 -2.87 20.06
CA GLN A 1038 19.02 -4.16 20.47
C GLN A 1038 18.02 -3.89 21.59
N ALA A 1039 17.75 -4.93 22.38
CA ALA A 1039 16.62 -4.97 23.30
C ALA A 1039 16.31 -3.66 24.00
N MET A 1040 17.29 -3.14 24.70
CA MET A 1040 17.13 -1.92 25.45
C MET A 1040 18.31 -1.02 25.17
N SER A 1041 18.75 -1.05 23.92
CA SER A 1041 20.02 -0.47 23.49
C SER A 1041 21.16 -0.96 24.36
N SER A 1042 21.18 -2.27 24.59
CA SER A 1042 22.12 -2.90 25.51
C SER A 1042 22.87 -4.02 24.83
N LEU A 1043 23.42 -3.75 23.66
CA LEU A 1043 24.23 -4.73 22.96
C LEU A 1043 25.70 -4.56 23.33
N HIS A 1044 26.36 -5.68 23.65
CA HIS A 1044 27.77 -5.68 24.02
C HIS A 1044 28.54 -6.58 23.08
N LYS A 1045 29.85 -6.37 22.97
CA LYS A 1045 30.67 -7.17 22.07
C LYS A 1045 31.91 -7.65 22.81
N LYS A 1046 32.29 -8.90 22.57
CA LYS A 1046 33.37 -9.49 23.33
C LYS A 1046 34.72 -9.09 22.78
N ARG A 1047 35.57 -8.54 23.62
CA ARG A 1047 36.95 -8.31 23.24
C ARG A 1047 37.67 -9.65 23.11
N PRO A 1048 38.44 -9.87 22.04
CA PRO A 1048 39.22 -11.08 21.74
C PRO A 1048 40.06 -11.59 22.91
N ASP A 1052 40.97 -19.17 19.84
CA ASP A 1052 39.58 -18.75 19.91
C ASP A 1052 39.16 -18.06 18.62
N ASP A 1053 40.15 -17.85 17.74
CA ASP A 1053 39.93 -16.99 16.58
C ASP A 1053 38.96 -17.62 15.59
N GLY A 1054 38.91 -18.94 15.50
CA GLY A 1054 37.98 -19.57 14.57
C GLY A 1054 36.53 -19.40 14.98
N LEU A 1055 36.27 -19.44 16.28
CA LEU A 1055 34.90 -19.53 16.76
C LEU A 1055 34.17 -18.21 16.54
N PRO A 1056 32.87 -18.23 16.32
CA PRO A 1056 32.15 -16.99 16.03
C PRO A 1056 32.10 -16.05 17.22
N GLN A 1057 31.96 -14.77 16.92
CA GLN A 1057 31.88 -13.74 17.95
C GLN A 1057 30.58 -13.89 18.73
N LEU A 1058 30.64 -13.70 20.04
CA LEU A 1058 29.44 -13.77 20.84
C LEU A 1058 29.21 -12.47 21.59
N TYR A 1059 27.93 -12.14 21.76
CA TYR A 1059 27.48 -10.87 22.30
C TYR A 1059 26.69 -11.11 23.58
N PHE A 1060 26.82 -10.20 24.53
CA PHE A 1060 26.03 -10.19 25.76
C PHE A 1060 24.98 -9.11 25.66
N PHE A 1061 23.72 -9.51 25.47
CA PHE A 1061 22.66 -8.53 25.38
C PHE A 1061 21.43 -9.07 26.10
N LEU A 1062 20.30 -8.40 25.91
CA LEU A 1062 19.06 -8.75 26.58
C LEU A 1062 18.10 -9.40 25.60
N ASP A 1063 17.42 -10.45 26.03
CA ASP A 1063 16.52 -11.22 25.18
C ASP A 1063 15.13 -11.29 25.81
N PRO A 1064 14.18 -10.47 25.35
CA PRO A 1064 12.85 -10.51 25.94
C PRO A 1064 11.93 -11.47 25.19
N THR A 1065 11.20 -12.27 25.97
CA THR A 1065 10.22 -13.17 25.41
C THR A 1065 9.05 -12.38 24.85
N ARG A 1066 8.40 -12.94 23.83
CA ARG A 1066 7.46 -12.15 23.06
C ARG A 1066 6.18 -11.85 23.82
N CYS A 1067 5.86 -12.59 24.86
CA CYS A 1067 4.54 -12.44 25.46
C CYS A 1067 4.54 -12.39 26.97
N GLY A 1068 5.69 -12.47 27.63
CA GLY A 1068 5.76 -12.52 29.06
C GLY A 1068 5.67 -11.16 29.70
N GLU A 1069 5.84 -11.15 31.01
CA GLU A 1069 5.75 -9.91 31.76
C GLU A 1069 7.04 -9.12 31.63
N SER A 1070 7.16 -8.05 32.39
CA SER A 1070 8.33 -7.18 32.29
C SER A 1070 9.51 -7.71 33.08
N ARG A 1071 9.31 -8.73 33.90
CA ARG A 1071 10.39 -9.26 34.72
C ARG A 1071 11.00 -10.52 34.14
N GLU A 1072 10.26 -11.25 33.31
CA GLU A 1072 10.76 -12.50 32.78
C GLU A 1072 11.80 -12.30 31.69
N ASP A 1073 12.28 -11.09 31.48
CA ASP A 1073 13.22 -10.83 30.40
C ASP A 1073 14.62 -10.71 30.96
N ARG A 1074 15.45 -11.72 30.68
CA ARG A 1074 16.73 -11.89 31.36
C ARG A 1074 17.87 -11.76 30.36
N TYR A 1075 19.03 -11.36 30.86
CA TYR A 1075 20.18 -11.16 29.99
C TYR A 1075 20.72 -12.50 29.52
N VAL A 1076 21.16 -12.54 28.27
CA VAL A 1076 21.48 -13.79 27.59
C VAL A 1076 22.89 -13.65 27.07
N PHE A 1077 23.50 -14.77 26.71
CA PHE A 1077 24.66 -14.74 25.84
C PHE A 1077 24.26 -15.39 24.53
N SER A 1078 24.82 -14.92 23.43
CA SER A 1078 24.49 -15.55 22.16
C SER A 1078 25.58 -15.29 21.17
N THR A 1079 25.61 -16.11 20.14
CA THR A 1079 26.39 -15.85 18.94
C THR A 1079 25.52 -15.34 17.81
N SER A 1080 24.22 -15.29 18.04
CA SER A 1080 23.22 -14.93 17.05
C SER A 1080 22.44 -13.74 17.55
N THR A 1081 22.37 -12.67 16.75
CA THR A 1081 21.67 -11.46 17.15
C THR A 1081 20.67 -10.95 16.12
N GLU A 1082 20.11 -11.81 15.27
CA GLU A 1082 19.22 -11.23 14.29
C GLU A 1082 17.81 -11.12 14.86
N ARG A 1083 16.93 -10.50 14.08
CA ARG A 1083 15.52 -10.43 14.43
C ARG A 1083 14.78 -11.61 13.83
N LEU A 1084 14.00 -12.30 14.65
CA LEU A 1084 13.49 -13.62 14.34
C LEU A 1084 11.99 -13.69 14.54
N ASP A 1085 11.37 -14.68 13.90
CA ASP A 1085 9.92 -14.75 13.81
C ASP A 1085 9.34 -15.29 15.12
N TYR A 1086 8.09 -15.71 15.07
CA TYR A 1086 7.46 -16.42 16.17
C TYR A 1086 7.55 -17.91 15.91
N GLY A 1087 8.04 -18.64 16.90
CA GLY A 1087 8.24 -20.06 16.72
C GLY A 1087 9.63 -20.42 16.26
N THR A 1088 10.60 -19.57 16.51
CA THR A 1088 12.00 -19.86 16.28
C THR A 1088 12.76 -19.29 17.46
N GLU A 1089 13.79 -19.98 17.91
CA GLU A 1089 14.50 -19.57 19.11
C GLU A 1089 15.98 -19.49 18.81
N ARG A 1090 16.65 -18.56 19.44
CA ARG A 1090 18.03 -18.38 19.06
C ARG A 1090 18.91 -19.37 19.84
N PRO A 1091 20.06 -19.73 19.28
CA PRO A 1091 21.07 -20.39 20.10
C PRO A 1091 21.47 -19.52 21.27
N VAL A 1092 21.61 -20.15 22.42
CA VAL A 1092 21.85 -19.43 23.66
C VAL A 1092 22.95 -20.16 24.42
N ILE A 1093 23.99 -19.45 24.82
CA ILE A 1093 25.05 -20.11 25.55
C ILE A 1093 24.68 -20.26 27.02
N ALA A 1094 24.29 -19.18 27.67
CA ALA A 1094 23.90 -19.23 29.06
C ALA A 1094 23.09 -18.01 29.47
N ARG A 1095 21.82 -18.22 29.79
CA ARG A 1095 20.97 -17.15 30.26
C ARG A 1095 21.43 -16.70 31.63
N LEU A 1096 21.01 -15.49 32.01
CA LEU A 1096 21.42 -14.91 33.33
C LEU A 1096 20.17 -14.63 34.16
N ASP A 1097 20.36 -14.26 35.43
CA ASP A 1097 19.26 -13.96 36.32
C ASP A 1097 18.46 -12.77 35.83
N SER A 1098 17.15 -12.82 36.04
CA SER A 1098 16.27 -11.83 35.42
C SER A 1098 16.18 -10.55 36.23
N HIS A 1099 16.81 -10.50 37.40
CA HIS A 1099 16.80 -9.28 38.21
C HIS A 1099 18.08 -8.50 38.07
N TRP A 1100 18.74 -8.56 36.93
CA TRP A 1100 19.94 -7.77 36.67
C TRP A 1100 19.76 -6.98 35.40
N ARG A 1101 19.95 -5.66 35.49
CA ARG A 1101 20.00 -4.77 34.35
C ARG A 1101 21.26 -3.95 34.43
N GLU A 1102 21.50 -3.17 33.38
CA GLU A 1102 22.60 -2.23 33.39
C GLU A 1102 22.43 -1.23 34.52
N GLY A 1103 23.54 -0.85 35.12
CA GLY A 1103 23.44 0.07 36.23
C GLY A 1103 24.73 0.83 36.44
N ASN A 1104 24.68 1.74 37.40
CA ASN A 1104 25.82 2.56 37.76
C ASN A 1104 26.70 1.92 38.82
N GLU A 1105 26.26 0.82 39.43
CA GLU A 1105 26.94 0.24 40.57
C GLU A 1105 28.27 -0.40 40.16
N LYS A 1106 29.03 -0.81 41.16
CA LYS A 1106 30.37 -1.32 40.88
C LYS A 1106 30.36 -2.79 40.48
N GLN A 1107 29.99 -3.68 41.41
CA GLN A 1107 30.10 -5.09 41.08
C GLN A 1107 29.11 -5.92 41.88
N ARG A 1108 28.56 -6.94 41.21
CA ARG A 1108 27.62 -7.86 41.82
C ARG A 1108 27.92 -9.27 41.36
N LYS A 1109 27.45 -10.24 42.11
CA LYS A 1109 27.66 -11.66 41.83
C LYS A 1109 26.30 -12.27 41.56
N VAL A 1110 25.87 -12.21 40.30
CA VAL A 1110 24.54 -12.67 39.90
C VAL A 1110 24.65 -14.09 39.38
N LYS A 1111 23.53 -14.80 39.46
CA LYS A 1111 23.50 -16.22 39.13
C LYS A 1111 23.47 -16.41 37.63
N LEU A 1112 24.36 -17.24 37.11
CA LEU A 1112 24.37 -17.58 35.70
C LEU A 1112 23.91 -19.01 35.59
N ASP A 1113 22.85 -19.26 34.84
CA ASP A 1113 22.29 -20.61 34.77
C ASP A 1113 22.38 -21.14 33.34
N VAL A 1114 23.42 -21.95 33.10
CA VAL A 1114 23.61 -22.66 31.86
C VAL A 1114 22.97 -24.04 31.97
N SER A 1115 22.12 -24.37 31.01
CA SER A 1115 21.34 -25.60 31.06
C SER A 1115 21.45 -26.34 29.74
N GLY A 1116 21.39 -27.66 29.82
CA GLY A 1116 21.41 -28.46 28.61
C GLY A 1116 22.75 -28.48 27.93
N ALA A 1117 23.74 -29.13 28.55
CA ALA A 1117 25.04 -29.25 27.91
C ALA A 1117 24.95 -30.17 26.71
N TRP A 1118 25.60 -29.78 25.63
CA TRP A 1118 25.54 -30.54 24.39
C TRP A 1118 26.50 -31.72 24.43
N VAL A 1119 25.96 -32.93 24.37
CA VAL A 1119 26.72 -34.16 24.44
C VAL A 1119 26.65 -34.85 23.09
N LYS A 1120 27.78 -35.37 22.63
CA LYS A 1120 27.90 -35.94 21.29
C LYS A 1120 27.77 -37.45 21.35
N CYS A 1121 26.88 -38.00 20.53
CA CYS A 1121 26.68 -39.43 20.42
C CYS A 1121 27.07 -39.91 19.03
N PRO A 1122 27.68 -41.10 18.92
CA PRO A 1122 28.00 -41.63 17.59
C PRO A 1122 26.89 -42.44 16.96
N GLU A 1123 26.04 -43.03 17.80
CA GLU A 1123 25.13 -44.09 17.33
C GLU A 1123 24.06 -43.56 16.39
N ALA A 1124 23.63 -42.33 16.57
CA ALA A 1124 22.59 -41.78 15.70
C ALA A 1124 23.16 -41.49 14.32
N HIS A 1125 22.27 -41.49 13.32
CA HIS A 1125 22.68 -41.09 11.98
C HIS A 1125 21.45 -40.71 11.17
N LEU A 1126 21.68 -39.91 10.14
CA LEU A 1126 20.64 -39.37 9.28
C LEU A 1126 20.76 -39.93 7.87
N THR A 1127 19.72 -40.62 7.42
CA THR A 1127 19.74 -41.29 6.13
C THR A 1127 18.63 -40.74 5.25
N ALA A 1128 18.84 -40.82 3.94
CA ALA A 1128 17.82 -40.40 3.00
C ALA A 1128 16.77 -41.49 2.82
N ILE A 1129 15.74 -41.16 2.04
CA ILE A 1129 14.55 -42.00 1.84
C ILE A 1129 14.00 -42.46 3.17
N ARG A 1150 9.89 -47.37 -7.99
CA ARG A 1150 9.47 -46.99 -9.34
C ARG A 1150 8.71 -45.68 -9.34
N ALA A 1151 9.25 -44.71 -8.60
CA ALA A 1151 8.58 -43.42 -8.42
C ALA A 1151 8.66 -42.62 -9.72
N THR A 1152 7.64 -42.78 -10.55
CA THR A 1152 7.63 -42.23 -11.90
C THR A 1152 6.60 -41.14 -12.05
N PHE A 1153 6.91 -40.16 -12.89
CA PHE A 1153 5.99 -39.07 -13.22
C PHE A 1153 5.90 -38.95 -14.73
N ALA A 1154 4.72 -38.55 -15.21
CA ALA A 1154 4.41 -38.57 -16.62
C ALA A 1154 4.07 -37.17 -17.12
N ILE A 1155 4.60 -36.80 -18.27
CA ILE A 1155 4.28 -35.52 -18.89
C ILE A 1155 3.82 -35.77 -20.32
N PRO A 1156 3.09 -34.84 -20.92
CA PRO A 1156 2.75 -34.98 -22.34
C PRO A 1156 3.98 -34.72 -23.18
N SER A 1157 4.42 -35.74 -23.92
CA SER A 1157 5.68 -35.67 -24.63
C SER A 1157 5.67 -34.56 -25.67
N SER A 1158 4.66 -34.56 -26.52
CA SER A 1158 4.62 -33.68 -27.68
C SER A 1158 3.59 -32.59 -27.45
N ALA A 1159 4.02 -31.35 -27.62
CA ALA A 1159 3.07 -30.31 -27.94
C ALA A 1159 2.39 -30.66 -29.26
N SER A 1160 1.13 -30.26 -29.38
CA SER A 1160 0.27 -30.48 -30.55
C SER A 1160 -0.18 -31.94 -30.65
N ALA A 1161 0.42 -32.83 -29.87
CA ALA A 1161 -0.24 -34.10 -29.62
C ALA A 1161 -1.53 -33.86 -28.86
N ILE A 1162 -1.49 -32.93 -27.91
CA ILE A 1162 -2.71 -32.50 -27.24
C ILE A 1162 -3.68 -31.92 -28.24
N SER A 1163 -3.18 -31.07 -29.14
CA SER A 1163 -4.06 -30.41 -30.10
C SER A 1163 -4.76 -31.40 -31.00
N ALA A 1164 -4.02 -32.40 -31.48
CA ALA A 1164 -4.65 -33.46 -32.26
C ALA A 1164 -5.63 -34.27 -31.41
N SER A 1165 -5.29 -34.50 -30.15
CA SER A 1165 -6.12 -35.34 -29.29
C SER A 1165 -7.43 -34.68 -28.91
N LEU A 1166 -7.49 -33.36 -28.93
CA LEU A 1166 -8.68 -32.67 -28.46
C LEU A 1166 -9.69 -32.44 -29.59
N THR A 1167 -10.97 -32.46 -29.21
CA THR A 1167 -12.07 -32.28 -30.15
C THR A 1167 -13.05 -31.26 -29.59
N THR A 1168 -13.81 -30.67 -30.51
CA THR A 1168 -14.79 -29.65 -30.14
C THR A 1168 -16.00 -30.30 -29.48
N GLU A 1169 -16.83 -29.44 -28.85
CA GLU A 1169 -17.94 -29.86 -27.99
C GLU A 1169 -17.49 -30.83 -26.91
N GLY A 1170 -16.21 -30.79 -26.56
CA GLY A 1170 -15.68 -31.61 -25.49
C GLY A 1170 -15.34 -30.72 -24.31
N CYS A 1171 -16.18 -29.71 -24.10
CA CYS A 1171 -16.01 -28.81 -22.97
C CYS A 1171 -16.06 -29.55 -21.65
N SER A 1172 -16.69 -30.72 -21.64
CA SER A 1172 -16.98 -31.42 -20.40
C SER A 1172 -15.70 -31.92 -19.72
N HIS A 1173 -14.78 -32.50 -20.48
CA HIS A 1173 -13.69 -33.28 -19.91
C HIS A 1173 -12.36 -32.58 -20.11
N ALA A 1174 -11.63 -32.38 -19.01
CA ALA A 1174 -10.30 -31.81 -19.08
C ALA A 1174 -9.34 -32.81 -19.71
N MET A 1175 -8.15 -32.34 -20.03
CA MET A 1175 -7.14 -33.20 -20.64
C MET A 1175 -5.86 -33.13 -19.83
N ALA A 1176 -5.33 -34.30 -19.49
CA ALA A 1176 -4.33 -34.40 -18.45
C ALA A 1176 -3.03 -33.71 -18.84
N LEU A 1177 -2.34 -33.17 -17.83
CA LEU A 1177 -1.01 -32.58 -18.01
C LEU A 1177 0.07 -33.29 -17.24
N LEU A 1178 -0.25 -33.99 -16.17
CA LEU A 1178 0.79 -34.66 -15.41
C LEU A 1178 0.16 -35.73 -14.55
N SER A 1179 0.77 -36.90 -14.54
CA SER A 1179 0.34 -38.02 -13.73
C SER A 1179 1.57 -38.55 -13.04
N CYS A 1180 1.65 -38.36 -11.73
CA CYS A 1180 2.81 -38.78 -10.97
C CYS A 1180 2.45 -39.97 -10.12
N ARG A 1181 3.46 -40.76 -9.78
CA ARG A 1181 3.29 -41.88 -8.87
C ARG A 1181 4.55 -42.01 -8.02
N VAL A 1182 4.41 -41.74 -6.73
CA VAL A 1182 5.52 -41.88 -5.79
C VAL A 1182 5.04 -42.75 -4.63
N PRO A 1183 5.73 -43.84 -4.32
CA PRO A 1183 5.20 -44.79 -3.34
C PRO A 1183 5.06 -44.19 -1.95
N LEU A 1184 4.08 -44.68 -1.23
CA LEU A 1184 3.78 -44.28 0.13
C LEU A 1184 3.67 -45.53 0.99
N ASP A 1185 3.23 -45.34 2.20
CA ASP A 1185 2.86 -46.47 3.02
C ASP A 1185 1.42 -46.35 3.51
N PRO A 1186 0.70 -47.45 3.70
CA PRO A 1186 -0.66 -47.35 4.22
C PRO A 1186 -0.70 -47.02 5.70
N THR A 1187 0.44 -47.07 6.38
CA THR A 1187 0.50 -46.75 7.79
C THR A 1187 0.56 -45.24 7.98
N HIS A 1188 -0.36 -44.73 8.80
CA HIS A 1188 -0.40 -43.34 9.25
C HIS A 1188 -0.27 -42.34 8.09
N SER A 1189 -0.88 -42.69 6.97
CA SER A 1189 -0.87 -41.81 5.82
C SER A 1189 -2.12 -40.94 5.84
N GLU A 1190 -2.08 -39.87 5.05
CA GLU A 1190 -3.09 -38.82 5.11
C GLU A 1190 -4.44 -39.32 4.62
N SER A 1191 -5.48 -38.55 4.89
CA SER A 1191 -6.78 -38.82 4.31
C SER A 1191 -7.11 -37.92 3.14
N MET A 1192 -6.14 -37.11 2.68
CA MET A 1192 -6.31 -36.36 1.45
C MET A 1192 -6.15 -37.24 0.24
N TRP A 1193 -5.58 -38.43 0.41
CA TRP A 1193 -5.65 -39.48 -0.59
C TRP A 1193 -6.91 -40.31 -0.40
N ARG A 1194 -7.25 -41.08 -1.43
CA ARG A 1194 -8.32 -42.05 -1.30
C ARG A 1194 -8.00 -43.32 -2.10
N ALA A 1197 -10.06 -45.34 -6.24
CA ALA A 1197 -10.97 -44.27 -6.60
C ALA A 1197 -10.26 -42.93 -6.61
N TRP A 1198 -10.95 -41.89 -7.07
CA TRP A 1198 -10.39 -40.54 -7.14
C TRP A 1198 -11.09 -39.65 -6.12
N ALA A 1199 -10.75 -38.36 -6.16
CA ALA A 1199 -11.38 -37.39 -5.27
C ALA A 1199 -11.24 -35.99 -5.86
N GLU A 1200 -12.30 -35.20 -5.77
CA GLU A 1200 -12.20 -33.78 -6.08
C GLU A 1200 -11.31 -33.13 -5.04
N ILE A 1201 -10.25 -32.45 -5.48
CA ILE A 1201 -9.41 -31.76 -4.52
C ILE A 1201 -10.11 -30.50 -4.02
N ASP A 1202 -11.11 -30.02 -4.75
CA ASP A 1202 -11.85 -28.81 -4.41
C ASP A 1202 -10.90 -27.64 -4.19
N LEU A 1203 -10.21 -27.28 -5.27
CA LEU A 1203 -9.07 -26.38 -5.16
C LEU A 1203 -9.48 -25.01 -4.61
N SER A 1204 -10.61 -24.49 -5.06
CA SER A 1204 -11.07 -23.17 -4.62
C SER A 1204 -11.33 -23.08 -3.12
N HIS A 1205 -11.21 -24.17 -2.37
CA HIS A 1205 -11.35 -24.09 -0.92
C HIS A 1205 -10.26 -24.84 -0.16
N GLN A 1206 -9.57 -25.77 -0.83
CA GLN A 1206 -8.56 -26.57 -0.15
C GLN A 1206 -7.31 -26.78 -0.97
N GLY A 1207 -7.17 -26.16 -2.13
CA GLY A 1207 -6.01 -26.40 -2.95
C GLY A 1207 -4.78 -25.73 -2.40
N ASN A 1208 -4.96 -24.61 -1.71
CA ASN A 1208 -3.82 -23.91 -1.17
C ASN A 1208 -3.18 -24.69 -0.04
N THR A 1209 -3.97 -25.43 0.74
CA THR A 1209 -3.42 -26.31 1.75
C THR A 1209 -3.06 -27.67 1.20
N THR A 1210 -3.62 -28.06 0.05
CA THR A 1210 -3.19 -29.30 -0.58
C THR A 1210 -1.81 -29.17 -1.19
N PHE A 1211 -1.64 -28.27 -2.14
CA PHE A 1211 -0.34 -28.19 -2.80
C PHE A 1211 0.78 -27.70 -1.88
N ALA A 1212 0.51 -27.49 -0.59
CA ALA A 1212 1.59 -27.36 0.38
C ALA A 1212 2.03 -28.72 0.89
N ASN A 1213 1.10 -29.65 1.06
CA ASN A 1213 1.44 -31.00 1.48
C ASN A 1213 1.92 -31.88 0.33
N LEU A 1214 2.26 -31.30 -0.81
CA LEU A 1214 2.86 -32.02 -1.92
C LEU A 1214 4.16 -31.38 -2.37
N ALA A 1215 4.81 -30.62 -1.51
CA ALA A 1215 6.09 -30.04 -1.88
C ALA A 1215 7.13 -31.13 -2.09
N TRP A 1216 7.08 -32.18 -1.27
CA TRP A 1216 8.13 -33.19 -1.29
C TRP A 1216 8.23 -33.91 -2.63
N ILE A 1217 7.18 -33.85 -3.45
CA ILE A 1217 7.24 -34.42 -4.78
C ILE A 1217 7.19 -33.36 -5.87
N THR A 1218 6.46 -32.26 -5.69
CA THR A 1218 6.40 -31.25 -6.72
C THR A 1218 7.73 -30.53 -6.89
N GLU A 1219 8.53 -30.44 -5.83
CA GLU A 1219 9.79 -29.72 -5.95
C GLU A 1219 10.81 -30.45 -6.83
N ARG A 1220 10.61 -31.76 -7.05
CA ARG A 1220 11.54 -32.51 -7.91
C ARG A 1220 11.16 -32.42 -9.37
N LEU A 1221 9.90 -32.17 -9.69
CA LEU A 1221 9.45 -32.33 -11.06
C LEU A 1221 10.06 -31.26 -11.96
N PRO A 1222 10.50 -31.64 -13.16
CA PRO A 1222 10.94 -30.64 -14.12
C PRO A 1222 9.76 -29.81 -14.60
N PRO A 1223 9.99 -28.55 -14.99
CA PRO A 1223 8.88 -27.61 -15.14
C PRO A 1223 8.02 -27.80 -16.36
N LEU A 1224 8.29 -28.85 -17.15
CA LEU A 1224 7.56 -29.18 -18.41
C LEU A 1224 7.47 -27.94 -19.33
N ASP A 1225 8.64 -27.52 -19.84
CA ASP A 1225 8.80 -26.41 -20.76
C ASP A 1225 8.46 -26.77 -22.20
N GLY A 1226 8.08 -28.03 -22.45
CA GLY A 1226 7.83 -28.45 -23.82
C GLY A 1226 6.64 -27.75 -24.44
N LEU A 1227 5.55 -27.67 -23.68
CA LEU A 1227 4.31 -26.97 -24.14
C LEU A 1227 4.35 -25.53 -23.62
N LYS A 1228 4.96 -24.64 -24.41
CA LYS A 1228 5.15 -23.24 -24.05
C LYS A 1228 4.82 -22.33 -25.21
N ASN A 1229 4.42 -22.87 -26.35
CA ASN A 1229 4.14 -22.09 -27.53
C ASN A 1229 2.78 -22.50 -28.06
N TRP A 1230 1.98 -21.51 -28.45
CA TRP A 1230 0.60 -21.78 -28.79
C TRP A 1230 0.47 -22.61 -30.05
N ALA A 1231 -0.60 -23.40 -30.11
CA ALA A 1231 -0.96 -24.19 -31.28
C ALA A 1231 -2.37 -24.75 -31.09
N HIS A 1232 -3.19 -24.66 -32.12
CA HIS A 1232 -4.57 -25.13 -32.07
C HIS A 1232 -5.14 -25.10 -33.47
N ILE A 1233 -6.46 -25.33 -33.57
CA ILE A 1233 -7.15 -25.31 -34.84
C ILE A 1233 -7.27 -23.89 -35.37
N ALA A 1234 -7.67 -23.78 -36.63
CA ALA A 1234 -7.92 -22.50 -37.28
C ALA A 1234 -9.19 -22.59 -38.11
N ASP A 1235 -9.58 -21.46 -38.71
CA ASP A 1235 -10.84 -21.33 -39.45
C ASP A 1235 -12.03 -21.76 -38.59
N ASP A 1236 -11.92 -21.49 -37.30
CA ASP A 1236 -13.00 -21.81 -36.36
C ASP A 1236 -14.17 -20.87 -36.60
N VAL A 1237 -15.32 -21.25 -36.02
CA VAL A 1237 -16.57 -20.55 -36.32
C VAL A 1237 -16.41 -19.09 -35.97
N SER A 1238 -16.82 -18.22 -36.90
CA SER A 1238 -16.51 -16.80 -36.76
C SER A 1238 -17.35 -16.13 -35.68
N GLU A 1239 -18.35 -16.83 -35.15
CA GLU A 1239 -19.20 -16.32 -34.09
C GLU A 1239 -19.78 -17.51 -33.33
N HIS A 1240 -19.63 -17.52 -32.01
CA HIS A 1240 -20.25 -18.56 -31.21
C HIS A 1240 -20.26 -18.13 -29.76
N VAL A 1241 -21.24 -18.65 -29.01
CA VAL A 1241 -21.29 -18.54 -27.57
C VAL A 1241 -21.61 -19.92 -27.01
N CYS A 1242 -20.74 -20.44 -26.14
CA CYS A 1242 -20.98 -21.78 -25.63
C CYS A 1242 -22.10 -21.81 -24.62
N GLU A 1243 -22.29 -20.74 -23.85
CA GLU A 1243 -23.33 -20.61 -22.84
C GLU A 1243 -23.23 -21.68 -21.77
N ARG A 1244 -22.14 -22.43 -21.75
CA ARG A 1244 -21.75 -23.22 -20.60
C ARG A 1244 -20.35 -22.91 -20.12
N CYS A 1245 -19.46 -22.49 -21.02
CA CYS A 1245 -18.16 -21.96 -20.62
C CYS A 1245 -18.17 -20.46 -20.44
N ALA A 1246 -19.12 -19.76 -21.05
CA ALA A 1246 -19.14 -18.31 -21.04
C ALA A 1246 -20.54 -17.80 -21.38
N PRO A 1247 -21.46 -17.81 -20.42
CA PRO A 1247 -22.83 -17.39 -20.72
C PRO A 1247 -22.91 -15.90 -21.02
N ARG A 1248 -24.02 -15.52 -21.63
CA ARG A 1248 -24.16 -14.17 -22.16
C ARG A 1248 -24.53 -13.20 -21.05
N PRO A 1249 -23.75 -12.14 -20.82
CA PRO A 1249 -24.14 -11.14 -19.84
C PRO A 1249 -25.42 -10.46 -20.25
N PRO A 1250 -26.23 -10.02 -19.29
CA PRO A 1250 -27.59 -9.59 -19.59
C PRO A 1250 -27.62 -8.23 -20.27
N LYS A 1251 -28.84 -7.77 -20.54
CA LYS A 1251 -29.05 -6.54 -21.29
C LYS A 1251 -29.59 -5.43 -20.40
N ILE A 1252 -29.20 -4.20 -20.72
CA ILE A 1252 -29.36 -3.05 -19.86
C ILE A 1252 -30.47 -2.16 -20.41
N HIS A 1253 -31.28 -1.61 -19.51
CA HIS A 1253 -32.35 -0.69 -19.88
C HIS A 1253 -32.08 0.70 -19.32
N TRP A 1254 -33.04 1.60 -19.48
CA TRP A 1254 -32.99 2.92 -18.87
C TRP A 1254 -34.38 3.37 -18.48
N ILE A 1255 -34.44 4.24 -17.47
CA ILE A 1255 -35.70 4.68 -16.89
C ILE A 1255 -36.27 5.85 -17.67
N LYS A 1256 -35.47 6.89 -17.88
CA LYS A 1256 -35.99 8.11 -18.48
C LYS A 1256 -34.88 8.98 -19.08
N THR A 1271 -32.77 12.38 -14.90
CA THR A 1271 -31.75 11.41 -14.54
C THR A 1271 -31.95 10.10 -15.29
N ILE A 1272 -30.98 9.19 -15.16
CA ILE A 1272 -31.06 7.87 -15.77
C ILE A 1272 -30.75 6.82 -14.71
N ILE A 1273 -31.54 5.75 -14.71
CA ILE A 1273 -31.36 4.62 -13.81
C ILE A 1273 -31.53 3.34 -14.63
N ALA A 1274 -30.56 2.44 -14.53
CA ALA A 1274 -30.53 1.24 -15.35
C ALA A 1274 -30.82 -0.01 -14.52
N PHE A 1275 -31.35 -1.03 -15.19
CA PHE A 1275 -31.72 -2.27 -14.54
C PHE A 1275 -31.21 -3.44 -15.36
N GLU A 1276 -31.68 -4.64 -15.00
CA GLU A 1276 -31.40 -5.84 -15.77
C GLU A 1276 -32.68 -6.61 -15.98
N ASP A 1277 -32.78 -7.27 -17.14
CA ASP A 1277 -33.94 -8.08 -17.49
C ASP A 1277 -34.12 -9.19 -16.48
N LYS A 1278 -35.37 -9.44 -16.07
CA LYS A 1278 -35.60 -10.51 -15.12
C LYS A 1278 -35.23 -11.86 -15.71
N LEU A 1279 -35.77 -12.18 -16.88
CA LEU A 1279 -35.53 -13.48 -17.51
C LEU A 1279 -34.05 -13.66 -17.85
N GLU A 1280 -33.47 -12.66 -18.54
CA GLU A 1280 -32.08 -12.76 -18.97
C GLU A 1280 -31.13 -12.80 -17.78
N ALA A 1281 -31.39 -12.00 -16.74
CA ALA A 1281 -30.51 -12.00 -15.59
C ALA A 1281 -30.61 -13.31 -14.82
N GLY A 1282 -31.81 -13.88 -14.69
CA GLY A 1282 -31.93 -15.17 -14.03
C GLY A 1282 -31.20 -16.26 -14.79
N GLN A 1283 -31.33 -16.27 -16.11
CA GLN A 1283 -30.58 -17.23 -16.91
C GLN A 1283 -29.08 -17.00 -16.76
N TYR A 1284 -28.65 -15.74 -16.64
CA TYR A 1284 -27.25 -15.43 -16.45
C TYR A 1284 -26.74 -15.99 -15.12
N GLU A 1285 -27.51 -15.78 -14.05
CA GLU A 1285 -27.09 -16.31 -12.76
C GLU A 1285 -26.97 -17.83 -12.81
N HIS A 1286 -27.95 -18.48 -13.43
CA HIS A 1286 -27.95 -19.94 -13.48
C HIS A 1286 -26.74 -20.46 -14.26
N ALA A 1287 -26.55 -19.97 -15.48
CA ALA A 1287 -25.48 -20.47 -16.32
C ALA A 1287 -24.13 -19.91 -15.92
N LEU A 1288 -24.10 -18.98 -14.97
CA LEU A 1288 -22.83 -18.54 -14.41
C LEU A 1288 -22.44 -19.39 -13.22
N LYS A 1289 -23.42 -19.78 -12.41
CA LYS A 1289 -23.12 -20.66 -11.29
C LYS A 1289 -22.75 -22.05 -11.78
N HIS A 1290 -23.28 -22.47 -12.93
CA HIS A 1290 -22.91 -23.78 -13.48
C HIS A 1290 -21.92 -23.61 -14.63
N ARG A 1291 -20.65 -23.45 -14.26
CA ARG A 1291 -19.57 -23.21 -15.20
C ARG A 1291 -18.48 -24.24 -14.98
N PRO A 1292 -17.72 -24.59 -16.03
CA PRO A 1292 -16.79 -25.71 -15.91
C PRO A 1292 -15.54 -25.32 -15.15
N SER A 1293 -14.87 -26.34 -14.67
CA SER A 1293 -13.65 -26.19 -13.91
C SER A 1293 -12.46 -25.98 -14.85
N PRO A 1294 -11.67 -24.93 -14.66
CA PRO A 1294 -10.54 -24.74 -15.55
C PRO A 1294 -9.37 -25.66 -15.24
N PHE A 1295 -9.12 -25.95 -13.96
CA PHE A 1295 -8.11 -26.91 -13.55
C PHE A 1295 -8.76 -27.99 -12.71
N VAL A 1296 -8.36 -29.24 -12.92
CA VAL A 1296 -8.78 -30.34 -12.08
C VAL A 1296 -7.53 -31.02 -11.55
N VAL A 1297 -7.50 -31.28 -10.25
CA VAL A 1297 -6.43 -32.06 -9.63
C VAL A 1297 -7.09 -33.10 -8.75
N GLN A 1298 -6.66 -34.35 -8.88
CA GLN A 1298 -7.26 -35.44 -8.13
C GLN A 1298 -6.15 -36.34 -7.59
N LEU A 1299 -6.45 -37.02 -6.48
CA LEU A 1299 -5.50 -37.87 -5.79
C LEU A 1299 -6.11 -39.24 -5.55
N ARG A 1300 -5.30 -40.29 -5.73
CA ARG A 1300 -5.76 -41.66 -5.57
C ARG A 1300 -4.70 -42.49 -4.87
N LEU A 1301 -5.13 -43.33 -3.92
CA LEU A 1301 -4.27 -44.27 -3.22
C LEU A 1301 -4.96 -45.62 -3.19
N ASP A 1302 -4.58 -46.50 -4.10
CA ASP A 1302 -5.14 -47.85 -4.17
C ASP A 1302 -4.00 -48.84 -4.01
N GLN A 1303 -4.03 -49.60 -2.90
CA GLN A 1303 -3.03 -50.62 -2.58
C GLN A 1303 -1.66 -49.97 -2.48
N ASP A 1304 -1.55 -49.14 -1.43
CA ASP A 1304 -0.38 -48.42 -0.91
C ASP A 1304 0.58 -47.94 -1.98
N ILE A 1305 0.06 -47.42 -3.07
CA ILE A 1305 0.86 -46.73 -4.07
C ILE A 1305 0.16 -45.42 -4.39
N GLY A 1306 0.91 -44.33 -4.41
CA GLY A 1306 0.34 -43.00 -4.49
C GLY A 1306 0.39 -42.49 -5.92
N SER A 1307 -0.71 -41.88 -6.36
CA SER A 1307 -0.82 -41.41 -7.72
C SER A 1307 -1.79 -40.24 -7.79
N PHE A 1308 -1.38 -39.18 -8.47
CA PHE A 1308 -2.24 -38.04 -8.68
C PHE A 1308 -2.09 -37.51 -10.10
N ARG A 1309 -3.17 -36.92 -10.60
CA ARG A 1309 -3.28 -36.50 -11.98
C ARG A 1309 -3.76 -35.05 -12.03
N ILE A 1310 -3.23 -34.28 -12.96
CA ILE A 1310 -3.57 -32.87 -13.13
C ILE A 1310 -4.36 -32.71 -14.42
N GLY A 1311 -5.53 -32.09 -14.32
CA GLY A 1311 -6.37 -31.94 -15.49
C GLY A 1311 -6.65 -30.51 -15.85
N LEU A 1312 -6.47 -30.16 -17.11
CA LEU A 1312 -6.67 -28.81 -17.61
C LEU A 1312 -7.68 -28.85 -18.75
N ASN A 1313 -8.59 -27.88 -18.77
CA ASN A 1313 -9.49 -27.68 -19.91
C ASN A 1313 -8.84 -26.75 -20.92
N ILE A 1314 -8.86 -27.15 -22.18
CA ILE A 1314 -8.44 -26.27 -23.25
C ILE A 1314 -9.64 -25.61 -23.91
N VAL A 1315 -10.67 -26.40 -24.17
CA VAL A 1315 -11.85 -25.90 -24.85
C VAL A 1315 -12.49 -24.79 -24.05
N SER A 1316 -12.45 -24.87 -22.73
CA SER A 1316 -13.13 -23.85 -21.94
C SER A 1316 -12.41 -22.52 -22.01
N LEU A 1317 -11.08 -22.53 -21.91
CA LEU A 1317 -10.35 -21.28 -22.09
C LEU A 1317 -10.58 -20.73 -23.49
N ALA A 1318 -10.61 -21.62 -24.49
CA ALA A 1318 -10.82 -21.15 -25.86
C ALA A 1318 -12.19 -20.52 -26.02
N HIS A 1319 -13.22 -21.12 -25.43
CA HIS A 1319 -14.58 -20.58 -25.58
C HIS A 1319 -14.72 -19.26 -24.86
N ARG A 1320 -14.08 -19.10 -23.70
CA ARG A 1320 -14.08 -17.78 -23.07
C ARG A 1320 -13.37 -16.76 -23.95
N ALA A 1321 -12.27 -17.17 -24.59
CA ALA A 1321 -11.57 -16.27 -25.50
C ALA A 1321 -12.48 -15.81 -26.63
N LEU A 1322 -13.22 -16.73 -27.25
CA LEU A 1322 -14.15 -16.35 -28.31
C LEU A 1322 -15.27 -15.47 -27.79
N SER A 1323 -15.82 -15.79 -26.62
CA SER A 1323 -16.95 -15.00 -26.12
C SER A 1323 -16.54 -13.58 -25.79
N ARG A 1324 -15.25 -13.34 -25.52
CA ARG A 1324 -14.83 -11.96 -25.35
C ARG A 1324 -14.97 -11.17 -26.64
N LEU A 1325 -14.65 -11.77 -27.78
CA LEU A 1325 -14.62 -11.04 -29.05
C LEU A 1325 -16.03 -10.71 -29.54
N PRO A 1326 -16.19 -9.62 -30.31
CA PRO A 1326 -17.47 -9.16 -30.87
C PRO A 1326 -18.02 -10.02 -32.01
N LYS A 1333 -13.16 -16.68 -39.54
CA LYS A 1333 -11.72 -16.75 -39.75
C LYS A 1333 -10.96 -16.52 -38.45
N ILE A 1334 -11.59 -16.84 -37.32
CA ILE A 1334 -10.98 -16.69 -36.01
C ILE A 1334 -10.15 -17.93 -35.71
N SER A 1335 -8.84 -17.76 -35.55
CA SER A 1335 -7.93 -18.89 -35.38
C SER A 1335 -7.40 -18.92 -33.96
N LEU A 1336 -7.75 -19.97 -33.23
CA LEU A 1336 -7.54 -20.07 -31.79
C LEU A 1336 -6.11 -20.50 -31.47
N SER A 1337 -5.84 -20.69 -30.18
CA SER A 1337 -4.50 -21.06 -29.70
C SER A 1337 -4.60 -21.40 -28.21
N TRP A 1338 -3.50 -21.92 -27.67
CA TRP A 1338 -3.38 -22.18 -26.24
C TRP A 1338 -1.93 -22.47 -25.90
N ARG A 1339 -1.49 -22.03 -24.73
CA ARG A 1339 -0.15 -22.34 -24.28
C ARG A 1339 -0.14 -22.29 -22.76
N LEU A 1340 0.89 -22.88 -22.18
CA LEU A 1340 1.03 -22.91 -20.73
C LEU A 1340 2.45 -22.50 -20.36
N THR A 1341 2.56 -21.69 -19.32
CA THR A 1341 3.81 -21.11 -18.89
C THR A 1341 4.15 -21.58 -17.49
N PRO A 1342 5.35 -22.07 -17.25
CA PRO A 1342 5.70 -22.55 -15.92
C PRO A 1342 6.42 -21.49 -15.10
N GLY A 1343 6.22 -21.59 -13.79
CA GLY A 1343 7.04 -20.86 -12.84
C GLY A 1343 7.01 -19.35 -12.95
N HIS A 1344 5.84 -18.74 -12.99
CA HIS A 1344 5.80 -17.29 -13.02
C HIS A 1344 5.54 -16.78 -11.61
N VAL A 1345 6.37 -15.84 -11.17
CA VAL A 1345 6.10 -15.10 -9.95
C VAL A 1345 6.40 -13.65 -10.25
N GLN A 1350 5.25 -2.77 -10.05
CA GLN A 1350 5.88 -2.35 -11.31
C GLN A 1350 5.31 -1.02 -11.77
N PRO A 1351 6.18 -0.13 -12.25
CA PRO A 1351 5.72 1.18 -12.73
C PRO A 1351 4.91 1.05 -14.00
N ARG A 1352 4.02 2.03 -14.20
CA ARG A 1352 3.23 2.09 -15.42
C ARG A 1352 4.14 2.26 -16.63
N ARG A 1353 3.89 1.46 -17.66
CA ARG A 1353 4.77 1.43 -18.82
C ARG A 1353 4.65 2.72 -19.62
N VAL A 1354 5.79 3.22 -20.08
CA VAL A 1354 5.79 4.38 -20.96
C VAL A 1354 5.38 3.92 -22.35
N PHE A 1355 4.75 4.81 -23.10
CA PHE A 1355 4.24 4.49 -24.43
C PHE A 1355 4.90 5.39 -25.44
N ILE A 1356 5.79 4.83 -26.25
CA ILE A 1356 6.57 5.59 -27.20
C ILE A 1356 5.89 5.54 -28.55
N LEU A 1357 6.35 6.40 -29.46
CA LEU A 1357 5.81 6.48 -30.80
C LEU A 1357 6.93 6.33 -31.82
N PRO A 1358 6.70 5.58 -32.90
CA PRO A 1358 7.75 5.35 -33.90
C PRO A 1358 7.81 6.51 -34.89
N SER A 1359 9.02 7.06 -35.07
CA SER A 1359 9.18 8.22 -35.93
C SER A 1359 8.97 7.84 -37.39
N ASN A 1360 8.70 8.87 -38.20
CA ASN A 1360 8.58 8.74 -39.65
C ASN A 1360 9.92 9.15 -40.24
N LYS A 1361 10.87 8.23 -40.24
CA LYS A 1361 12.25 8.55 -40.58
C LYS A 1361 12.84 7.43 -41.41
N GLN A 1362 13.83 7.77 -42.24
CA GLN A 1362 14.58 6.82 -43.04
C GLN A 1362 13.64 6.02 -43.94
N ASP A 1363 12.74 6.73 -44.60
CA ASP A 1363 11.72 6.12 -45.43
C ASP A 1363 11.78 6.68 -46.85
N PRO A 1364 11.37 5.89 -47.85
CA PRO A 1364 11.27 6.35 -49.25
C PRO A 1364 10.33 7.51 -49.45
N LYS A 1378 11.08 18.76 -48.18
CA LYS A 1378 11.76 17.47 -48.15
C LYS A 1378 10.98 16.45 -47.30
N GLU A 1379 10.83 16.76 -46.00
CA GLU A 1379 10.06 15.90 -45.13
C GLU A 1379 8.59 15.89 -45.53
N GLN A 1380 8.14 16.96 -46.17
CA GLN A 1380 6.81 16.97 -46.78
C GLN A 1380 6.69 15.90 -47.85
N LEU A 1381 7.77 15.66 -48.60
CA LEU A 1381 7.72 14.61 -49.61
C LEU A 1381 7.82 13.23 -48.97
N ARG A 1382 8.71 13.06 -47.99
CA ARG A 1382 8.97 11.72 -47.45
C ARG A 1382 7.80 11.22 -46.62
N SER A 1383 7.23 12.08 -45.77
CA SER A 1383 6.11 11.67 -44.94
C SER A 1383 4.89 11.33 -45.76
N LEU A 1384 4.85 11.69 -47.03
CA LEU A 1384 3.79 11.24 -47.92
C LEU A 1384 3.95 9.77 -48.28
N TRP A 1385 5.18 9.27 -48.31
CA TRP A 1385 5.39 7.89 -48.78
C TRP A 1385 4.69 6.90 -47.89
N TRP A 1386 4.78 7.08 -46.59
CA TRP A 1386 4.11 6.17 -45.67
C TRP A 1386 2.61 6.39 -45.69
N MET A 1387 2.13 7.49 -46.27
CA MET A 1387 0.72 7.80 -46.33
C MET A 1387 0.01 7.05 -47.47
N LEU A 1388 0.50 7.23 -48.69
CA LEU A 1388 -0.17 6.68 -49.88
C LEU A 1388 -0.12 5.16 -49.92
N GLU A 1389 1.07 4.58 -49.75
CA GLU A 1389 1.19 3.14 -49.89
C GLU A 1389 0.39 2.43 -48.81
N GLN A 1390 0.30 3.03 -47.63
CA GLN A 1390 -0.57 2.48 -46.60
C GLN A 1390 -2.03 2.62 -46.99
N GLU A 1391 -2.38 3.74 -47.63
CA GLU A 1391 -3.74 3.92 -48.10
C GLU A 1391 -4.11 2.84 -49.12
N LYS A 1392 -3.20 2.56 -50.04
CA LYS A 1392 -3.47 1.51 -51.01
C LYS A 1392 -3.36 0.13 -50.38
N ALA A 1393 -2.43 -0.05 -49.43
CA ALA A 1393 -2.17 -1.32 -48.75
C ALA A 1393 -1.82 -2.42 -49.77
N THR A 1394 -0.69 -2.22 -50.43
CA THR A 1394 -0.25 -3.14 -51.48
C THR A 1394 0.11 -4.49 -50.89
N GLY A 1395 -0.63 -5.52 -51.29
CA GLY A 1395 -0.59 -6.79 -50.59
C GLY A 1395 -1.41 -6.69 -49.32
N LYS A 1396 -0.75 -6.82 -48.17
CA LYS A 1396 -1.30 -6.53 -46.84
C LYS A 1396 -2.67 -7.15 -46.66
N THR A 1397 -2.70 -8.48 -46.66
CA THR A 1397 -3.95 -9.19 -46.47
C THR A 1397 -4.56 -8.87 -45.11
N HIS A 1398 -3.75 -8.85 -44.06
CA HIS A 1398 -4.19 -8.47 -42.72
C HIS A 1398 -3.22 -7.41 -42.22
N THR A 1399 -3.71 -6.17 -42.10
CA THR A 1399 -2.84 -5.11 -41.59
C THR A 1399 -2.65 -5.25 -40.10
N PHE A 1400 -3.67 -5.68 -39.38
CA PHE A 1400 -3.59 -5.88 -37.94
C PHE A 1400 -4.31 -7.15 -37.55
N VAL A 1401 -3.73 -7.88 -36.60
CA VAL A 1401 -4.29 -9.14 -36.12
C VAL A 1401 -4.77 -8.91 -34.69
N GLU A 1402 -6.07 -9.03 -34.48
CA GLU A 1402 -6.63 -8.71 -33.17
C GLU A 1402 -6.24 -9.79 -32.18
N GLU A 1403 -6.80 -9.71 -30.97
CA GLU A 1403 -6.44 -10.71 -29.97
C GLU A 1403 -7.48 -10.72 -28.87
N GLU A 1404 -7.50 -11.82 -28.13
CA GLU A 1404 -8.07 -11.89 -26.79
C GLU A 1404 -7.34 -13.01 -26.06
N ILE A 1405 -7.40 -12.98 -24.74
CA ILE A 1405 -6.71 -13.97 -23.92
C ILE A 1405 -7.59 -14.26 -22.72
N SER A 1406 -7.96 -15.51 -22.55
CA SER A 1406 -8.86 -15.92 -21.48
C SER A 1406 -8.11 -16.92 -20.64
N GLU A 1407 -7.50 -16.45 -19.56
CA GLU A 1407 -6.45 -17.21 -18.90
C GLU A 1407 -6.78 -17.43 -17.44
N SER A 1408 -6.51 -18.65 -16.98
CA SER A 1408 -6.62 -19.00 -15.57
C SER A 1408 -5.32 -19.65 -15.15
N LEU A 1409 -5.00 -19.56 -13.86
CA LEU A 1409 -3.69 -19.95 -13.39
C LEU A 1409 -3.79 -20.78 -12.12
N LEU A 1410 -2.75 -21.58 -11.89
CA LEU A 1410 -2.61 -22.38 -10.69
C LEU A 1410 -1.59 -21.71 -9.79
N PRO A 1411 -1.98 -21.26 -8.60
CA PRO A 1411 -1.09 -20.43 -7.80
C PRO A 1411 0.13 -21.18 -7.28
N ALA A 1412 -0.08 -22.31 -6.61
CA ALA A 1412 1.00 -22.92 -5.85
C ALA A 1412 2.02 -23.58 -6.75
N VAL A 1413 1.57 -24.41 -7.68
CA VAL A 1413 2.50 -25.13 -8.55
C VAL A 1413 3.32 -24.17 -9.39
N GLY A 1414 2.72 -23.07 -9.85
CA GLY A 1414 3.45 -22.09 -10.62
C GLY A 1414 3.23 -22.21 -12.11
N TRP A 1415 1.97 -22.36 -12.52
CA TRP A 1415 1.61 -22.37 -13.93
C TRP A 1415 0.50 -21.37 -14.20
N ARG A 1416 0.50 -20.84 -15.42
CA ARG A 1416 -0.58 -19.98 -15.90
C ARG A 1416 -0.86 -20.32 -17.35
N ALA A 1417 -2.06 -20.82 -17.63
CA ALA A 1417 -2.41 -21.26 -18.96
C ALA A 1417 -3.40 -20.30 -19.57
N GLU A 1418 -3.08 -19.81 -20.76
CA GLU A 1418 -3.93 -18.86 -21.47
C GLU A 1418 -4.83 -19.64 -22.42
N GLY A 1419 -5.64 -18.90 -23.18
CA GLY A 1419 -6.24 -19.39 -24.39
C GLY A 1419 -6.53 -18.21 -25.30
N LYS A 1420 -5.99 -18.20 -26.51
CA LYS A 1420 -5.99 -17.00 -27.33
C LYS A 1420 -6.86 -17.19 -28.55
N ALA A 1421 -7.85 -16.32 -28.72
CA ALA A 1421 -8.67 -16.28 -29.92
C ALA A 1421 -8.40 -14.98 -30.64
N GLU A 1422 -7.95 -15.07 -31.88
CA GLU A 1422 -7.57 -13.86 -32.60
C GLU A 1422 -8.31 -13.76 -33.92
N ARG A 1423 -8.81 -12.56 -34.21
CA ARG A 1423 -9.47 -12.25 -35.45
C ARG A 1423 -8.53 -11.43 -36.31
N PRO A 1424 -8.11 -11.91 -37.47
CA PRO A 1424 -7.34 -11.04 -38.36
C PRO A 1424 -8.27 -10.06 -39.07
N VAL A 1425 -7.81 -8.82 -39.18
CA VAL A 1425 -8.60 -7.74 -39.76
C VAL A 1425 -7.71 -6.97 -40.75
N MET A 1426 -8.36 -6.29 -41.69
CA MET A 1426 -7.67 -5.45 -42.66
C MET A 1426 -8.29 -4.06 -42.64
N VAL A 1427 -7.45 -3.03 -42.55
CA VAL A 1427 -7.91 -1.66 -42.43
C VAL A 1427 -6.84 -0.72 -42.96
N ARG A 1428 -7.27 0.45 -43.44
CA ARG A 1428 -6.40 1.47 -44.01
C ARG A 1428 -6.44 2.73 -43.18
N GLY A 1429 -5.40 3.55 -43.28
CA GLY A 1429 -5.39 4.82 -42.60
C GLY A 1429 -4.16 4.96 -41.74
N GLY A 1430 -4.25 5.85 -40.76
CA GLY A 1430 -3.16 6.05 -39.83
C GLY A 1430 -3.36 7.32 -39.03
N VAL A 1431 -2.44 7.55 -38.11
CA VAL A 1431 -2.43 8.72 -37.24
C VAL A 1431 -1.06 9.35 -37.29
N ILE A 1432 -1.01 10.66 -37.49
CA ILE A 1432 0.25 11.40 -37.58
C ILE A 1432 0.22 12.54 -36.57
N ALA A 1433 1.37 12.78 -35.93
CA ALA A 1433 1.49 13.82 -34.91
C ALA A 1433 2.78 14.58 -35.12
N ASP A 1434 2.67 15.83 -35.57
CA ASP A 1434 3.86 16.63 -35.81
C ASP A 1434 4.56 17.03 -34.51
N THR A 1441 -1.83 19.05 -41.77
CA THR A 1441 -2.89 19.71 -42.52
C THR A 1441 -2.35 20.18 -43.85
N VAL A 1442 -1.02 20.26 -43.92
CA VAL A 1442 -0.36 20.77 -45.11
C VAL A 1442 -0.08 19.65 -46.11
N ILE A 1443 -0.06 18.40 -45.63
CA ILE A 1443 0.22 17.25 -46.48
C ILE A 1443 -1.07 16.52 -46.81
N SER A 1444 -2.01 16.52 -45.86
CA SER A 1444 -3.29 15.87 -46.09
C SER A 1444 -3.99 16.45 -47.31
N ILE A 1445 -4.08 17.78 -47.37
CA ILE A 1445 -4.66 18.42 -48.56
C ILE A 1445 -3.78 18.17 -49.78
N ALA A 1446 -2.47 18.03 -49.57
CA ALA A 1446 -1.59 17.66 -50.66
C ALA A 1446 -1.76 16.21 -51.07
N LEU A 1447 -2.53 15.44 -50.31
CA LEU A 1447 -2.77 14.03 -50.59
C LEU A 1447 -4.13 13.76 -51.22
N VAL A 1448 -5.16 14.50 -50.82
CA VAL A 1448 -6.52 14.13 -51.19
C VAL A 1448 -6.75 14.31 -52.69
N ALA A 1449 -6.05 15.26 -53.31
CA ALA A 1449 -6.20 15.45 -54.75
C ALA A 1449 -5.85 14.19 -55.53
N GLN A 1450 -4.83 13.45 -55.08
CA GLN A 1450 -4.40 12.28 -55.82
C GLN A 1450 -5.32 11.08 -55.60
N THR A 1451 -5.87 10.91 -54.40
CA THR A 1451 -6.66 9.71 -54.10
C THR A 1451 -7.93 9.65 -54.92
N LEU A 1452 -8.47 10.80 -55.32
CA LEU A 1452 -9.65 10.78 -56.18
C LEU A 1452 -9.27 10.55 -57.63
N SER A 1453 -7.99 10.66 -57.96
CA SER A 1453 -7.49 10.31 -59.28
C SER A 1453 -6.91 8.90 -59.27
N ASP A 1466 -22.53 8.45 -49.27
CA ASP A 1466 -22.24 9.28 -50.43
C ASP A 1466 -21.33 8.53 -51.40
N LEU A 1467 -21.25 9.00 -52.64
CA LEU A 1467 -20.46 8.32 -53.64
C LEU A 1467 -18.97 8.66 -53.49
N LYS A 1468 -18.62 9.93 -53.68
CA LYS A 1468 -17.23 10.35 -53.56
C LYS A 1468 -17.18 11.71 -52.91
N ALA A 1469 -16.79 11.75 -51.63
CA ALA A 1469 -16.77 12.98 -50.86
C ALA A 1469 -15.91 12.81 -49.61
N THR A 1470 -14.97 13.72 -49.37
CA THR A 1470 -14.07 13.63 -48.23
C THR A 1470 -14.45 14.66 -47.17
N LEU A 1471 -14.51 14.22 -45.92
CA LEU A 1471 -14.95 15.06 -44.82
C LEU A 1471 -13.79 15.37 -43.91
N ILE A 1472 -13.79 16.57 -43.33
CA ILE A 1472 -12.82 17.00 -42.33
C ILE A 1472 -13.55 17.71 -41.21
N VAL A 1473 -13.25 17.34 -39.96
CA VAL A 1473 -13.93 17.91 -38.80
C VAL A 1473 -12.92 18.69 -37.97
N VAL A 1474 -13.18 19.99 -37.79
CA VAL A 1474 -12.30 20.91 -37.08
C VAL A 1474 -13.12 21.53 -35.96
N PRO A 1475 -12.56 21.84 -34.79
CA PRO A 1475 -13.39 22.34 -33.68
C PRO A 1475 -14.18 23.60 -33.99
N GLY A 1476 -13.64 24.51 -34.80
CA GLY A 1476 -14.31 25.77 -35.04
C GLY A 1476 -13.41 26.94 -34.76
N HIS A 1477 -12.50 26.77 -33.80
CA HIS A 1477 -11.43 27.74 -33.62
C HIS A 1477 -10.59 27.83 -34.88
N LEU A 1478 -10.38 26.70 -35.55
CA LEU A 1478 -9.32 26.55 -36.53
C LEU A 1478 -9.85 26.15 -37.91
N SER A 1479 -11.15 26.29 -38.14
CA SER A 1479 -11.71 25.84 -39.42
C SER A 1479 -11.34 26.78 -40.55
N LYS A 1480 -11.01 28.02 -40.24
CA LYS A 1480 -10.79 29.04 -41.26
C LYS A 1480 -9.51 28.80 -42.05
N GLN A 1481 -8.56 28.06 -41.48
CA GLN A 1481 -7.24 27.97 -42.10
C GLN A 1481 -7.26 27.06 -43.32
N TRP A 1482 -8.11 26.05 -43.32
CA TRP A 1482 -8.11 25.08 -44.42
C TRP A 1482 -8.52 25.68 -45.76
N PRO A 1483 -9.61 26.46 -45.88
CA PRO A 1483 -9.89 27.09 -47.17
C PRO A 1483 -8.78 27.99 -47.67
N ASN A 1484 -8.14 28.75 -46.77
CA ASN A 1484 -7.03 29.59 -47.17
C ASN A 1484 -5.87 28.76 -47.69
N GLU A 1485 -5.53 27.67 -46.98
CA GLU A 1485 -4.40 26.86 -47.39
C GLU A 1485 -4.67 26.14 -48.71
N ILE A 1486 -5.89 25.63 -48.89
CA ILE A 1486 -6.20 24.95 -50.14
C ILE A 1486 -6.23 25.94 -51.30
N ALA A 1487 -6.69 27.17 -51.06
CA ALA A 1487 -6.64 28.19 -52.10
C ALA A 1487 -5.21 28.53 -52.45
N ARG A 1488 -4.34 28.63 -51.45
CA ARG A 1488 -2.95 29.01 -51.69
C ARG A 1488 -2.20 27.91 -52.43
N PHE A 1489 -2.48 26.64 -52.11
CA PHE A 1489 -1.74 25.56 -52.75
C PHE A 1489 -2.35 25.18 -54.10
N THR A 1490 -3.60 24.72 -54.11
CA THR A 1490 -4.25 24.26 -55.32
C THR A 1490 -5.08 25.38 -55.90
N GLY A 1491 -4.92 25.62 -57.20
CA GLY A 1491 -5.65 26.68 -57.86
C GLY A 1491 -6.79 26.17 -58.71
N SER A 1492 -8.02 26.31 -58.22
CA SER A 1492 -9.24 26.01 -58.97
C SER A 1492 -9.26 24.59 -59.50
N MET A 1493 -8.66 23.65 -58.77
CA MET A 1493 -8.59 22.27 -59.24
C MET A 1493 -9.95 21.59 -59.18
N PHE A 1494 -10.86 22.09 -58.35
CA PHE A 1494 -12.07 21.34 -58.00
C PHE A 1494 -13.08 22.29 -57.36
N LYS A 1495 -14.06 21.72 -56.69
CA LYS A 1495 -15.08 22.43 -55.93
C LYS A 1495 -14.83 22.29 -54.44
N VAL A 1496 -15.20 23.32 -53.68
CA VAL A 1496 -15.06 23.34 -52.22
C VAL A 1496 -16.41 23.67 -51.62
N ILE A 1497 -16.84 22.88 -50.62
CA ILE A 1497 -18.17 23.01 -50.03
C ILE A 1497 -18.07 23.27 -48.54
N VAL A 1498 -17.08 24.08 -48.14
CA VAL A 1498 -16.92 24.44 -46.72
C VAL A 1498 -18.25 24.90 -46.12
N ILE A 1499 -18.58 24.34 -44.96
CA ILE A 1499 -19.76 24.75 -44.21
C ILE A 1499 -19.33 25.05 -42.78
N GLN A 1500 -20.24 25.66 -42.04
CA GLN A 1500 -20.00 26.09 -40.67
C GLN A 1500 -21.33 26.44 -40.04
N GLY A 1501 -21.63 25.84 -38.89
CA GLY A 1501 -22.83 26.16 -38.15
C GLY A 1501 -24.02 25.32 -38.56
N MET A 1502 -25.11 25.52 -37.83
CA MET A 1502 -26.26 24.63 -37.94
C MET A 1502 -27.03 24.84 -39.25
N LYS A 1503 -27.28 26.07 -39.65
CA LYS A 1503 -28.15 26.33 -40.79
C LYS A 1503 -27.34 26.41 -42.08
N ASP A 1504 -26.69 25.29 -42.39
CA ASP A 1504 -26.21 25.03 -43.74
C ASP A 1504 -26.59 23.65 -44.24
N LEU A 1505 -27.19 22.79 -43.42
CA LEU A 1505 -27.68 21.50 -43.90
C LEU A 1505 -28.96 21.67 -44.70
N GLN A 1506 -29.85 22.54 -44.25
CA GLN A 1506 -31.16 22.66 -44.88
C GLN A 1506 -31.07 23.26 -46.28
N GLU A 1507 -30.03 24.04 -46.55
CA GLU A 1507 -29.83 24.59 -47.88
C GLU A 1507 -29.29 23.54 -48.85
N LYS A 1508 -28.43 22.65 -48.37
CA LYS A 1508 -27.76 21.71 -49.25
C LYS A 1508 -28.66 20.52 -49.57
N THR A 1509 -28.79 20.23 -50.86
CA THR A 1509 -29.42 19.01 -51.35
C THR A 1509 -28.35 18.08 -51.90
N ILE A 1510 -28.79 16.89 -52.31
CA ILE A 1510 -27.85 15.80 -52.58
C ILE A 1510 -26.99 16.10 -53.80
N ALA A 1511 -27.61 16.54 -54.89
CA ALA A 1511 -26.85 16.75 -56.13
C ALA A 1511 -26.05 18.03 -56.10
N GLU A 1512 -26.34 18.93 -55.14
CA GLU A 1512 -25.44 20.07 -54.92
C GLU A 1512 -24.27 19.67 -54.04
N LEU A 1513 -24.53 18.84 -53.02
CA LEU A 1513 -23.47 18.40 -52.13
C LEU A 1513 -22.47 17.50 -52.85
N GLY A 1514 -22.95 16.63 -53.72
CA GLY A 1514 -22.12 15.59 -54.29
C GLY A 1514 -21.10 16.11 -55.28
N LYS A 1515 -20.37 15.14 -55.84
CA LYS A 1515 -19.27 15.29 -56.81
C LYS A 1515 -18.36 16.48 -56.51
N ALA A 1516 -18.07 16.71 -55.24
CA ALA A 1516 -17.22 17.81 -54.81
C ALA A 1516 -16.14 17.27 -53.88
N ASP A 1517 -14.90 17.62 -54.15
CA ASP A 1517 -13.80 16.81 -53.64
C ASP A 1517 -13.60 17.01 -52.13
N ILE A 1518 -13.64 18.26 -51.67
CA ILE A 1518 -13.28 18.59 -50.29
C ILE A 1518 -14.48 19.18 -49.58
N ILE A 1519 -14.79 18.64 -48.41
CA ILE A 1519 -15.83 19.15 -47.54
C ILE A 1519 -15.19 19.46 -46.19
N VAL A 1520 -15.78 20.42 -45.46
CA VAL A 1520 -15.32 20.78 -44.13
C VAL A 1520 -16.49 20.59 -43.19
N MET A 1521 -16.22 20.64 -41.89
CA MET A 1521 -17.25 20.50 -40.88
C MET A 1521 -16.71 21.08 -39.57
N ALA A 1522 -17.61 21.35 -38.65
CA ALA A 1522 -17.26 21.96 -37.37
C ALA A 1522 -17.78 21.08 -36.23
N SER A 1523 -16.89 20.78 -35.27
CA SER A 1523 -17.21 19.82 -34.22
C SER A 1523 -18.31 20.31 -33.29
N GLU A 1524 -18.60 21.61 -33.31
CA GLU A 1524 -19.68 22.11 -32.46
C GLU A 1524 -21.04 21.69 -32.97
N ILE A 1525 -21.13 21.37 -34.26
CA ILE A 1525 -22.41 21.01 -34.87
C ILE A 1525 -22.95 19.72 -34.28
N PHE A 1526 -22.07 18.72 -34.08
CA PHE A 1526 -22.47 17.47 -33.45
C PHE A 1526 -22.89 17.67 -32.00
N GLU A 1527 -22.52 18.79 -31.38
CA GLU A 1527 -23.01 19.15 -30.06
C GLU A 1527 -24.31 19.93 -30.13
N SER A 1528 -24.58 20.60 -31.24
CA SER A 1528 -25.83 21.33 -31.40
C SER A 1528 -27.02 20.39 -31.44
N ASP A 1529 -28.12 20.82 -30.83
CA ASP A 1529 -29.34 20.01 -30.76
C ASP A 1529 -30.10 19.96 -32.07
N VAL A 1530 -29.80 20.85 -33.01
CA VAL A 1530 -30.44 20.80 -34.32
C VAL A 1530 -30.05 19.52 -35.05
N TYR A 1531 -28.78 19.12 -34.94
CA TYR A 1531 -28.33 17.91 -35.61
C TYR A 1531 -29.08 16.69 -35.09
N TRP A 1532 -29.25 16.60 -33.78
CA TRP A 1532 -29.96 15.47 -33.22
C TRP A 1532 -31.46 15.54 -33.50
N SER A 1533 -32.04 16.74 -33.60
CA SER A 1533 -33.43 16.85 -34.00
C SER A 1533 -33.63 16.30 -35.40
N ARG A 1534 -32.78 16.72 -36.34
CA ARG A 1534 -32.89 16.21 -37.70
C ARG A 1534 -32.64 14.71 -37.77
N LEU A 1535 -31.69 14.21 -36.97
CA LEU A 1535 -31.40 12.79 -37.02
C LEU A 1535 -32.56 11.97 -36.46
N GLU A 1536 -33.18 12.44 -35.37
CA GLU A 1536 -34.37 11.78 -34.86
C GLU A 1536 -35.48 11.75 -35.91
N TYR A 1537 -35.71 12.89 -36.58
CA TYR A 1537 -36.79 12.96 -37.56
C TYR A 1537 -36.53 12.00 -38.72
N LEU A 1538 -35.31 11.99 -39.24
CA LEU A 1538 -35.05 11.16 -40.42
C LEU A 1538 -34.94 9.69 -40.03
N SER A 1539 -34.55 9.40 -38.80
CA SER A 1539 -34.46 8.02 -38.34
C SER A 1539 -35.79 7.49 -37.83
N ALA A 1540 -36.78 8.35 -37.65
CA ALA A 1540 -38.09 7.96 -37.14
C ALA A 1540 -37.97 7.29 -35.77
N GLN A 1541 -37.25 7.94 -34.86
CA GLN A 1541 -37.11 7.52 -33.49
C GLN A 1541 -37.98 8.40 -32.59
N PRO A 1542 -38.67 7.81 -31.60
CA PRO A 1542 -39.53 8.52 -30.65
C PRO A 1542 -38.78 9.52 -29.78
N LEU A 1546 -34.65 9.74 -28.51
CA LEU A 1546 -33.39 10.43 -28.28
C LEU A 1546 -33.60 11.85 -27.79
N HIS A 1547 -32.90 12.20 -26.70
CA HIS A 1547 -32.92 13.57 -26.19
C HIS A 1547 -31.62 13.79 -25.44
N ASP A 1548 -30.68 14.48 -26.08
CA ASP A 1548 -29.40 14.80 -25.45
C ASP A 1548 -29.55 15.96 -24.48
N ARG A 1553 -22.86 7.91 -21.38
CA ARG A 1553 -23.03 6.55 -21.89
C ARG A 1553 -24.44 6.38 -22.43
N PHE A 1554 -25.39 7.02 -21.75
CA PHE A 1554 -26.79 6.93 -22.18
C PHE A 1554 -26.95 7.41 -23.61
N PHE A 1555 -26.29 8.50 -23.96
CA PHE A 1555 -26.34 9.01 -25.32
C PHE A 1555 -25.77 7.99 -26.30
N CYS A 1556 -24.66 7.37 -25.95
CA CYS A 1556 -24.03 6.39 -26.82
C CYS A 1556 -24.87 5.13 -26.98
N ASP A 1557 -25.84 4.91 -26.10
CA ASP A 1557 -26.77 3.80 -26.26
C ASP A 1557 -27.84 4.13 -27.28
N ARG A 1558 -28.63 5.17 -27.00
CA ARG A 1558 -29.78 5.50 -27.83
C ARG A 1558 -29.36 5.88 -29.24
N LEU A 1559 -28.15 6.41 -29.39
CA LEU A 1559 -27.70 6.84 -30.71
C LEU A 1559 -27.57 5.65 -31.66
N ASP A 1560 -26.92 4.58 -31.22
CA ASP A 1560 -26.66 3.48 -32.14
C ASP A 1560 -27.92 2.73 -32.51
N ALA A 1561 -28.98 2.87 -31.71
CA ALA A 1561 -30.28 2.35 -32.14
C ALA A 1561 -30.75 3.08 -33.39
N ALA A 1562 -30.55 4.39 -33.44
CA ALA A 1562 -30.96 5.16 -34.62
C ALA A 1562 -30.01 4.94 -35.79
N MET A 1563 -28.74 4.62 -35.52
CA MET A 1563 -27.81 4.39 -36.62
C MET A 1563 -28.21 3.18 -37.44
N GLU A 1564 -28.71 2.13 -36.80
CA GLU A 1564 -29.25 1.01 -37.56
C GLU A 1564 -30.47 1.44 -38.37
N SER A 1565 -31.23 2.41 -37.86
CA SER A 1565 -32.50 2.76 -38.50
C SER A 1565 -32.29 3.57 -39.77
N LEU A 1566 -31.39 4.56 -39.73
CA LEU A 1566 -31.20 5.45 -40.87
C LEU A 1566 -30.70 4.70 -42.09
N VAL A 1567 -29.75 3.79 -41.89
CA VAL A 1567 -29.04 3.17 -43.00
C VAL A 1567 -29.98 2.32 -43.85
N SER A 1568 -31.07 1.83 -43.26
CA SER A 1568 -32.06 1.08 -44.04
C SER A 1568 -32.84 2.01 -44.95
N GLN A 1569 -33.19 3.21 -44.47
CA GLN A 1569 -33.90 4.15 -45.31
C GLN A 1569 -33.01 4.70 -46.41
N THR A 1570 -31.69 4.76 -46.17
CA THR A 1570 -30.77 5.21 -47.21
C THR A 1570 -30.45 4.11 -48.21
N LYS A 1571 -30.43 2.85 -47.75
CA LYS A 1571 -30.31 1.74 -48.69
C LYS A 1571 -31.51 1.71 -49.63
N ILE A 1572 -32.68 2.14 -49.13
CA ILE A 1572 -33.75 2.52 -50.04
C ILE A 1572 -33.29 3.73 -50.82
N LEU A 1573 -33.41 3.67 -52.15
CA LEU A 1573 -32.86 4.66 -53.08
C LEU A 1573 -31.44 5.08 -52.73
N VAL A 1684 -27.75 16.14 -41.02
CA VAL A 1684 -27.36 14.74 -40.89
C VAL A 1684 -26.38 14.34 -41.96
N LEU A 1685 -25.14 14.08 -41.55
CA LEU A 1685 -24.16 13.49 -42.45
C LEU A 1685 -23.97 11.99 -42.20
N HIS A 1686 -24.45 11.49 -41.08
CA HIS A 1686 -24.22 10.10 -40.68
C HIS A 1686 -25.25 9.15 -41.26
N MET A 1687 -26.14 9.62 -42.13
CA MET A 1687 -26.97 8.71 -42.90
C MET A 1687 -26.24 8.17 -44.11
N PHE A 1688 -25.05 8.69 -44.40
CA PHE A 1688 -24.29 8.30 -45.58
C PHE A 1688 -22.79 8.31 -45.30
N ARG A 1689 -22.07 7.41 -45.97
CA ARG A 1689 -20.64 7.18 -45.79
C ARG A 1689 -19.82 8.04 -46.74
N PHE A 1690 -18.51 7.93 -46.61
CA PHE A 1690 -17.54 8.70 -47.38
C PHE A 1690 -16.47 7.79 -47.95
N ARG A 1691 -15.53 8.41 -48.65
CA ARG A 1691 -14.33 7.70 -49.11
C ARG A 1691 -13.15 7.97 -48.19
N ARG A 1692 -13.05 9.19 -47.64
CA ARG A 1692 -12.02 9.52 -46.65
C ARG A 1692 -12.65 10.34 -45.54
N VAL A 1693 -12.00 10.32 -44.38
CA VAL A 1693 -12.37 11.15 -43.23
C VAL A 1693 -11.08 11.57 -42.53
N ILE A 1694 -10.98 12.84 -42.19
CA ILE A 1694 -9.79 13.38 -41.52
C ILE A 1694 -10.24 14.23 -40.34
N ALA A 1695 -9.80 13.89 -39.14
CA ALA A 1695 -10.06 14.69 -37.96
C ALA A 1695 -8.79 15.45 -37.59
N ASP A 1696 -8.96 16.63 -37.00
CA ASP A 1696 -7.82 17.51 -36.73
C ASP A 1696 -7.46 17.62 -35.26
N GLU A 1697 -8.42 17.57 -34.36
CA GLU A 1697 -8.18 17.89 -32.95
C GLU A 1697 -8.78 16.82 -32.06
N PHE A 1698 -8.43 15.56 -32.33
CA PHE A 1698 -9.05 14.44 -31.63
C PHE A 1698 -8.97 14.59 -30.12
N THR A 1699 -7.89 15.19 -29.63
CA THR A 1699 -7.75 15.40 -28.20
C THR A 1699 -8.85 16.31 -27.66
N TYR A 1700 -9.27 17.30 -28.46
CA TYR A 1700 -10.20 18.32 -27.99
C TYR A 1700 -11.59 17.78 -27.72
N LEU A 1701 -11.99 16.71 -28.39
CA LEU A 1701 -13.38 16.26 -28.38
C LEU A 1701 -13.84 15.88 -26.98
N GLN A 1702 -15.12 16.10 -26.71
CA GLN A 1702 -15.70 16.11 -25.37
C GLN A 1702 -16.81 15.08 -25.20
N LYS A 1703 -16.62 13.91 -25.82
CA LYS A 1703 -17.41 12.67 -25.80
C LYS A 1703 -18.76 12.81 -26.48
N LYS A 1704 -19.20 14.05 -26.71
CA LYS A 1704 -20.55 14.23 -27.21
C LYS A 1704 -20.56 14.35 -28.72
N SER A 1705 -19.53 15.00 -29.27
CA SER A 1705 -19.24 14.92 -30.68
C SER A 1705 -18.26 13.80 -30.99
N LEU A 1706 -17.50 13.35 -29.98
CA LEU A 1706 -16.58 12.24 -30.20
C LEU A 1706 -17.35 10.99 -30.58
N ALA A 1707 -18.50 10.78 -29.95
CA ALA A 1707 -19.36 9.67 -30.33
C ALA A 1707 -19.71 9.73 -31.80
N ALA A 1708 -20.09 10.92 -32.29
CA ALA A 1708 -20.47 11.04 -33.70
C ALA A 1708 -19.28 10.80 -34.62
N VAL A 1709 -18.09 11.25 -34.22
CA VAL A 1709 -16.91 11.03 -35.03
C VAL A 1709 -16.59 9.54 -35.11
N LEU A 1710 -16.84 8.80 -34.02
CA LEU A 1710 -16.69 7.35 -34.08
C LEU A 1710 -17.75 6.72 -34.99
N ARG A 1711 -18.97 7.23 -34.94
CA ARG A 1711 -20.08 6.57 -35.63
C ARG A 1711 -20.02 6.76 -37.14
N LEU A 1712 -19.56 7.92 -37.59
CA LEU A 1712 -19.51 8.21 -39.01
C LEU A 1712 -18.60 7.22 -39.73
N SER A 1713 -18.99 6.85 -40.95
CA SER A 1713 -18.33 5.78 -41.68
C SER A 1713 -17.67 6.31 -42.95
N SER A 1714 -16.67 5.56 -43.42
CA SER A 1714 -15.91 5.97 -44.59
C SER A 1714 -15.07 4.80 -45.08
N SER A 1715 -14.62 4.91 -46.33
CA SER A 1715 -13.78 3.86 -46.92
C SER A 1715 -12.39 3.86 -46.28
N TYR A 1716 -11.77 5.03 -46.20
CA TYR A 1716 -10.52 5.22 -45.47
C TYR A 1716 -10.81 6.02 -44.21
N ARG A 1717 -9.90 5.97 -43.25
CA ARG A 1717 -10.06 6.74 -42.02
C ARG A 1717 -8.70 7.25 -41.58
N TRP A 1718 -8.54 8.57 -41.48
CA TRP A 1718 -7.28 9.19 -41.10
C TRP A 1718 -7.46 9.95 -39.80
N ILE A 1719 -6.35 10.45 -39.26
CA ILE A 1719 -6.29 11.40 -38.16
C ILE A 1719 -5.18 12.41 -38.40
N LEU A 1720 -5.46 13.67 -38.08
CA LEU A 1720 -4.43 14.69 -37.90
C LEU A 1720 -4.52 15.17 -36.46
N SER A 1721 -3.38 15.40 -35.83
CA SER A 1721 -3.36 15.95 -34.49
C SER A 1721 -1.96 16.43 -34.17
N GLY A 1722 -1.86 17.42 -33.29
CA GLY A 1722 -0.55 17.85 -32.81
C GLY A 1722 0.16 16.76 -32.03
N THR A 1723 -0.55 16.14 -31.10
CA THR A 1723 -0.12 14.91 -30.44
C THR A 1723 -1.36 14.21 -29.90
N PRO A 1724 -1.45 12.89 -30.01
CA PRO A 1724 -2.61 12.19 -29.47
C PRO A 1724 -2.44 11.96 -27.98
N PRO A 1725 -3.52 11.56 -27.26
CA PRO A 1725 -3.42 11.25 -25.83
C PRO A 1725 -2.81 9.88 -25.55
N VAL A 1726 -1.72 9.56 -26.25
CA VAL A 1726 -1.19 8.21 -26.30
C VAL A 1726 -0.63 7.71 -24.98
N SER A 1727 -0.66 8.55 -23.94
CA SER A 1727 0.00 8.17 -22.69
C SER A 1727 -0.70 7.02 -21.97
N ASP A 1728 -1.98 6.77 -22.25
CA ASP A 1728 -2.77 5.86 -21.44
C ASP A 1728 -3.52 4.88 -22.33
N PHE A 1729 -3.73 3.67 -21.79
CA PHE A 1729 -4.35 2.61 -22.58
C PHE A 1729 -5.78 2.93 -22.94
N ALA A 1730 -6.51 3.63 -22.06
CA ALA A 1730 -7.89 4.00 -22.39
C ALA A 1730 -7.93 4.86 -23.64
N ALA A 1731 -7.04 5.86 -23.72
CA ALA A 1731 -7.00 6.70 -24.89
C ALA A 1731 -6.53 5.94 -26.13
N ILE A 1732 -5.59 5.01 -25.93
CA ILE A 1732 -5.14 4.21 -27.05
C ILE A 1732 -6.29 3.39 -27.62
N ARG A 1733 -7.10 2.82 -26.74
CA ARG A 1733 -8.28 2.10 -27.17
C ARG A 1733 -9.27 3.01 -27.86
N SER A 1734 -9.39 4.27 -27.42
CA SER A 1734 -10.31 5.19 -28.08
C SER A 1734 -9.87 5.48 -29.51
N ILE A 1735 -8.58 5.74 -29.71
CA ILE A 1735 -8.07 5.96 -31.06
C ILE A 1735 -8.33 4.73 -31.92
N ALA A 1736 -7.98 3.56 -31.41
CA ALA A 1736 -8.16 2.35 -32.21
C ALA A 1736 -9.64 2.09 -32.47
N THR A 1737 -10.51 2.45 -31.52
CA THR A 1737 -11.94 2.29 -31.70
C THR A 1737 -12.42 3.14 -32.86
N PHE A 1738 -11.93 4.38 -32.94
CA PHE A 1738 -12.25 5.18 -34.12
C PHE A 1738 -11.76 4.49 -35.37
N MET A 1739 -10.52 4.01 -35.35
CA MET A 1739 -9.96 3.40 -36.56
C MET A 1739 -10.71 2.15 -36.98
N GLY A 1740 -11.44 1.53 -36.05
CA GLY A 1740 -12.25 0.37 -36.39
C GLY A 1740 -11.71 -0.96 -35.91
N ILE A 1741 -10.88 -0.97 -34.88
CA ILE A 1741 -10.27 -2.19 -34.37
C ILE A 1741 -10.73 -2.40 -32.94
N HIS A 1742 -11.16 -3.61 -32.62
CA HIS A 1742 -11.43 -3.99 -31.24
C HIS A 1742 -10.10 -4.38 -30.60
N LEU A 1743 -9.31 -3.36 -30.24
CA LEU A 1743 -7.99 -3.62 -29.68
C LEU A 1743 -8.10 -4.38 -28.37
N GLY A 1744 -9.08 -4.05 -27.54
CA GLY A 1744 -9.19 -4.73 -26.28
C GLY A 1744 -10.59 -4.61 -25.72
N VAL A 1745 -10.74 -5.10 -24.49
CA VAL A 1745 -12.00 -5.02 -23.77
C VAL A 1745 -11.71 -4.37 -22.43
N GLU A 1746 -12.69 -3.65 -21.90
CA GLU A 1746 -12.50 -2.90 -20.67
C GLU A 1746 -12.85 -3.76 -19.47
N ASP A 1747 -11.88 -3.90 -18.56
CA ASP A 1747 -12.05 -4.72 -17.37
C ASP A 1747 -12.00 -3.91 -16.07
N ASP A 1748 -12.05 -2.59 -16.17
CA ASP A 1748 -12.18 -1.65 -15.04
C ASP A 1748 -11.26 -1.98 -13.88
N GLY A 1749 -10.04 -2.40 -14.19
CA GLY A 1749 -9.01 -2.52 -13.18
C GLY A 1749 -7.73 -1.85 -13.64
N GLU A 1750 -7.64 -1.62 -14.94
CA GLU A 1750 -6.42 -1.08 -15.53
C GLU A 1750 -6.29 0.43 -15.31
N GLY A 1751 -7.41 1.15 -15.31
CA GLY A 1751 -7.34 2.57 -15.02
C GLY A 1751 -7.07 2.83 -13.55
N ASP A 1752 -6.42 3.97 -13.27
CA ASP A 1752 -6.14 4.34 -11.88
C ASP A 1752 -7.44 4.58 -11.13
N VAL A 1753 -7.33 4.75 -9.81
CA VAL A 1753 -8.51 4.87 -8.98
C VAL A 1753 -9.29 6.13 -9.33
N GLN A 1754 -8.59 7.19 -9.74
CA GLN A 1754 -9.27 8.39 -10.20
C GLN A 1754 -10.23 8.09 -11.35
N TYR A 1755 -9.71 7.45 -12.41
CA TYR A 1755 -10.53 7.18 -13.58
C TYR A 1755 -11.59 6.12 -13.29
N GLN A 1756 -11.26 5.16 -12.43
CA GLN A 1756 -12.25 4.18 -12.03
C GLN A 1756 -13.44 4.84 -11.36
N LYS A 1757 -13.19 5.80 -10.47
CA LYS A 1757 -14.31 6.49 -9.84
C LYS A 1757 -14.98 7.45 -10.81
N ALA A 1758 -14.24 7.95 -11.80
CA ALA A 1758 -14.87 8.76 -12.83
C ALA A 1758 -15.92 7.97 -13.58
N ARG A 1759 -15.60 6.72 -13.91
CA ARG A 1759 -16.58 5.87 -14.59
C ARG A 1759 -17.65 5.33 -13.65
N ALA A 1760 -17.29 5.01 -12.40
CA ALA A 1760 -18.16 4.24 -11.53
C ALA A 1760 -19.37 5.02 -11.02
N LYS A 1761 -19.61 6.23 -11.51
CA LYS A 1761 -20.91 6.85 -11.32
C LYS A 1761 -21.92 6.36 -12.35
N ASP A 1762 -21.44 5.72 -13.40
CA ASP A 1762 -22.25 5.13 -14.46
C ASP A 1762 -22.72 3.72 -14.13
N GLN A 1763 -21.85 2.90 -13.55
CA GLN A 1763 -22.05 1.46 -13.52
C GLN A 1763 -23.31 1.10 -12.77
N THR A 1764 -23.98 0.05 -13.25
CA THR A 1764 -25.10 -0.51 -12.53
C THR A 1764 -24.61 -1.25 -11.29
N GLN A 1765 -25.52 -1.41 -10.33
CA GLN A 1765 -25.15 -2.05 -9.06
C GLN A 1765 -24.64 -3.47 -9.30
N ALA A 1766 -25.35 -4.22 -10.13
CA ALA A 1766 -24.90 -5.56 -10.45
C ALA A 1766 -23.56 -5.55 -11.16
N GLU A 1767 -23.26 -4.49 -11.93
CA GLU A 1767 -21.97 -4.45 -12.58
C GLU A 1767 -20.85 -4.16 -11.60
N LYS A 1768 -21.10 -3.34 -10.57
CA LYS A 1768 -20.10 -3.18 -9.52
C LYS A 1768 -19.85 -4.50 -8.80
N PHE A 1769 -20.93 -5.22 -8.51
CA PHE A 1769 -20.82 -6.53 -7.89
C PHE A 1769 -19.95 -7.47 -8.74
N HIS A 1770 -20.20 -7.51 -10.04
CA HIS A 1770 -19.41 -8.38 -10.90
C HIS A 1770 -17.96 -7.92 -10.97
N ALA A 1771 -17.73 -6.62 -10.99
CA ALA A 1771 -16.36 -6.13 -11.10
C ALA A 1771 -15.55 -6.47 -9.87
N PHE A 1772 -16.19 -6.58 -8.71
CA PHE A 1772 -15.48 -7.07 -7.54
C PHE A 1772 -15.42 -8.59 -7.50
N ARG A 1773 -16.33 -9.27 -8.17
CA ARG A 1773 -16.36 -10.74 -8.14
C ARG A 1773 -15.25 -11.34 -9.00
N GLU A 1774 -15.03 -10.80 -10.20
CA GLU A 1774 -14.15 -11.44 -11.17
C GLU A 1774 -13.05 -10.48 -11.59
N VAL A 1775 -11.81 -10.75 -11.17
CA VAL A 1775 -10.69 -9.89 -11.50
C VAL A 1775 -9.66 -10.66 -12.31
N HIS A 1776 -8.85 -9.93 -13.07
CA HIS A 1776 -7.86 -10.50 -13.96
C HIS A 1776 -6.49 -9.92 -13.64
N SER A 1777 -5.45 -10.69 -13.93
CA SER A 1777 -4.18 -10.50 -13.27
C SER A 1777 -3.24 -9.53 -14.00
N ARG A 1778 -2.17 -9.18 -13.29
CA ARG A 1778 -1.24 -8.16 -13.76
C ARG A 1778 -0.59 -8.59 -15.08
N ALA A 1779 -0.35 -9.88 -15.24
CA ALA A 1779 0.26 -10.35 -16.48
C ALA A 1779 -0.69 -10.16 -17.64
N TRP A 1780 -1.98 -10.35 -17.41
CA TRP A 1780 -2.95 -10.09 -18.46
C TRP A 1780 -2.91 -8.63 -18.88
N HIS A 1781 -2.89 -7.74 -17.90
CA HIS A 1781 -2.85 -6.31 -18.25
C HIS A 1781 -1.58 -5.99 -19.03
N ASN A 1782 -0.44 -6.53 -18.61
CA ASN A 1782 0.82 -6.24 -19.31
C ASN A 1782 0.78 -6.76 -20.75
N ARG A 1783 0.19 -7.94 -20.97
CA ARG A 1783 0.08 -8.45 -22.32
C ARG A 1783 -0.74 -7.50 -23.18
N ARG A 1784 -1.85 -7.01 -22.65
CA ARG A 1784 -2.67 -6.13 -23.47
C ARG A 1784 -1.97 -4.81 -23.77
N ASP A 1785 -1.20 -4.29 -22.83
CA ASP A 1785 -0.44 -3.08 -23.13
C ASP A 1785 0.62 -3.33 -24.19
N GLU A 1786 1.26 -4.51 -24.16
CA GLU A 1786 2.19 -4.85 -25.23
C GLU A 1786 1.48 -4.86 -26.57
N LEU A 1787 0.27 -5.38 -26.60
CA LEU A 1787 -0.52 -5.38 -27.83
C LEU A 1787 -0.77 -3.96 -28.32
N ALA A 1788 -1.11 -3.06 -27.40
CA ALA A 1788 -1.36 -1.68 -27.80
C ALA A 1788 -0.10 -1.04 -28.35
N GLN A 1789 1.05 -1.38 -27.77
CA GLN A 1789 2.30 -0.83 -28.28
C GLN A 1789 2.60 -1.32 -29.69
N GLU A 1790 2.31 -2.59 -29.97
CA GLU A 1790 2.48 -3.09 -31.33
C GLU A 1790 1.54 -2.37 -32.29
N PHE A 1791 0.31 -2.08 -31.83
CA PHE A 1791 -0.61 -1.27 -32.61
C PHE A 1791 0.02 0.09 -32.94
N LEU A 1792 0.64 0.71 -31.94
CA LEU A 1792 1.27 2.01 -32.16
C LEU A 1792 2.36 1.93 -33.21
N ASN A 1793 3.25 0.94 -33.10
CA ASN A 1793 4.30 0.80 -34.10
C ASN A 1793 3.72 0.56 -35.48
N VAL A 1794 2.56 -0.09 -35.56
CA VAL A 1794 1.95 -0.30 -36.86
C VAL A 1794 1.46 1.02 -37.43
N PHE A 1795 0.63 1.76 -36.69
CA PHE A 1795 -0.23 2.77 -37.30
C PHE A 1795 0.12 4.21 -37.01
N VAL A 1796 0.66 4.53 -35.84
CA VAL A 1796 0.84 5.92 -35.43
C VAL A 1796 2.25 6.36 -35.77
N ARG A 1797 2.37 7.47 -36.49
CA ARG A 1797 3.66 8.06 -36.81
C ARG A 1797 3.77 9.42 -36.16
N GLN A 1798 5.00 9.81 -35.81
CA GLN A 1798 5.26 11.05 -35.10
C GLN A 1798 6.46 11.74 -35.73
N ASN A 1799 6.32 13.04 -35.97
CA ASN A 1799 7.36 13.85 -36.60
C ASN A 1799 7.93 14.81 -35.57
N ILE A 1800 9.26 14.88 -35.49
CA ILE A 1800 9.93 15.56 -34.40
C ILE A 1800 11.05 16.41 -34.99
N ALA A 1801 11.47 17.41 -34.22
CA ALA A 1801 12.57 18.28 -34.60
C ALA A 1801 13.86 17.49 -34.70
N GLU A 1802 14.64 17.76 -35.75
CA GLU A 1802 15.87 17.04 -36.08
C GLU A 1802 15.66 15.54 -36.13
N ILE A 1806 18.17 21.46 -37.87
CA ILE A 1806 17.64 22.39 -36.87
C ILE A 1806 18.09 22.05 -35.44
N PRO A 1807 19.41 22.02 -35.23
CA PRO A 1807 19.93 21.55 -33.95
C PRO A 1807 19.71 22.53 -32.83
N THR A 1808 19.58 21.99 -31.62
CA THR A 1808 19.46 22.76 -30.40
C THR A 1808 20.59 22.40 -29.45
N VAL A 1809 20.95 23.34 -28.60
CA VAL A 1809 21.94 23.10 -27.55
C VAL A 1809 21.60 23.97 -26.35
N GLU A 1810 21.57 23.37 -25.17
CA GLU A 1810 21.09 24.03 -23.97
C GLU A 1810 22.25 24.36 -23.05
N HIS A 1811 22.35 25.62 -22.65
CA HIS A 1811 23.39 26.09 -21.74
C HIS A 1811 22.74 26.46 -20.41
N ILE A 1812 23.08 25.72 -19.36
CA ILE A 1812 22.54 25.97 -18.03
C ILE A 1812 23.56 26.78 -17.25
N HIS A 1813 23.20 28.01 -16.89
CA HIS A 1813 24.10 28.90 -16.16
C HIS A 1813 23.74 28.87 -14.68
N THR A 1814 24.70 28.52 -13.84
CA THR A 1814 24.45 28.33 -12.43
C THR A 1814 25.41 29.18 -11.62
N PHE A 1815 24.90 29.78 -10.55
CA PHE A 1815 25.70 30.68 -9.73
C PHE A 1815 25.18 30.67 -8.30
N LYS A 1816 26.06 31.00 -7.37
CA LYS A 1816 25.70 31.11 -5.97
C LYS A 1816 25.16 32.51 -5.71
N LEU A 1817 24.12 32.60 -4.90
CA LEU A 1817 23.52 33.91 -4.63
C LEU A 1817 24.44 34.74 -3.74
N PRO A 1818 24.59 36.03 -4.02
CA PRO A 1818 25.44 36.88 -3.18
C PRO A 1818 24.86 37.00 -1.78
N ALA A 1819 25.72 37.39 -0.84
CA ALA A 1819 25.52 37.09 0.58
C ALA A 1819 24.19 37.62 1.12
N SER A 1820 23.92 38.91 0.94
CA SER A 1820 22.72 39.49 1.53
C SER A 1820 21.46 38.92 0.88
N GLU A 1821 21.51 38.73 -0.42
CA GLU A 1821 20.35 38.23 -1.16
C GLU A 1821 20.06 36.77 -0.79
N GLY A 1822 21.10 35.97 -0.65
CA GLY A 1822 20.93 34.64 -0.10
C GLY A 1822 20.38 34.67 1.31
N ALA A 1823 20.80 35.67 2.10
CA ALA A 1823 20.32 35.77 3.47
C ALA A 1823 18.82 36.05 3.52
N VAL A 1824 18.34 36.95 2.67
CA VAL A 1824 16.92 37.25 2.70
C VAL A 1824 16.11 36.04 2.22
N TYR A 1825 16.62 35.34 1.20
CA TYR A 1825 15.92 34.13 0.77
C TYR A 1825 15.89 33.09 1.90
N LEU A 1826 17.01 32.94 2.59
CA LEU A 1826 17.11 31.99 3.69
C LEU A 1826 16.07 32.30 4.76
N GLU A 1827 15.98 33.57 5.14
CA GLU A 1827 15.05 33.93 6.19
C GLU A 1827 13.62 33.70 5.76
N LEU A 1828 13.26 34.08 4.54
CA LEU A 1828 11.88 33.86 4.15
C LEU A 1828 11.53 32.38 4.17
N GLU A 1829 12.45 31.53 3.69
CA GLU A 1829 12.13 30.11 3.66
C GLU A 1829 11.99 29.53 5.05
N HIS A 1830 12.90 29.86 5.95
CA HIS A 1830 12.79 29.25 7.28
C HIS A 1830 11.68 29.88 8.09
N HIS A 1831 11.25 31.09 7.76
CA HIS A 1831 10.07 31.64 8.41
C HIS A 1831 8.81 30.92 7.96
N LEU A 1832 8.66 30.74 6.64
CA LEU A 1832 7.48 30.02 6.15
C LEU A 1832 7.50 28.57 6.59
N GLN A 1833 8.67 28.04 6.96
CA GLN A 1833 8.73 26.72 7.55
C GLN A 1833 8.36 26.73 9.03
N ALA A 1834 8.78 27.76 9.76
CA ALA A 1834 8.47 27.85 11.18
C ALA A 1834 6.98 27.97 11.39
N LEU A 1835 6.35 28.91 10.70
CA LEU A 1835 4.90 28.91 10.62
C LEU A 1835 4.43 27.74 9.78
N GLU A 1836 3.13 27.50 9.81
CA GLU A 1836 2.60 26.29 9.22
C GLU A 1836 2.01 26.48 7.84
N MET A 1837 2.08 27.68 7.27
CA MET A 1837 1.40 27.92 5.99
C MET A 1837 2.31 27.55 4.83
N GLN A 1838 1.85 26.59 4.03
CA GLN A 1838 2.37 26.43 2.69
C GLN A 1838 1.54 27.19 1.68
N ALA A 1839 0.28 27.46 2.00
CA ALA A 1839 -0.61 28.12 1.07
C ALA A 1839 -1.73 28.83 1.83
N ARG A 1840 -2.17 29.95 1.27
CA ARG A 1840 -3.37 30.60 1.77
C ARG A 1840 -4.60 29.75 1.45
N LYS A 1841 -5.62 29.86 2.30
CA LYS A 1841 -6.84 29.08 2.14
C LYS A 1841 -7.95 29.98 1.62
N GLU A 1842 -8.79 29.41 0.74
CA GLU A 1842 -9.79 30.19 0.03
C GLU A 1842 -11.15 30.21 0.70
N THR A 1843 -11.38 29.36 1.69
CA THR A 1843 -12.68 29.33 2.35
C THR A 1843 -12.89 30.61 3.13
N LYS A 1844 -14.15 31.02 3.26
CA LYS A 1844 -14.49 32.16 4.08
C LYS A 1844 -14.95 31.67 5.45
N PHE A 1845 -14.29 32.15 6.49
CA PHE A 1845 -14.51 31.64 7.82
C PHE A 1845 -15.87 32.06 8.35
N LYS A 1846 -16.34 31.31 9.35
CA LYS A 1846 -17.66 31.58 9.90
C LYS A 1846 -17.70 32.92 10.63
N ASN A 1847 -16.64 33.24 11.36
CA ASN A 1847 -16.61 34.42 12.20
C ASN A 1847 -15.47 35.35 11.78
N VAL A 1848 -15.76 36.64 11.73
CA VAL A 1848 -14.74 37.60 11.31
C VAL A 1848 -13.72 37.84 12.42
N SER A 1849 -14.07 37.55 13.67
CA SER A 1849 -13.04 37.54 14.70
C SER A 1849 -11.99 36.46 14.45
N GLN A 1850 -12.31 35.46 13.64
CA GLN A 1850 -11.31 34.54 13.10
C GLN A 1850 -10.75 35.03 11.78
N GLY A 1851 -11.57 35.73 11.00
CA GLY A 1851 -11.11 36.20 9.70
C GLY A 1851 -9.94 37.14 9.80
N ASP A 1852 -10.00 38.10 10.72
CA ASP A 1852 -8.91 39.05 10.87
C ASP A 1852 -7.62 38.35 11.30
N ARG A 1853 -7.75 37.39 12.23
CA ARG A 1853 -6.60 36.65 12.71
C ARG A 1853 -5.95 35.85 11.60
N ASN A 1854 -6.76 35.18 10.80
CA ASN A 1854 -6.17 34.37 9.74
C ASN A 1854 -5.58 35.24 8.65
N ALA A 1855 -6.14 36.42 8.39
CA ALA A 1855 -5.49 37.35 7.48
C ALA A 1855 -4.14 37.78 8.02
N ARG A 1856 -4.07 38.07 9.31
CA ARG A 1856 -2.80 38.49 9.91
C ARG A 1856 -1.76 37.39 9.80
N LEU A 1857 -2.17 36.14 9.96
CA LEU A 1857 -1.23 35.04 9.72
C LEU A 1857 -0.82 34.97 8.25
N GLU A 1858 -1.78 35.13 7.33
CA GLU A 1858 -1.46 35.04 5.92
C GLU A 1858 -0.59 36.19 5.44
N GLU A 1859 -0.40 37.23 6.25
CA GLU A 1859 0.37 38.39 5.82
C GLU A 1859 1.76 38.02 5.32
N ALA A 1860 2.36 36.96 5.86
CA ALA A 1860 3.72 36.60 5.49
C ALA A 1860 3.83 36.23 4.02
N LEU A 1861 2.72 35.82 3.40
CA LEU A 1861 2.68 35.59 1.95
C LEU A 1861 2.12 36.82 1.27
N SER A 1862 2.96 37.84 1.15
CA SER A 1862 2.51 39.09 0.56
C SER A 1862 2.39 38.98 -0.96
N ASP A 1863 3.15 38.08 -1.57
CA ASP A 1863 3.13 37.99 -3.04
C ASP A 1863 1.96 37.15 -3.53
N SER A 1864 1.95 35.86 -3.21
CA SER A 1864 1.04 34.94 -3.87
C SER A 1864 0.65 33.81 -2.94
N LYS A 1865 0.11 32.74 -3.54
CA LYS A 1865 -0.62 31.74 -2.77
C LYS A 1865 0.30 30.69 -2.16
N THR A 1866 1.00 29.92 -2.97
CA THR A 1866 1.78 28.81 -2.43
C THR A 1866 3.15 29.31 -2.00
N ALA A 1867 3.70 28.67 -0.97
CA ALA A 1867 4.94 29.14 -0.37
C ALA A 1867 6.10 29.07 -1.37
N GLU A 1868 6.17 28.00 -2.14
CA GLU A 1868 7.26 27.85 -3.10
C GLU A 1868 7.17 28.92 -4.18
N GLU A 1869 5.99 29.47 -4.40
CA GLU A 1869 5.83 30.53 -5.37
C GLU A 1869 6.48 31.82 -4.89
N ALA A 1870 6.25 32.16 -3.61
CA ALA A 1870 6.95 33.29 -3.02
C ALA A 1870 8.45 33.05 -3.00
N LEU A 1871 8.86 31.80 -2.79
CA LEU A 1871 10.29 31.50 -2.83
C LEU A 1871 10.88 31.71 -4.22
N LEU A 1872 10.17 31.29 -5.26
CA LEU A 1872 10.64 31.53 -6.62
C LEU A 1872 10.77 33.03 -6.89
N LYS A 1873 9.81 33.82 -6.41
CA LYS A 1873 9.93 35.26 -6.59
C LYS A 1873 11.15 35.81 -5.85
N ARG A 1874 11.44 35.30 -4.64
CA ARG A 1874 12.64 35.73 -3.94
C ARG A 1874 13.89 35.40 -4.72
N CYS A 1875 13.92 34.23 -5.36
CA CYS A 1875 15.06 33.89 -6.20
C CYS A 1875 15.20 34.89 -7.34
N CYS A 1876 14.10 35.19 -8.02
CA CYS A 1876 14.16 35.99 -9.24
C CYS A 1876 14.56 37.43 -8.93
N HIS A 1877 14.01 38.01 -7.86
CA HIS A 1877 14.43 39.34 -7.45
C HIS A 1877 14.11 39.57 -5.99
N PHE A 1878 15.06 40.17 -5.27
CA PHE A 1878 14.88 40.43 -3.86
C PHE A 1878 14.00 41.67 -3.68
N THR A 1879 12.90 41.50 -2.96
CA THR A 1879 12.05 42.59 -2.47
C THR A 1879 11.05 41.96 -1.52
N LEU A 1880 10.80 42.61 -0.38
CA LEU A 1880 9.90 42.03 0.61
C LEU A 1880 8.52 41.84 0.02
N ASP A 1881 8.00 42.85 -0.68
CA ASP A 1881 6.69 42.76 -1.29
C ASP A 1881 6.75 43.35 -2.69
N LEU A 1882 6.41 42.53 -3.68
CA LEU A 1882 6.43 43.01 -5.06
C LEU A 1882 5.26 43.92 -5.35
N SER A 1883 4.07 43.58 -4.85
CA SER A 1883 2.85 44.23 -5.31
C SER A 1883 2.84 45.71 -4.95
N ASP A 1884 3.25 46.05 -3.74
CA ASP A 1884 3.13 47.42 -3.26
C ASP A 1884 4.36 48.25 -3.60
N LYS A 1885 4.12 49.50 -3.99
CA LYS A 1885 5.17 50.46 -4.29
C LYS A 1885 5.31 51.52 -3.20
N THR A 1886 4.80 51.25 -2.01
CA THR A 1886 5.00 52.15 -0.86
C THR A 1886 6.47 52.29 -0.54
N GLN A 1887 7.15 51.16 -0.38
CA GLN A 1887 8.58 51.11 -0.17
C GLN A 1887 9.20 50.29 -1.30
N ASP A 1888 10.32 50.76 -1.83
CA ASP A 1888 10.98 50.07 -2.93
C ASP A 1888 12.42 49.78 -2.55
N ALA A 1889 12.85 48.55 -2.78
CA ALA A 1889 14.21 48.14 -2.43
C ALA A 1889 15.18 48.80 -3.38
N LYS A 1890 15.85 49.86 -2.90
CA LYS A 1890 16.81 50.55 -3.75
C LYS A 1890 18.04 49.69 -4.00
N SER A 1891 18.44 48.89 -3.01
CA SER A 1891 19.56 47.98 -3.20
C SER A 1891 19.51 46.91 -2.12
N ALA A 1892 20.42 45.95 -2.24
CA ALA A 1892 20.60 44.95 -1.19
C ALA A 1892 21.12 45.61 0.08
N GLN A 1893 20.97 44.90 1.19
CA GLN A 1893 21.30 45.36 2.53
C GLN A 1893 20.29 46.40 2.99
N GLU A 1894 19.39 46.81 2.09
CA GLU A 1894 18.26 47.65 2.46
C GLU A 1894 16.96 46.87 2.49
N ALA A 1895 16.76 45.98 1.52
CA ALA A 1895 15.61 45.08 1.59
C ALA A 1895 15.65 44.25 2.86
N CYS A 1896 16.85 43.88 3.31
CA CYS A 1896 16.96 43.14 4.57
C CYS A 1896 16.52 44.01 5.75
N ASP A 1897 16.85 45.30 5.71
CA ASP A 1897 16.35 46.19 6.75
C ASP A 1897 14.84 46.26 6.73
N HIS A 1898 14.27 46.26 5.52
CA HIS A 1898 12.82 46.20 5.40
C HIS A 1898 12.26 44.93 6.04
N ILE A 1899 12.95 43.80 5.84
CA ILE A 1899 12.52 42.55 6.47
C ILE A 1899 12.53 42.69 7.98
N THR A 1900 13.60 43.27 8.53
CA THR A 1900 13.69 43.38 9.99
C THR A 1900 12.56 44.23 10.54
N SER A 1901 12.29 45.37 9.89
CA SER A 1901 11.21 46.23 10.36
C SER A 1901 9.86 45.54 10.26
N ALA A 1902 9.59 44.88 9.13
CA ALA A 1902 8.29 44.24 8.95
C ALA A 1902 8.09 43.09 9.92
N ARG A 1903 9.15 42.31 10.16
CA ARG A 1903 9.07 41.24 11.15
C ARG A 1903 8.79 41.81 12.53
N ALA A 1904 9.44 42.93 12.87
CA ALA A 1904 9.19 43.54 14.17
C ALA A 1904 7.75 43.99 14.29
N ARG A 1905 7.21 44.62 13.23
CA ARG A 1905 5.83 45.09 13.28
C ARG A 1905 4.87 43.93 13.44
N GLN A 1906 5.07 42.87 12.68
CA GLN A 1906 4.17 41.73 12.77
C GLN A 1906 4.24 41.11 14.16
N LEU A 1907 5.45 41.00 14.72
CA LEU A 1907 5.62 40.41 16.05
C LEU A 1907 4.89 41.23 17.10
N LEU A 1908 5.04 42.55 17.05
CA LEU A 1908 4.30 43.40 17.98
C LEU A 1908 2.81 43.16 17.84
N ALA A 1909 2.30 43.25 16.60
CA ALA A 1909 0.87 43.06 16.37
C ALA A 1909 0.38 41.74 16.93
N CYS A 1910 1.22 40.70 16.83
CA CYS A 1910 0.92 39.45 17.50
C CYS A 1910 0.76 39.64 19.01
N GLN A 1911 1.67 40.40 19.62
CA GLN A 1911 1.58 40.58 21.07
C GLN A 1911 0.30 41.28 21.49
N GLU A 1912 -0.09 42.34 20.76
CA GLU A 1912 -1.35 42.96 21.15
C GLU A 1912 -2.56 42.08 20.85
N ASP A 1913 -2.50 41.24 19.81
CA ASP A 1913 -3.60 40.30 19.61
C ASP A 1913 -3.72 39.35 20.78
N LEU A 1914 -2.57 38.89 21.27
CA LEU A 1914 -2.57 38.01 22.44
C LEU A 1914 -3.15 38.71 23.66
N SER A 1915 -2.76 39.97 23.89
CA SER A 1915 -3.25 40.68 25.06
C SER A 1915 -4.75 40.89 24.99
N ARG A 1916 -5.26 41.27 23.83
CA ARG A 1916 -6.69 41.50 23.70
C ARG A 1916 -7.48 40.21 23.91
N SER A 1917 -6.98 39.10 23.37
CA SER A 1917 -7.66 37.83 23.59
C SER A 1917 -7.63 37.42 25.07
N VAL A 1918 -6.51 37.66 25.75
CA VAL A 1918 -6.44 37.36 27.18
C VAL A 1918 -7.46 38.19 27.94
N ASN A 1919 -7.60 39.47 27.60
CA ASN A 1919 -8.57 40.32 28.28
C ASN A 1919 -9.98 39.79 28.09
N GLN A 1920 -10.32 39.38 26.86
CA GLN A 1920 -11.66 38.85 26.63
C GLN A 1920 -11.89 37.60 27.45
N ALA A 1921 -10.87 36.74 27.55
CA ALA A 1921 -11.01 35.54 28.36
C ALA A 1921 -11.19 35.87 29.84
N ILE A 1922 -10.47 36.88 30.33
CA ILE A 1922 -10.59 37.27 31.73
C ILE A 1922 -11.98 37.81 32.01
N ALA A 1923 -12.55 38.55 31.05
CA ALA A 1923 -13.92 39.00 31.20
C ALA A 1923 -14.87 37.81 31.34
N LEU A 1924 -14.68 36.79 30.51
CA LEU A 1924 -15.48 35.57 30.67
C LEU A 1924 -15.33 34.99 32.06
N HIS A 1925 -14.09 34.76 32.48
CA HIS A 1925 -13.79 34.13 33.77
C HIS A 1925 -14.44 34.91 34.90
N GLY A 1926 -14.40 36.24 34.82
CA GLY A 1926 -15.09 37.06 35.79
C GLY A 1926 -16.59 36.83 35.78
N TRP A 1927 -17.18 36.69 34.59
CA TRP A 1927 -18.62 36.45 34.53
C TRP A 1927 -18.99 35.15 35.25
N ILE A 1928 -18.28 34.07 34.95
CA ILE A 1928 -18.61 32.81 35.61
C ILE A 1928 -18.39 32.93 37.11
N LYS A 1929 -17.27 33.56 37.51
CA LYS A 1929 -16.94 33.65 38.93
C LYS A 1929 -18.00 34.44 39.68
N LYS A 1930 -18.51 35.51 39.07
CA LYS A 1930 -19.52 36.30 39.74
C LYS A 1930 -20.87 35.59 39.79
N LYS A 1931 -21.26 34.93 38.71
CA LYS A 1931 -22.58 34.31 38.68
C LYS A 1931 -22.60 32.90 39.23
N GLY A 1932 -21.47 32.40 39.73
CA GLY A 1932 -21.45 31.07 40.32
C GLY A 1932 -20.13 30.35 40.16
N ASP A 1938 -15.10 23.53 44.23
CA ASP A 1938 -15.58 22.16 44.37
C ASP A 1938 -14.61 21.13 43.78
N ASP A 1939 -15.07 20.38 42.78
CA ASP A 1939 -14.25 19.31 42.24
C ASP A 1939 -13.82 19.56 40.80
N GLU A 1940 -14.76 19.94 39.93
CA GLU A 1940 -14.50 19.95 38.50
C GLU A 1940 -13.45 21.00 38.15
N ARG A 1941 -12.74 20.75 37.05
CA ARG A 1941 -11.60 21.58 36.63
C ARG A 1941 -12.04 22.55 35.54
N GLN A 1942 -11.48 23.77 35.60
CA GLN A 1942 -11.80 24.84 34.67
C GLN A 1942 -10.55 25.27 33.95
N PRO A 1943 -10.36 24.89 32.67
CA PRO A 1943 -9.01 24.88 32.10
C PRO A 1943 -8.32 26.23 32.04
N PHE A 1944 -9.07 27.32 32.03
CA PHE A 1944 -8.41 28.62 31.90
C PHE A 1944 -7.57 28.95 33.12
N ALA A 1945 -8.08 28.63 34.32
CA ALA A 1945 -7.30 28.90 35.52
C ALA A 1945 -5.98 28.15 35.51
N GLU A 1946 -6.01 26.88 35.11
CA GLU A 1946 -4.76 26.14 35.02
C GLU A 1946 -3.88 26.64 33.87
N TRP A 1947 -4.47 27.16 32.81
CA TRP A 1947 -3.63 27.78 31.79
C TRP A 1947 -2.90 28.98 32.36
N ILE A 1948 -3.59 29.78 33.16
CA ILE A 1948 -2.95 30.95 33.76
C ILE A 1948 -1.85 30.52 34.73
N ALA A 1949 -2.14 29.52 35.57
CA ALA A 1949 -1.15 29.06 36.53
C ALA A 1949 0.08 28.50 35.81
N PHE A 1950 -0.14 27.76 34.73
CA PHE A 1950 0.96 27.23 33.95
C PHE A 1950 1.74 28.35 33.28
N SER A 1951 1.05 29.38 32.80
CA SER A 1951 1.75 30.42 32.06
C SER A 1951 2.56 31.32 32.97
N SER A 1952 2.03 31.64 34.16
CA SER A 1952 2.68 32.63 35.01
C SER A 1952 3.97 32.09 35.61
N ASN A 1953 4.20 30.79 35.53
CA ASN A 1953 5.46 30.22 35.99
C ASN A 1953 6.43 30.17 34.82
N ILE A 1954 7.55 30.89 34.96
CA ILE A 1954 8.52 30.98 33.87
C ILE A 1954 9.31 29.69 33.75
N SER A 1955 9.43 28.92 34.83
CA SER A 1955 10.34 27.79 34.82
C SER A 1955 9.80 26.62 34.01
N LYS A 1956 8.48 26.41 34.03
CA LYS A 1956 7.87 25.32 33.28
C LYS A 1956 7.38 25.85 31.95
N HIS A 1957 8.27 25.87 30.96
CA HIS A 1957 7.88 26.34 29.65
C HIS A 1957 8.51 25.48 28.57
N GLN A 1958 7.77 25.33 27.48
CA GLN A 1958 8.28 24.71 26.26
C GLN A 1958 8.26 25.74 25.16
N GLY A 1959 9.30 25.72 24.33
CA GLY A 1959 9.54 26.81 23.43
C GLY A 1959 10.42 27.84 24.10
N ASP A 1960 10.91 28.78 23.29
CA ASP A 1960 11.99 29.65 23.73
C ASP A 1960 11.58 30.47 24.95
N ILE A 1961 12.49 30.49 25.93
CA ILE A 1961 12.17 31.13 27.20
C ILE A 1961 12.05 32.63 27.03
N GLU A 1962 12.62 33.18 25.96
CA GLU A 1962 12.39 34.59 25.65
C GLU A 1962 10.93 34.85 25.32
N ALA A 1963 10.34 33.99 24.51
CA ALA A 1963 8.91 34.09 24.26
C ALA A 1963 8.12 33.87 25.54
N ALA A 1964 8.62 33.01 26.42
CA ALA A 1964 7.94 32.83 27.71
C ALA A 1964 7.94 34.11 28.55
N ARG A 1965 9.07 34.79 28.62
CA ARG A 1965 9.14 36.05 29.35
C ARG A 1965 8.21 37.08 28.75
N ILE A 1966 8.18 37.16 27.41
CA ILE A 1966 7.31 38.12 26.75
C ILE A 1966 5.85 37.82 27.09
N LEU A 1967 5.51 36.54 27.18
CA LEU A 1967 4.17 36.17 27.60
C LEU A 1967 3.88 36.64 29.02
N LEU A 1968 4.86 36.52 29.92
CA LEU A 1968 4.65 37.08 31.27
C LEU A 1968 4.39 38.57 31.20
N LYS A 1969 5.13 39.30 30.36
CA LYS A 1969 4.92 40.74 30.26
C LYS A 1969 3.52 41.06 29.76
N VAL A 1970 3.03 40.30 28.77
CA VAL A 1970 1.69 40.58 28.26
C VAL A 1970 0.63 40.27 29.31
N ILE A 1971 0.80 39.18 30.06
CA ILE A 1971 -0.15 38.89 31.13
C ILE A 1971 -0.15 40.01 32.16
N GLU A 1972 1.03 40.50 32.53
CA GLU A 1972 1.07 41.54 33.55
C GLU A 1972 0.57 42.87 33.04
N LYS A 1973 0.67 43.12 31.74
CA LYS A 1973 -0.06 44.25 31.16
C LYS A 1973 -1.56 44.05 31.34
N CYS A 1974 -2.03 42.81 31.19
CA CYS A 1974 -3.40 42.54 31.58
C CYS A 1974 -3.59 42.52 33.09
N GLY A 1975 -2.51 42.60 33.87
CA GLY A 1975 -2.61 42.88 35.28
C GLY A 1975 -2.85 41.68 36.18
N VAL A 1976 -3.00 40.48 35.62
CA VAL A 1976 -3.23 39.31 36.47
C VAL A 1976 -1.92 38.92 37.13
N LYS A 1977 -1.95 38.83 38.46
CA LYS A 1977 -0.80 38.40 39.23
C LYS A 1977 -1.15 37.05 39.85
N ASP A 1978 -0.52 35.99 39.33
CA ASP A 1978 -0.59 34.63 39.82
C ASP A 1978 -1.98 34.00 39.62
N GLY A 1979 -2.88 34.67 38.92
CA GLY A 1979 -4.07 33.99 38.44
C GLY A 1979 -5.41 34.44 38.96
N ASN A 1980 -5.55 35.71 39.31
CA ASN A 1980 -6.74 36.13 40.03
C ASN A 1980 -7.02 37.63 39.92
N ILE A 1981 -8.05 37.96 39.14
CA ILE A 1981 -8.69 39.28 39.18
C ILE A 1981 -10.01 39.16 38.41
N PRO A 1982 -11.10 39.73 38.91
CA PRO A 1982 -12.37 39.63 38.17
C PRO A 1982 -12.44 40.47 36.89
N PRO A 1983 -12.11 41.77 36.88
CA PRO A 1983 -12.34 42.50 35.63
C PRO A 1983 -11.13 42.52 34.73
N SER A 1984 -11.38 42.81 33.47
CA SER A 1984 -10.17 42.95 32.68
C SER A 1984 -9.86 44.42 32.43
N PRO A 1985 -8.59 44.81 32.35
CA PRO A 1985 -8.26 46.19 31.97
C PRO A 1985 -8.79 46.50 30.58
N SER A 1986 -9.48 47.64 30.45
CA SER A 1986 -10.26 47.97 29.27
C SER A 1986 -11.21 46.84 28.92
N ASP A 1987 -12.08 46.52 29.87
CA ASP A 1987 -12.94 45.33 29.76
C ASP A 1987 -13.89 45.44 28.59
N LYS A 1988 -14.18 44.30 27.98
CA LYS A 1988 -15.20 44.21 26.94
C LYS A 1988 -16.43 43.49 27.49
N GLN A 1989 -17.45 43.40 26.66
CA GLN A 1989 -18.67 42.73 27.06
C GLN A 1989 -18.57 41.24 26.70
N SER A 1990 -19.04 40.39 27.61
CA SER A 1990 -18.87 38.96 27.46
C SER A 1990 -20.21 38.31 27.12
N PRO A 1991 -20.44 37.92 25.85
CA PRO A 1991 -21.74 37.38 25.42
C PRO A 1991 -22.09 36.05 26.07
N ALA A 1997 -26.40 32.67 26.49
CA ALA A 1997 -27.05 33.14 27.70
C ALA A 1997 -26.92 32.13 28.83
N LYS A 1998 -26.93 30.85 28.48
CA LYS A 1998 -26.85 29.80 29.48
C LYS A 1998 -25.43 29.71 30.03
N MET A 1999 -25.33 29.30 31.29
CA MET A 1999 -24.05 29.29 31.98
C MET A 1999 -23.11 28.23 31.42
N ASP A 2000 -23.67 27.07 31.05
CA ASP A 2000 -22.84 26.02 30.48
C ASP A 2000 -22.23 26.45 29.16
N ASP A 2001 -23.01 27.15 28.32
CA ASP A 2001 -22.48 27.65 27.07
C ASP A 2001 -21.38 28.67 27.32
N VAL A 2002 -21.48 29.43 28.41
CA VAL A 2002 -20.44 30.37 28.75
C VAL A 2002 -19.17 29.65 29.18
N LYS A 2003 -19.30 28.57 29.95
CA LYS A 2003 -18.12 27.78 30.30
C LYS A 2003 -17.47 27.22 29.04
N TRP A 2004 -18.28 26.72 28.11
CA TRP A 2004 -17.75 26.17 26.86
C TRP A 2004 -17.04 27.24 26.06
N GLN A 2005 -17.60 28.46 26.05
CA GLN A 2005 -16.95 29.58 25.39
C GLN A 2005 -15.59 29.85 26.00
N LEU A 2006 -15.50 29.84 27.32
CA LEU A 2006 -14.22 30.05 27.97
C LEU A 2006 -13.22 28.99 27.56
N ARG A 2007 -13.69 27.75 27.45
CA ARG A 2007 -12.82 26.64 27.06
C ARG A 2007 -12.24 26.86 25.66
N GLU A 2008 -13.10 27.15 24.69
CA GLU A 2008 -12.64 27.42 23.34
C GLU A 2008 -11.68 28.60 23.31
N GLN A 2009 -11.95 29.61 24.14
CA GLN A 2009 -11.03 30.74 24.22
C GLN A 2009 -9.67 30.30 24.74
N THR A 2010 -9.65 29.37 25.69
CA THR A 2010 -8.36 28.89 26.18
C THR A 2010 -7.56 28.24 25.06
N HIS A 2011 -8.23 27.44 24.25
CA HIS A 2011 -7.52 26.82 23.13
C HIS A 2011 -6.97 27.89 22.19
N LEU A 2012 -7.75 28.93 21.97
CA LEU A 2012 -7.27 30.01 21.10
C LEU A 2012 -6.03 30.68 21.67
N LEU A 2013 -6.00 30.89 22.98
CA LEU A 2013 -4.81 31.46 23.60
C LEU A 2013 -3.60 30.56 23.38
N ARG A 2014 -3.79 29.25 23.55
CA ARG A 2014 -2.66 28.34 23.37
C ARG A 2014 -2.10 28.42 21.96
N LYS A 2015 -2.99 28.43 20.97
CA LYS A 2015 -2.56 28.54 19.58
C LYS A 2015 -1.77 29.81 19.35
N LEU A 2016 -2.25 30.92 19.90
CA LEU A 2016 -1.54 32.18 19.75
C LEU A 2016 -0.16 32.14 20.39
N VAL A 2017 -0.04 31.48 21.54
CA VAL A 2017 1.26 31.37 22.20
C VAL A 2017 2.24 30.63 21.29
N LYS A 2018 1.78 29.53 20.69
CA LYS A 2018 2.67 28.78 19.79
C LYS A 2018 3.11 29.64 18.62
N GLU A 2019 2.20 30.43 18.08
CA GLU A 2019 2.55 31.29 16.96
C GLU A 2019 3.58 32.34 17.38
N LEU A 2020 3.44 32.89 18.59
CA LEU A 2020 4.44 33.81 19.12
C LEU A 2020 5.82 33.16 19.18
N VAL A 2021 5.88 31.93 19.67
CA VAL A 2021 7.16 31.24 19.81
C VAL A 2021 7.83 31.10 18.46
N ALA A 2022 7.06 30.70 17.45
CA ALA A 2022 7.64 30.57 16.11
C ALA A 2022 8.17 31.91 15.60
N ARG A 2023 7.43 32.99 15.85
CA ARG A 2023 7.88 34.30 15.36
C ARG A 2023 9.20 34.70 16.00
N VAL A 2024 9.32 34.53 17.32
CA VAL A 2024 10.54 34.99 17.99
C VAL A 2024 11.74 34.16 17.54
N ARG A 2025 11.54 32.86 17.32
CA ARG A 2025 12.64 32.04 16.83
C ARG A 2025 13.12 32.50 15.46
N SER A 2026 12.19 32.75 14.53
CA SER A 2026 12.62 33.19 13.20
C SER A 2026 13.38 34.51 13.28
N LEU A 2027 12.91 35.44 14.11
CA LEU A 2027 13.62 36.71 14.25
C LEU A 2027 15.03 36.50 14.77
N ARG A 2028 15.18 35.63 15.76
CA ARG A 2028 16.50 35.31 16.29
C ARG A 2028 17.42 34.81 15.19
N PHE A 2029 16.91 33.89 14.38
CA PHE A 2029 17.74 33.32 13.32
C PHE A 2029 18.20 34.40 12.35
N PHE A 2030 17.31 35.31 11.99
CA PHE A 2030 17.70 36.33 11.00
C PHE A 2030 18.75 37.27 11.55
N GLU A 2031 18.53 37.78 12.76
CA GLU A 2031 19.52 38.71 13.30
C GLU A 2031 20.87 38.02 13.44
N VAL A 2032 20.89 36.73 13.79
CA VAL A 2032 22.16 36.04 13.94
C VAL A 2032 22.86 35.88 12.59
N VAL A 2033 22.12 35.49 11.54
CA VAL A 2033 22.79 35.26 10.26
C VAL A 2033 23.30 36.56 9.66
N ARG A 2034 22.54 37.66 9.84
CA ARG A 2034 23.05 38.96 9.40
C ARG A 2034 24.31 39.34 10.18
N LYS A 2035 24.32 39.08 11.48
CA LYS A 2035 25.51 39.33 12.29
C LYS A 2035 26.71 38.62 11.71
N ILE A 2036 26.55 37.32 11.41
CA ILE A 2036 27.66 36.53 10.90
C ILE A 2036 28.16 37.09 9.58
N GLN A 2037 27.23 37.38 8.66
CA GLN A 2037 27.61 37.86 7.34
C GLN A 2037 28.26 39.24 7.38
N LYS A 2038 28.05 40.01 8.45
CA LYS A 2038 28.69 41.33 8.53
C LYS A 2038 30.21 41.22 8.53
N GLY A 2039 30.76 40.27 9.28
CA GLY A 2039 32.18 39.97 9.21
C GLY A 2039 33.08 40.78 10.13
N LYS A 2040 32.54 41.51 11.08
CA LYS A 2040 33.35 42.39 11.92
C LYS A 2040 33.68 41.71 13.24
N SER A 2041 34.27 42.47 14.17
CA SER A 2041 34.52 41.93 15.50
C SER A 2041 33.24 41.86 16.31
N ASP A 2042 32.33 42.82 16.09
CA ASP A 2042 30.97 42.69 16.59
C ASP A 2042 30.35 41.38 16.12
N ALA A 2043 30.62 40.99 14.87
CA ALA A 2043 30.17 39.70 14.37
C ALA A 2043 30.81 38.57 15.14
N GLN A 2044 32.14 38.55 15.24
CA GLN A 2044 32.81 37.40 15.83
C GLN A 2044 32.54 37.26 17.33
N ILE A 2045 31.99 38.30 17.98
CA ILE A 2045 31.63 38.16 19.38
C ILE A 2045 30.61 37.05 19.57
N VAL A 2046 29.59 36.99 18.71
CA VAL A 2046 28.58 35.95 18.88
C VAL A 2046 29.18 34.57 18.67
N LEU A 2047 30.20 34.47 17.82
CA LEU A 2047 30.96 33.22 17.73
C LEU A 2047 31.65 32.92 19.04
N GLU A 2048 32.23 33.94 19.66
CA GLU A 2048 32.89 33.75 20.95
C GLU A 2048 31.91 33.29 22.02
N SER A 2049 30.64 33.62 21.90
CA SER A 2049 29.62 33.16 22.84
C SER A 2049 28.87 32.00 22.22
N SER A 2050 29.33 30.78 22.48
CA SER A 2050 28.72 29.56 21.97
C SER A 2050 28.36 28.65 23.14
N GLU A 2051 27.20 28.02 23.06
CA GLU A 2051 26.78 27.13 24.13
C GLU A 2051 27.60 25.85 24.18
N CYS A 2052 28.36 25.58 23.11
CA CYS A 2052 29.29 24.46 23.10
C CYS A 2052 30.39 24.61 24.14
N GLY A 2053 31.08 25.74 24.14
CA GLY A 2053 32.32 25.90 24.84
C GLY A 2053 33.54 25.83 23.95
N HIS A 2054 33.38 25.21 22.79
CA HIS A 2054 34.47 25.21 21.79
C HIS A 2054 34.41 26.58 21.11
N LYS A 2055 35.09 27.60 21.70
CA LYS A 2055 35.15 28.95 21.16
C LYS A 2055 36.03 28.98 19.92
N PRO A 2056 35.90 29.99 19.07
CA PRO A 2056 36.82 30.10 17.94
C PRO A 2056 38.17 30.63 18.37
N SER A 2057 38.21 31.39 19.47
CA SER A 2057 39.43 32.04 19.94
C SER A 2057 40.27 31.05 20.74
N THR A 2058 40.49 29.90 20.12
CA THR A 2058 41.36 28.86 20.67
C THR A 2058 42.38 28.51 19.60
N ASN A 2059 43.48 27.92 20.04
CA ASN A 2059 44.54 27.53 19.12
C ASN A 2059 44.05 26.64 17.98
N PRO A 2060 43.19 25.62 18.19
CA PRO A 2060 42.50 25.04 17.05
C PRO A 2060 41.27 25.85 16.69
N ASP A 2061 41.18 26.23 15.43
CA ASP A 2061 40.05 27.00 14.92
C ASP A 2061 39.41 26.21 13.78
N ILE A 2062 38.48 25.35 14.12
CA ILE A 2062 38.04 24.32 13.19
C ILE A 2062 36.81 24.75 12.40
N GLU A 2063 35.68 24.94 13.07
CA GLU A 2063 34.42 25.13 12.36
C GLU A 2063 33.32 25.46 13.37
N MET A 2064 32.38 26.29 12.92
CA MET A 2064 31.21 26.65 13.71
C MET A 2064 30.00 26.53 12.82
N ALA A 2065 28.83 26.34 13.43
CA ALA A 2065 27.62 26.20 12.64
C ALA A 2065 26.43 26.62 13.49
N ILE A 2066 25.41 27.15 12.82
CA ILE A 2066 24.24 27.67 13.48
C ILE A 2066 23.04 26.84 13.06
N LEU A 2067 22.14 26.59 14.00
CA LEU A 2067 20.94 25.83 13.65
C LEU A 2067 20.02 26.70 12.81
N SER A 2068 18.82 26.20 12.57
CA SER A 2068 17.80 26.99 11.90
C SER A 2068 16.48 27.00 12.65
N CYS A 2069 16.11 25.90 13.31
CA CYS A 2069 14.86 25.89 14.07
C CYS A 2069 14.91 26.89 15.21
N CYS A 2070 15.95 26.79 16.04
CA CYS A 2070 16.31 27.85 16.95
C CYS A 2070 17.33 28.73 16.24
N GLY A 2071 18.04 29.55 16.98
CA GLY A 2071 19.05 30.36 16.35
C GLY A 2071 20.46 30.14 16.86
N HIS A 2072 20.61 29.30 17.88
CA HIS A 2072 21.87 29.23 18.61
C HIS A 2072 23.00 28.71 17.71
N VAL A 2073 24.21 28.77 18.25
CA VAL A 2073 25.43 28.52 17.49
C VAL A 2073 26.39 27.69 18.36
N ALA A 2074 27.09 26.75 17.73
CA ALA A 2074 27.93 25.83 18.50
C ALA A 2074 28.97 25.17 17.61
N CYS A 2075 29.97 24.59 18.27
CA CYS A 2075 30.88 23.61 17.71
C CYS A 2075 30.18 22.62 16.79
N HIS A 2076 30.63 22.54 15.52
CA HIS A 2076 29.93 21.73 14.54
C HIS A 2076 30.00 20.25 14.86
N LYS A 2077 31.21 19.73 15.13
CA LYS A 2077 31.36 18.34 15.56
C LYS A 2077 30.54 18.09 16.80
N CYS A 2078 30.47 19.09 17.68
CA CYS A 2078 29.70 18.97 18.88
C CYS A 2078 28.27 19.42 18.68
N MET A 2079 27.94 19.91 17.49
CA MET A 2079 26.56 20.12 17.08
C MET A 2079 25.92 18.85 16.55
N ARG A 2080 26.71 18.00 15.87
CA ARG A 2080 26.15 16.80 15.28
C ARG A 2080 25.58 15.85 16.33
N LYS A 2081 26.27 15.71 17.45
CA LYS A 2081 25.76 14.85 18.53
C LYS A 2081 24.41 15.35 19.02
N ALA A 2082 24.33 16.64 19.31
CA ALA A 2082 23.09 17.21 19.80
C ALA A 2082 21.98 17.04 18.78
N ALA A 2083 22.30 17.18 17.49
CA ALA A 2083 21.30 16.97 16.46
C ALA A 2083 20.83 15.53 16.44
N ALA A 2084 21.76 14.59 16.47
CA ALA A 2084 21.40 13.18 16.37
C ALA A 2084 20.70 12.66 17.62
N SER A 2085 20.68 13.45 18.70
CA SER A 2085 19.83 13.09 19.83
C SER A 2085 18.66 14.03 20.04
N GLN A 2086 18.31 14.83 19.04
CA GLN A 2086 17.11 15.68 19.05
C GLN A 2086 17.08 16.64 20.23
N ARG A 2087 18.23 17.21 20.56
CA ARG A 2087 18.29 18.20 21.63
C ARG A 2087 19.04 19.43 21.16
N CYS A 2088 18.49 20.60 21.47
CA CYS A 2088 19.19 21.84 21.21
C CYS A 2088 20.43 21.90 22.06
N VAL A 2089 21.41 22.70 21.62
CA VAL A 2089 22.71 22.68 22.26
C VAL A 2089 22.60 23.07 23.72
N LYS A 2090 21.72 24.01 24.04
CA LYS A 2090 21.40 24.33 25.42
C LYS A 2090 19.93 24.03 25.61
N SER A 2091 19.62 22.75 25.88
CA SER A 2091 18.23 22.37 25.98
C SER A 2091 17.59 22.83 27.29
N GLY A 2092 18.41 23.21 28.27
CA GLY A 2092 17.86 23.91 29.42
C GLY A 2092 17.30 25.26 29.06
N GLU A 2093 17.67 25.78 27.88
CA GLU A 2093 17.23 27.08 27.39
C GLU A 2093 16.03 26.94 26.45
N CYS A 2094 16.20 26.20 25.37
CA CYS A 2094 15.19 26.05 24.33
C CYS A 2094 14.77 24.59 24.23
N GLN A 2095 13.57 24.38 23.68
CA GLN A 2095 13.04 23.05 23.39
C GLN A 2095 12.78 22.98 21.89
N ALA A 2096 13.81 22.58 21.15
CA ALA A 2096 13.94 23.00 19.77
C ALA A 2096 13.28 22.11 18.75
N ALA A 2097 13.18 20.80 19.00
CA ALA A 2097 12.77 19.82 17.99
C ALA A 2097 13.72 19.86 16.79
N VAL A 2098 14.96 19.54 17.07
CA VAL A 2098 16.03 19.65 16.09
C VAL A 2098 16.18 18.33 15.34
N ARG A 2099 16.68 18.41 14.11
CA ARG A 2099 16.94 17.27 13.24
C ARG A 2099 18.21 17.56 12.48
N PRO A 2100 18.93 16.52 12.04
CA PRO A 2100 20.24 16.76 11.42
C PRO A 2100 20.20 17.60 10.16
N THR A 2101 19.04 17.79 9.54
CA THR A 2101 18.97 18.66 8.38
C THR A 2101 18.99 20.13 8.76
N ASN A 2102 18.87 20.46 10.04
CA ASN A 2102 18.76 21.85 10.43
C ASN A 2102 20.12 22.54 10.45
N ILE A 2103 21.19 21.80 10.73
CA ILE A 2103 22.50 22.42 10.90
C ILE A 2103 22.92 23.17 9.65
N VAL A 2104 23.47 24.37 9.83
CA VAL A 2104 23.97 25.17 8.73
C VAL A 2104 25.38 25.65 9.09
N LYS A 2105 26.35 25.26 8.28
CA LYS A 2105 27.74 25.64 8.51
C LYS A 2105 27.96 27.09 8.14
N VAL A 2106 28.79 27.77 8.93
CA VAL A 2106 29.02 29.21 8.73
C VAL A 2106 29.65 29.47 7.38
N SER A 2107 30.44 28.55 6.87
CA SER A 2107 31.10 28.77 5.60
C SER A 2107 30.16 28.72 4.41
N SER A 2108 28.95 28.20 4.58
CA SER A 2108 28.00 28.18 3.46
C SER A 2108 27.41 29.55 3.20
N LEU A 2109 27.14 30.32 4.26
CA LEU A 2109 26.45 31.60 4.11
C LEU A 2109 27.29 32.60 3.32
N GLY A 2110 28.57 32.69 3.62
CA GLY A 2110 29.42 33.68 2.99
C GLY A 2110 29.60 34.89 3.87
N VAL A 2111 30.29 35.89 3.31
CA VAL A 2111 30.54 37.14 4.02
C VAL A 2111 30.06 38.29 3.14
N GLU A 2112 29.91 39.45 3.77
CA GLU A 2112 29.38 40.61 3.07
C GLU A 2112 30.36 41.07 1.99
N GLY A 2113 29.81 41.42 0.83
CA GLY A 2113 30.61 41.97 -0.25
C GLY A 2113 31.38 40.96 -1.06
N GLU A 2114 30.99 39.68 -1.03
CA GLU A 2114 31.65 38.69 -1.86
C GLU A 2114 31.35 38.92 -3.34
N LEU A 2115 30.07 39.10 -3.67
CA LEU A 2115 29.62 39.27 -5.04
C LEU A 2115 28.82 40.55 -5.13
N SER A 2116 29.26 41.49 -5.98
CA SER A 2116 28.66 42.80 -6.04
C SER A 2116 27.24 42.74 -6.60
N SER A 2117 26.36 43.59 -6.07
CA SER A 2117 25.00 43.71 -6.54
C SER A 2117 24.63 45.18 -6.62
N GLY A 2118 24.20 45.63 -7.79
CA GLY A 2118 23.74 46.99 -7.93
C GLY A 2118 22.26 47.12 -8.27
N ARG A 2119 21.45 47.52 -7.29
CA ARG A 2119 20.06 47.94 -7.45
C ARG A 2119 19.14 46.85 -7.98
N TYR A 2120 19.62 45.61 -8.13
CA TYR A 2120 18.78 44.61 -8.78
C TYR A 2120 19.13 43.23 -8.26
N GLY A 2121 18.23 42.29 -8.56
CA GLY A 2121 18.47 40.91 -8.17
C GLY A 2121 19.59 40.29 -8.97
N ALA A 2122 20.21 39.27 -8.38
CA ALA A 2122 21.35 38.63 -9.01
C ALA A 2122 20.95 37.99 -10.33
N LYS A 2123 19.78 37.34 -10.37
CA LYS A 2123 19.34 36.70 -11.59
C LYS A 2123 19.11 37.72 -12.69
N LEU A 2124 18.55 38.87 -12.33
CA LEU A 2124 18.34 39.94 -13.30
C LEU A 2124 19.67 40.43 -13.86
N GLU A 2125 20.65 40.63 -12.96
CA GLU A 2125 21.97 41.06 -13.39
C GLU A 2125 22.59 40.05 -14.34
N HIS A 2126 22.47 38.76 -14.04
CA HIS A 2126 23.08 37.76 -14.89
C HIS A 2126 22.36 37.66 -16.23
N LEU A 2127 21.05 37.88 -16.25
CA LEU A 2127 20.35 37.94 -17.53
C LEU A 2127 20.87 39.10 -18.37
N VAL A 2128 21.10 40.25 -17.73
CA VAL A 2128 21.67 41.39 -18.45
C VAL A 2128 23.02 41.01 -19.04
N ASN A 2129 23.88 40.36 -18.24
CA ASN A 2129 25.18 39.97 -18.73
C ASN A 2129 25.07 39.01 -19.91
N LEU A 2130 24.14 38.07 -19.84
CA LEU A 2130 23.95 37.12 -20.93
C LEU A 2130 23.58 37.83 -22.22
N ILE A 2131 22.61 38.73 -22.15
CA ILE A 2131 22.16 39.39 -23.37
C ILE A 2131 23.25 40.28 -23.93
N HIS A 2132 24.03 40.90 -23.06
CA HIS A 2132 25.19 41.65 -23.55
C HIS A 2132 26.22 40.73 -24.20
N SER A 2133 26.32 39.50 -23.70
CA SER A 2133 27.38 38.61 -24.14
C SER A 2133 27.09 38.02 -25.51
N ILE A 2134 25.83 37.71 -25.81
CA ILE A 2134 25.57 37.05 -27.10
C ILE A 2134 25.66 38.07 -28.23
N PRO A 2135 25.97 37.66 -29.46
CA PRO A 2135 26.21 38.63 -30.54
C PRO A 2135 24.96 39.42 -30.89
N LYS A 2136 25.18 40.53 -31.60
CA LYS A 2136 24.15 41.55 -31.75
C LYS A 2136 23.11 41.17 -32.80
N ASN A 2137 23.50 40.42 -33.83
CA ASN A 2137 22.54 40.04 -34.85
C ASN A 2137 21.46 39.13 -34.28
N GLU A 2138 21.86 38.18 -33.44
CA GLU A 2138 20.92 37.18 -32.93
C GLU A 2138 19.89 37.84 -32.03
N ARG A 2139 18.65 37.41 -32.17
CA ARG A 2139 17.55 37.96 -31.39
C ARG A 2139 17.17 37.01 -30.28
N VAL A 2140 16.54 37.55 -29.25
CA VAL A 2140 16.37 36.86 -27.98
C VAL A 2140 14.88 36.70 -27.71
N LEU A 2141 14.54 35.74 -26.88
CA LEU A 2141 13.18 35.59 -26.38
C LEU A 2141 13.25 35.16 -24.92
N VAL A 2142 12.58 35.90 -24.04
CA VAL A 2142 12.66 35.68 -22.60
C VAL A 2142 11.32 35.18 -22.09
N PHE A 2143 11.35 34.08 -21.35
CA PHE A 2143 10.18 33.46 -20.77
C PHE A 2143 10.13 33.79 -19.28
N LEU A 2144 8.99 34.28 -18.81
CA LEU A 2144 8.77 34.45 -17.39
C LEU A 2144 7.64 33.57 -16.91
N GLN A 2145 7.42 33.60 -15.61
CA GLN A 2145 6.32 32.89 -14.96
C GLN A 2145 5.43 33.83 -14.16
N TRP A 2146 5.99 34.88 -13.58
CA TRP A 2146 5.25 35.78 -12.68
C TRP A 2146 5.21 37.18 -13.27
N GLU A 2147 4.02 37.77 -13.33
CA GLU A 2147 3.87 39.07 -13.97
C GLU A 2147 4.53 40.17 -13.15
N ASP A 2148 4.49 40.03 -11.82
CA ASP A 2148 5.25 40.90 -10.95
C ASP A 2148 6.71 40.94 -11.39
N LEU A 2149 7.26 39.76 -11.62
CA LEU A 2149 8.63 39.66 -12.08
C LEU A 2149 8.77 40.20 -13.49
N ALA A 2150 7.74 40.11 -14.32
CA ALA A 2150 7.82 40.72 -15.64
C ALA A 2150 8.04 42.21 -15.51
N GLY A 2151 7.34 42.85 -14.57
CA GLY A 2151 7.56 44.26 -14.32
C GLY A 2151 8.98 44.55 -13.84
N LYS A 2152 9.45 43.76 -12.88
CA LYS A 2152 10.79 44.02 -12.34
C LYS A 2152 11.89 43.81 -13.39
N VAL A 2153 11.76 42.77 -14.22
CA VAL A 2153 12.78 42.51 -15.25
C VAL A 2153 12.67 43.51 -16.39
N SER A 2154 11.47 44.03 -16.67
CA SER A 2154 11.37 45.12 -17.63
C SER A 2154 12.11 46.34 -17.11
N GLU A 2155 11.97 46.62 -15.80
CA GLU A 2155 12.76 47.68 -15.18
C GLU A 2155 14.25 47.40 -15.35
N ALA A 2156 14.68 46.16 -15.10
CA ALA A 2156 16.10 45.83 -15.15
C ALA A 2156 16.67 45.99 -16.54
N LEU A 2157 15.97 45.48 -17.55
CA LEU A 2157 16.44 45.59 -18.93
C LEU A 2157 16.39 47.04 -19.41
N SER A 2158 15.43 47.82 -18.91
CA SER A 2158 15.43 49.25 -19.19
C SER A 2158 16.67 49.91 -18.59
N ALA A 2159 17.03 49.53 -17.37
CA ALA A 2159 18.25 50.05 -16.76
C ALA A 2159 19.49 49.57 -17.52
N GLY A 2160 19.38 48.47 -18.24
CA GLY A 2160 20.43 48.07 -19.13
C GLY A 2160 20.46 48.94 -20.38
N ARG A 2161 21.30 48.53 -21.33
CA ARG A 2161 21.43 49.30 -22.56
C ARG A 2161 20.45 48.87 -23.64
N ILE A 2162 20.07 47.60 -23.67
CA ILE A 2162 19.24 47.14 -24.79
C ILE A 2162 17.82 47.63 -24.60
N PRO A 2163 17.06 47.81 -25.67
CA PRO A 2163 15.61 47.94 -25.52
C PRO A 2163 14.97 46.59 -25.28
N HIS A 2164 13.64 46.59 -25.29
CA HIS A 2164 12.86 45.39 -25.13
C HIS A 2164 11.44 45.68 -25.55
N VAL A 2165 10.65 44.62 -25.72
CA VAL A 2165 9.23 44.74 -26.07
C VAL A 2165 8.44 43.77 -25.21
N THR A 2166 7.43 44.27 -24.52
CA THR A 2166 6.46 43.43 -23.84
C THR A 2166 5.31 43.14 -24.79
N LEU A 2167 4.63 42.01 -24.57
CA LEU A 2167 3.53 41.65 -25.45
C LEU A 2167 2.24 42.27 -24.95
N ALA A 2171 -4.44 42.87 -25.31
CA ALA A 2171 -5.27 41.69 -25.55
C ALA A 2171 -5.25 41.30 -27.01
N LYS A 2172 -5.72 42.21 -27.87
CA LYS A 2172 -5.75 41.99 -29.31
C LYS A 2172 -4.63 42.72 -30.05
N SER A 2173 -3.92 43.63 -29.38
CA SER A 2173 -2.71 44.21 -29.92
C SER A 2173 -1.48 43.34 -29.67
N ARG A 2174 -1.65 42.20 -29.01
CA ARG A 2174 -0.53 41.28 -28.82
C ARG A 2174 -0.03 40.74 -30.15
N ALA A 2175 -0.96 40.41 -31.06
CA ALA A 2175 -0.56 40.04 -32.42
C ALA A 2175 0.13 41.19 -33.12
N ASN A 2176 -0.28 42.43 -32.84
CA ASN A 2176 0.40 43.58 -33.42
C ASN A 2176 1.83 43.72 -32.90
N THR A 2177 2.03 43.44 -31.61
CA THR A 2177 3.38 43.42 -31.06
C THR A 2177 4.22 42.32 -31.70
N LEU A 2178 3.60 41.16 -31.96
CA LEU A 2178 4.29 40.11 -32.70
C LEU A 2178 4.67 40.59 -34.10
N ASP A 2179 3.77 41.33 -34.75
CA ASP A 2179 4.09 41.93 -36.05
C ASP A 2179 5.29 42.86 -35.93
N ARG A 2180 5.31 43.67 -34.87
CA ARG A 2180 6.44 44.53 -34.58
C ARG A 2180 7.72 43.73 -34.44
N PHE A 2181 7.63 42.55 -33.83
CA PHE A 2181 8.80 41.73 -33.61
C PHE A 2181 9.23 41.03 -34.90
N GLN A 2182 8.31 40.86 -35.83
CA GLN A 2182 8.55 40.22 -37.13
C GLN A 2182 9.22 38.85 -37.00
N SER A 2188 13.85 47.18 -34.94
CA SER A 2188 13.07 47.25 -33.70
C SER A 2188 13.98 47.03 -32.50
N ALA A 2189 13.50 46.24 -31.55
CA ALA A 2189 14.22 45.95 -30.32
C ALA A 2189 14.75 44.52 -30.36
N ARG A 2190 15.72 44.22 -29.50
CA ARG A 2190 16.34 42.91 -29.48
C ARG A 2190 15.40 41.85 -28.91
N VAL A 2191 14.99 42.05 -27.66
CA VAL A 2191 14.38 40.99 -26.85
C VAL A 2191 12.90 41.28 -26.61
N LEU A 2192 12.07 40.25 -26.76
CA LEU A 2192 10.64 40.32 -26.50
C LEU A 2192 10.32 39.35 -25.38
N LEU A 2193 10.18 39.87 -24.16
CA LEU A 2193 9.92 39.01 -23.01
C LEU A 2193 8.43 38.76 -22.85
N LEU A 2194 8.09 37.51 -22.51
CA LEU A 2194 6.69 37.12 -22.46
C LEU A 2194 6.52 35.98 -21.46
N LYS A 2195 5.29 35.81 -20.98
CA LYS A 2195 4.96 34.81 -19.99
C LYS A 2195 4.96 33.40 -20.60
N MET A 2196 5.39 32.42 -19.79
CA MET A 2196 5.66 31.08 -20.29
C MET A 2196 4.41 30.42 -20.86
N ASN A 2197 3.41 30.22 -20.03
CA ASN A 2197 2.26 29.39 -20.38
C ASN A 2197 0.94 30.14 -20.51
N SER A 2204 1.98 33.61 -36.91
CA SER A 2204 1.69 33.42 -35.50
C SER A 2204 2.86 32.75 -34.80
N ASN A 2205 3.78 32.20 -35.57
CA ASN A 2205 4.99 31.60 -35.03
C ASN A 2205 6.16 32.50 -35.34
N LEU A 2206 6.89 32.89 -34.31
CA LEU A 2206 8.06 33.73 -34.45
C LEU A 2206 9.28 32.86 -34.25
N THR A 2207 10.25 32.97 -35.15
CA THR A 2207 11.43 32.14 -35.07
C THR A 2207 12.72 32.93 -35.29
N THR A 2208 12.64 34.23 -35.58
CA THR A 2208 13.85 35.01 -35.77
C THR A 2208 14.70 35.02 -34.51
N ALA A 2209 14.07 35.19 -33.36
CA ALA A 2209 14.77 35.03 -32.10
C ALA A 2209 15.19 33.58 -31.93
N ASN A 2210 16.41 33.37 -31.45
CA ASN A 2210 16.95 32.04 -31.23
C ASN A 2210 17.72 31.96 -29.93
N HIS A 2211 17.15 32.51 -28.87
CA HIS A 2211 17.73 32.37 -27.54
C HIS A 2211 16.57 32.39 -26.56
N ALA A 2212 16.05 31.23 -26.20
CA ALA A 2212 14.85 31.14 -25.37
C ALA A 2212 15.28 31.10 -23.91
N VAL A 2213 15.63 32.26 -23.38
CA VAL A 2213 16.06 32.36 -21.99
C VAL A 2213 14.90 32.02 -21.08
N PHE A 2214 15.20 31.42 -19.94
CA PHE A 2214 14.22 31.07 -18.92
C PHE A 2214 14.58 31.79 -17.64
N LEU A 2215 13.61 31.96 -16.77
CA LEU A 2215 13.87 32.49 -15.43
C LEU A 2215 13.42 31.44 -14.43
N GLY A 2216 14.36 30.58 -14.05
CA GLY A 2216 14.06 29.50 -13.13
C GLY A 2216 13.21 28.44 -13.80
N PRO A 2217 12.78 27.44 -13.03
CA PRO A 2217 11.93 26.40 -13.58
C PRO A 2217 10.45 26.69 -13.40
N LEU A 2218 9.67 26.27 -14.38
CA LEU A 2218 8.24 26.09 -14.16
C LEU A 2218 8.00 25.14 -13.00
N PHE A 2219 6.99 25.42 -12.20
CA PHE A 2219 6.43 24.37 -11.36
C PHE A 2219 4.96 24.26 -11.70
N THR A 2220 4.46 23.05 -11.79
CA THR A 2220 3.04 22.79 -11.91
C THR A 2220 2.70 21.62 -11.01
N ASN A 2221 1.43 21.21 -11.04
CA ASN A 2221 0.97 20.16 -10.14
C ASN A 2221 1.13 18.76 -10.72
N SER A 2222 1.73 18.62 -11.90
CA SER A 2222 1.84 17.32 -12.54
C SER A 2222 2.99 17.30 -13.53
N LEU A 2223 3.69 16.16 -13.56
CA LEU A 2223 4.82 16.02 -14.46
C LEU A 2223 4.37 16.09 -15.91
N PHE A 2224 3.22 15.50 -16.22
CA PHE A 2224 2.66 15.59 -17.56
C PHE A 2224 2.55 17.04 -18.00
N ASN A 2225 1.91 17.86 -17.17
CA ASN A 2225 1.64 19.25 -17.55
C ASN A 2225 2.93 20.04 -17.63
N TYR A 2226 3.88 19.76 -16.73
CA TYR A 2226 5.21 20.36 -16.86
C TYR A 2226 5.81 20.06 -18.22
N ARG A 2227 5.73 18.79 -18.64
CA ARG A 2227 6.31 18.41 -19.92
C ARG A 2227 5.63 19.15 -21.06
N ALA A 2228 4.30 19.22 -21.02
CA ALA A 2228 3.56 19.86 -22.11
C ALA A 2228 3.90 21.33 -22.22
N VAL A 2229 3.90 22.04 -21.08
CA VAL A 2229 4.18 23.47 -21.11
C VAL A 2229 5.62 23.73 -21.54
N GLU A 2230 6.57 22.94 -21.03
CA GLU A 2230 7.95 23.19 -21.39
C GLU A 2230 8.21 22.92 -22.86
N THR A 2231 7.63 21.84 -23.40
CA THR A 2231 7.86 21.55 -24.82
C THR A 2231 7.11 22.52 -25.72
N GLN A 2232 5.97 23.05 -25.26
CA GLN A 2232 5.29 24.09 -26.03
C GLN A 2232 6.09 25.38 -26.03
N ALA A 2233 6.62 25.77 -24.88
CA ALA A 2233 7.44 26.96 -24.80
C ALA A 2233 8.65 26.84 -25.70
N ILE A 2234 9.29 25.67 -25.73
CA ILE A 2234 10.41 25.49 -26.64
C ILE A 2234 9.94 25.51 -28.08
N GLY A 2235 8.83 24.81 -28.38
CA GLY A 2235 8.32 24.74 -29.73
C GLY A 2235 7.85 26.05 -30.31
N ARG A 2236 7.70 27.08 -29.46
CA ARG A 2236 7.53 28.42 -30.00
C ARG A 2236 8.75 28.86 -30.81
N VAL A 2237 9.95 28.56 -30.33
CA VAL A 2237 11.17 29.08 -30.94
C VAL A 2237 11.93 28.04 -31.75
N ARG A 2238 11.89 26.77 -31.36
CA ARG A 2238 12.60 25.71 -32.07
C ARG A 2238 11.81 25.19 -33.27
N ARG A 2239 10.71 25.84 -33.61
CA ARG A 2239 9.75 25.23 -34.52
C ARG A 2239 10.35 25.00 -35.90
N TYR A 2240 10.89 26.04 -36.53
CA TYR A 2240 11.11 25.96 -37.96
C TYR A 2240 11.96 27.14 -38.42
N GLY A 2241 12.44 27.06 -39.66
CA GLY A 2241 13.05 28.19 -40.32
C GLY A 2241 14.27 28.74 -39.64
N GLN A 2242 15.12 27.88 -39.10
CA GLN A 2242 16.30 28.31 -38.37
C GLN A 2242 17.51 28.01 -39.25
N GLN A 2243 18.27 29.04 -39.61
CA GLN A 2243 19.57 28.80 -40.21
C GLN A 2243 20.70 28.93 -39.20
N LYS A 2244 20.39 29.22 -37.95
CA LYS A 2244 21.33 29.20 -36.85
C LYS A 2244 20.91 28.12 -35.86
N LYS A 2245 21.84 27.73 -35.01
CA LYS A 2245 21.55 26.72 -34.02
C LYS A 2245 20.85 27.37 -32.83
N VAL A 2246 19.66 26.90 -32.52
CA VAL A 2246 18.86 27.49 -31.46
C VAL A 2246 19.46 27.13 -30.11
N HIS A 2247 19.82 28.14 -29.34
CA HIS A 2247 20.21 27.93 -27.95
C HIS A 2247 18.97 28.06 -27.07
N ILE A 2248 18.92 27.29 -26.00
CA ILE A 2248 17.91 27.47 -24.97
C ILE A 2248 18.61 27.48 -23.62
N HIS A 2249 18.43 28.54 -22.86
CA HIS A 2249 19.17 28.75 -21.62
C HIS A 2249 18.25 28.54 -20.44
N ARG A 2250 18.86 28.34 -19.28
CA ARG A 2250 18.14 28.26 -18.02
C ARG A 2250 19.02 28.86 -16.95
N LEU A 2251 18.60 30.00 -16.41
CA LEU A 2251 19.33 30.60 -15.32
C LEU A 2251 18.92 29.93 -14.01
N LEU A 2252 19.90 29.47 -13.26
CA LEU A 2252 19.67 28.76 -12.01
C LEU A 2252 20.56 29.33 -10.92
N ALA A 2253 20.06 29.30 -9.69
CA ALA A 2253 20.82 29.71 -8.52
C ALA A 2253 21.11 28.48 -7.68
N LEU A 2254 22.37 28.32 -7.27
CA LEU A 2254 22.77 27.16 -6.50
C LEU A 2254 22.00 27.08 -5.17
N ASP A 2255 22.01 25.87 -4.60
CA ASP A 2255 21.40 25.47 -3.32
C ASP A 2255 20.09 26.19 -3.01
N THR A 2256 19.19 26.25 -4.02
CA THR A 2256 17.92 27.02 -3.91
C THR A 2256 16.75 26.19 -4.45
N ILE A 2257 15.51 26.47 -4.01
CA ILE A 2257 14.33 25.73 -4.43
C ILE A 2257 14.20 25.68 -5.93
N ASP A 2258 14.84 26.59 -6.68
CA ASP A 2258 14.85 26.39 -8.13
C ASP A 2258 15.64 25.14 -8.49
N MET A 2259 16.76 24.90 -7.80
CA MET A 2259 17.48 23.64 -7.99
C MET A 2259 16.60 22.46 -7.60
N THR A 2260 15.90 22.55 -6.47
CA THR A 2260 15.04 21.46 -6.06
C THR A 2260 14.02 21.11 -7.13
N ILE A 2261 13.28 22.11 -7.60
CA ILE A 2261 12.23 21.85 -8.58
C ILE A 2261 12.84 21.35 -9.88
N PHE A 2262 13.93 21.96 -10.34
CA PHE A 2262 14.49 21.55 -11.62
C PHE A 2262 15.00 20.12 -11.58
N ASN A 2263 15.79 19.78 -10.56
CA ASN A 2263 16.36 18.45 -10.51
C ASN A 2263 15.29 17.40 -10.26
N ALA A 2264 14.30 17.69 -9.42
CA ALA A 2264 13.22 16.74 -9.21
C ALA A 2264 12.46 16.51 -10.51
N ARG A 2265 12.22 17.56 -11.27
CA ARG A 2265 11.49 17.39 -12.52
C ARG A 2265 12.31 16.62 -13.54
N ARG A 2266 13.62 16.87 -13.62
CA ARG A 2266 14.44 16.11 -14.57
C ARG A 2266 14.46 14.63 -14.21
N THR A 2267 14.70 14.33 -12.93
CA THR A 2267 14.79 12.93 -12.50
C THR A 2267 13.46 12.21 -12.68
N GLU A 2268 12.35 12.86 -12.33
CA GLU A 2268 11.07 12.21 -12.56
C GLU A 2268 10.80 12.07 -14.06
N LEU A 2269 11.12 13.08 -14.84
CA LEU A 2269 10.69 13.10 -16.23
C LEU A 2269 11.46 12.11 -17.08
N LYS A 2270 12.73 11.87 -16.75
CA LYS A 2270 13.51 10.92 -17.54
C LYS A 2270 12.92 9.51 -17.49
N GLU A 2271 12.68 8.98 -16.29
CA GLU A 2271 12.02 7.69 -16.20
C GLU A 2271 10.58 7.73 -16.70
N LYS A 2272 9.80 8.74 -16.32
CA LYS A 2272 8.38 8.62 -16.62
C LYS A 2272 8.04 8.93 -18.06
N THR A 2273 8.93 9.52 -18.84
CA THR A 2273 8.56 9.71 -20.25
C THR A 2273 9.66 9.30 -21.22
N ASP A 2274 10.92 9.47 -20.82
CA ASP A 2274 12.07 9.24 -21.70
C ASP A 2274 11.93 10.01 -23.01
N TRP A 2275 11.88 11.34 -22.90
CA TRP A 2275 11.82 12.15 -24.10
C TRP A 2275 13.26 12.32 -24.59
N GLU A 2276 13.44 13.02 -25.70
CA GLU A 2276 14.81 13.12 -26.21
C GLU A 2276 15.58 14.19 -25.45
N GLU A 2277 16.58 13.74 -24.69
CA GLU A 2277 17.45 14.62 -23.93
C GLU A 2277 18.13 15.64 -24.82
N ILE A 2278 18.07 16.89 -24.41
CA ILE A 2278 18.58 18.01 -25.20
C ILE A 2278 20.09 18.11 -24.96
N PRO A 2279 20.91 18.14 -26.01
CA PRO A 2279 22.37 18.19 -25.80
C PRO A 2279 22.78 19.45 -25.07
N GLN A 2280 23.84 19.34 -24.30
CA GLN A 2280 24.27 20.42 -23.43
C GLN A 2280 25.75 20.69 -23.65
N GLU A 2281 26.13 21.97 -23.65
CA GLU A 2281 27.53 22.36 -23.76
C GLU A 2281 27.80 23.52 -22.82
N GLU A 2282 29.08 23.78 -22.62
CA GLU A 2282 29.50 24.93 -21.83
C GLU A 2282 29.58 26.17 -22.71
N TYR A 2283 29.22 27.30 -22.14
CA TYR A 2283 29.22 28.56 -22.87
C TYR A 2283 29.57 29.71 -21.94
N1 5CM B 30 -12.60 14.18 18.70
C2 5CM B 30 -13.76 13.29 18.92
N3 5CM B 30 -13.65 11.86 18.59
C4 5CM B 30 -12.42 11.33 18.07
C5 5CM B 30 -11.28 12.21 17.84
C5A 5CM B 30 -10.01 11.60 17.29
C6 5CM B 30 -11.37 13.65 18.17
O2 5CM B 30 -14.75 13.75 19.35
N4 5CM B 30 -12.28 9.94 17.73
C1' 5CM B 30 -12.76 15.54 19.03
C2' 5CM B 30 -11.78 15.97 19.79
C3' 5CM B 30 -12.09 17.45 19.79
C4' 5CM B 30 -12.59 17.69 18.33
O4' 5CM B 30 -12.58 16.54 17.77
O3' 5CM B 30 -13.12 17.64 20.61
C5' 5CM B 30 -11.65 18.61 17.57
O5' 5CM B 30 -10.33 18.25 17.77
P 5CM B 30 -9.33 19.03 16.73
OP1 5CM B 30 -9.88 20.39 16.43
OP2 5CM B 30 -7.94 19.15 17.28
ZN ZN D . 15.68 -1.03 3.05
ZN ZN E . -17.65 -24.54 -24.10
ZN ZN F . 27.32 -2.33 14.98
ZN ZN G . 31.64 20.98 20.77
ZN ZN H . 17.55 26.35 20.26
#